data_5CXK
#
_entry.id   5CXK
#
_cell.length_a   84.087
_cell.length_b   84.087
_cell.length_c   316.378
_cell.angle_alpha   90.000
_cell.angle_beta   90.000
_cell.angle_gamma   90.000
#
_symmetry.space_group_name_H-M   'P 41'
#
loop_
_entity.id
_entity.type
_entity.pdbx_description
1 polymer 'Carbonic anhydrase'
2 non-polymer 'ZINC ION'
3 non-polymer 'BICARBONATE ION'
4 water water
#
_entity_poly.entity_id   1
_entity_poly.type   'polypeptide(L)'
_entity_poly.pdbx_seq_one_letter_code
;MPEIKQLFENNSKWSASIKAETPEYFAKLAKGQNPDFLWIGCADSRVPAERLTGLYSGELFVHRNVANQVIHTDLNCLSV
VQYAVDVLQVKHIIVCGHYGCGGVTAAIDNPQLGLINNWLLHIRDYYLKHREYLDKMPAEDRSDKLAEINVAEQVYNLAN
STVLQNAWERGQAVEVHGFVYGIEDGRLEYLGVRCASRSAVEDNYHKALEKILNPNHRLLCR
;
_entity_poly.pdbx_strand_id   A,B,H,G,D,C,F,E
#
loop_
_chem_comp.id
_chem_comp.type
_chem_comp.name
_chem_comp.formula
BCT non-polymer 'BICARBONATE ION' 'C H O3 -1'
ZN non-polymer 'ZINC ION' 'Zn 2'
#
# COMPACT_ATOMS: atom_id res chain seq x y z
N MET A 1 5.19 10.28 -3.18
CA MET A 1 5.22 11.29 -2.09
C MET A 1 5.62 12.62 -2.72
N PRO A 2 5.28 13.75 -2.05
CA PRO A 2 5.63 15.06 -2.61
C PRO A 2 7.14 15.34 -2.60
N GLU A 3 7.87 14.75 -1.66
CA GLU A 3 9.32 14.91 -1.56
C GLU A 3 10.04 14.26 -2.74
N ILE A 4 9.52 13.11 -3.19
CA ILE A 4 9.99 12.46 -4.42
C ILE A 4 9.65 13.32 -5.64
N LYS A 5 8.48 13.95 -5.62
CA LYS A 5 8.16 15.02 -6.58
C LYS A 5 9.23 16.11 -6.53
N GLN A 6 9.52 16.59 -5.32
CA GLN A 6 10.51 17.65 -5.14
C GLN A 6 11.89 17.24 -5.69
N LEU A 7 12.32 15.99 -5.46
CA LEU A 7 13.62 15.54 -5.95
C LEU A 7 13.75 15.59 -7.48
N PHE A 8 12.76 15.05 -8.19
CA PHE A 8 12.65 15.16 -9.67
C PHE A 8 12.43 16.59 -10.17
N GLU A 9 11.87 17.45 -9.31
CA GLU A 9 11.81 18.89 -9.62
C GLU A 9 13.19 19.52 -9.61
N ASN A 10 13.97 19.18 -8.60
CA ASN A 10 15.34 19.64 -8.49
C ASN A 10 16.20 19.10 -9.66
N ASN A 11 16.01 17.83 -10.03
CA ASN A 11 16.74 17.21 -11.15
C ASN A 11 16.47 17.90 -12.48
N SER A 12 15.17 18.09 -12.74
CA SER A 12 14.66 18.75 -13.92
C SER A 12 15.21 20.16 -14.07
N LYS A 13 15.12 20.95 -12.98
CA LYS A 13 15.70 22.29 -12.94
C LYS A 13 17.21 22.30 -13.14
N TRP A 14 17.89 21.28 -12.63
CA TRP A 14 19.36 21.19 -12.72
C TRP A 14 19.80 20.81 -14.13
N SER A 15 19.29 19.66 -14.61
CA SER A 15 19.57 19.17 -15.96
C SER A 15 19.42 20.29 -16.99
N ALA A 16 18.31 21.02 -16.93
CA ALA A 16 18.00 22.09 -17.87
C ALA A 16 19.09 23.16 -17.94
N SER A 17 19.46 23.66 -16.77
CA SER A 17 20.41 24.76 -16.66
C SER A 17 21.85 24.38 -17.07
N ILE A 18 22.28 23.18 -16.69
CA ILE A 18 23.64 22.70 -16.98
C ILE A 18 23.80 22.40 -18.48
N LYS A 19 22.79 21.76 -19.06
CA LYS A 19 22.80 21.46 -20.50
C LYS A 19 22.80 22.77 -21.29
N ALA A 20 22.20 23.82 -20.73
CA ALA A 20 22.24 25.16 -21.33
C ALA A 20 23.60 25.87 -21.15
N GLU A 21 24.06 26.00 -19.91
CA GLU A 21 25.28 26.78 -19.57
C GLU A 21 26.63 26.07 -19.79
N THR A 22 26.70 24.79 -19.47
CA THR A 22 27.94 24.03 -19.54
C THR A 22 27.73 22.69 -20.25
N PRO A 23 27.20 22.70 -21.50
CA PRO A 23 26.88 21.42 -22.14
C PRO A 23 28.10 20.49 -22.17
N GLU A 24 29.28 21.11 -22.28
CA GLU A 24 30.58 20.44 -22.30
C GLU A 24 30.83 19.47 -21.15
N TYR A 25 30.25 19.76 -19.99
CA TYR A 25 30.30 18.85 -18.85
C TYR A 25 29.68 17.51 -19.25
N PHE A 26 28.47 17.54 -19.80
CA PHE A 26 27.76 16.31 -20.16
C PHE A 26 28.44 15.54 -21.28
N ALA A 27 28.86 16.23 -22.34
CA ALA A 27 29.41 15.53 -23.50
C ALA A 27 30.75 14.86 -23.21
N LYS A 28 31.58 15.47 -22.35
CA LYS A 28 32.84 14.88 -21.94
C LYS A 28 32.62 13.76 -20.91
N LEU A 29 31.55 13.89 -20.11
CA LEU A 29 31.12 12.85 -19.17
C LEU A 29 30.61 11.62 -19.88
N ALA A 30 29.84 11.84 -20.95
CA ALA A 30 29.32 10.74 -21.75
C ALA A 30 30.45 9.99 -22.47
N LYS A 31 31.67 10.53 -22.45
CA LYS A 31 32.84 9.80 -22.91
C LYS A 31 33.16 8.67 -21.90
N GLY A 32 33.99 7.72 -22.30
CA GLY A 32 34.31 6.60 -21.41
C GLY A 32 35.29 6.89 -20.28
N GLN A 33 35.84 8.10 -20.25
CA GLN A 33 37.09 8.39 -19.53
C GLN A 33 37.23 7.76 -18.13
N ASN A 34 38.39 7.13 -17.90
CA ASN A 34 38.70 6.56 -16.59
C ASN A 34 38.64 7.61 -15.48
N PRO A 35 38.09 7.23 -14.31
CA PRO A 35 38.35 8.08 -13.15
C PRO A 35 39.83 7.93 -12.74
N ASP A 36 40.32 8.80 -11.85
CA ASP A 36 41.74 8.79 -11.49
C ASP A 36 41.98 8.33 -10.05
N PHE A 37 40.90 8.33 -9.27
CA PHE A 37 41.01 8.07 -7.86
C PHE A 37 39.99 7.02 -7.42
N LEU A 38 40.28 6.38 -6.28
CA LEU A 38 39.31 5.55 -5.58
C LEU A 38 39.14 6.11 -4.17
N TRP A 39 37.92 6.52 -3.84
CA TRP A 39 37.61 7.13 -2.55
C TRP A 39 36.74 6.22 -1.68
N ILE A 40 37.35 5.59 -0.67
CA ILE A 40 36.63 4.78 0.32
C ILE A 40 36.18 5.64 1.50
N GLY A 41 34.87 5.90 1.52
CA GLY A 41 34.29 6.80 2.50
C GLY A 41 33.14 6.19 3.29
N CYS A 42 32.69 6.93 4.28
CA CYS A 42 31.54 6.51 5.05
C CYS A 42 30.25 6.72 4.27
N ALA A 43 29.26 5.86 4.52
CA ALA A 43 27.88 6.05 4.04
C ALA A 43 27.22 7.34 4.60
N ASP A 44 27.77 7.85 5.69
CA ASP A 44 27.36 9.16 6.24
C ASP A 44 27.53 10.27 5.21
N SER A 45 28.58 10.15 4.40
CA SER A 45 28.90 11.15 3.37
C SER A 45 28.69 12.60 3.85
N ARG A 46 29.23 12.93 5.03
CA ARG A 46 28.84 14.20 5.66
C ARG A 46 29.19 15.42 4.82
N VAL A 47 30.44 15.49 4.35
CA VAL A 47 30.80 16.37 3.26
C VAL A 47 31.09 15.44 2.08
N PRO A 48 30.27 15.51 1.01
CA PRO A 48 30.48 14.67 -0.16
C PRO A 48 31.89 14.83 -0.70
N ALA A 49 32.42 13.76 -1.27
CA ALA A 49 33.83 13.67 -1.66
C ALA A 49 34.25 14.68 -2.74
N GLU A 50 33.36 14.95 -3.70
CA GLU A 50 33.59 15.93 -4.77
C GLU A 50 33.78 17.32 -4.16
N ARG A 51 32.99 17.62 -3.13
CA ARG A 51 33.03 18.90 -2.40
C ARG A 51 34.36 19.11 -1.70
N LEU A 52 34.79 18.07 -0.98
CA LEU A 52 36.03 18.05 -0.24
C LEU A 52 37.28 18.18 -1.12
N THR A 53 37.21 17.61 -2.33
CA THR A 53 38.36 17.46 -3.22
C THR A 53 38.42 18.42 -4.41
N GLY A 54 37.26 18.98 -4.79
CA GLY A 54 37.17 19.82 -5.98
C GLY A 54 37.15 19.05 -7.29
N LEU A 55 36.75 17.78 -7.23
CA LEU A 55 36.69 16.93 -8.41
C LEU A 55 35.26 16.83 -8.96
N TYR A 56 34.91 17.71 -9.90
CA TYR A 56 33.52 17.85 -10.35
C TYR A 56 33.20 17.27 -11.74
N SER A 57 34.13 16.49 -12.29
CA SER A 57 33.93 15.87 -13.60
C SER A 57 34.18 14.36 -13.53
N GLY A 58 33.35 13.66 -12.77
CA GLY A 58 33.42 12.20 -12.63
C GLY A 58 34.79 11.55 -12.46
N GLU A 59 35.69 12.22 -11.74
CA GLU A 59 37.09 11.75 -11.57
C GLU A 59 37.29 10.79 -10.39
N LEU A 60 36.38 10.80 -9.42
CA LEU A 60 36.40 9.85 -8.30
C LEU A 60 35.65 8.57 -8.68
N PHE A 61 36.25 7.41 -8.39
CA PHE A 61 35.50 6.15 -8.29
C PHE A 61 35.21 6.07 -6.79
N VAL A 62 33.97 5.79 -6.43
CA VAL A 62 33.59 5.90 -5.03
C VAL A 62 32.99 4.62 -4.45
N HIS A 63 33.48 4.24 -3.27
CA HIS A 63 32.85 3.17 -2.50
C HIS A 63 32.39 3.76 -1.19
N ARG A 64 31.18 3.41 -0.78
CA ARG A 64 30.72 3.76 0.58
C ARG A 64 30.07 2.59 1.30
N ASN A 65 30.12 2.65 2.63
CA ASN A 65 29.63 1.62 3.53
C ASN A 65 29.73 2.27 4.90
N VAL A 66 29.36 1.55 5.96
CA VAL A 66 29.31 2.16 7.30
C VAL A 66 30.65 2.14 8.05
N ALA A 67 31.08 3.33 8.48
CA ALA A 67 32.41 3.55 9.05
C ALA A 67 33.56 3.16 8.12
N ASN A 68 33.30 3.27 6.81
CA ASN A 68 34.40 3.25 5.81
C ASN A 68 35.43 2.14 6.03
N GLN A 69 34.92 0.90 6.04
CA GLN A 69 35.74 -0.30 6.25
C GLN A 69 36.34 -0.89 4.98
N VAL A 70 37.51 -1.52 5.14
CA VAL A 70 38.14 -2.40 4.13
C VAL A 70 38.28 -3.70 4.92
N ILE A 71 37.14 -4.36 5.12
CA ILE A 71 37.10 -5.60 5.92
C ILE A 71 37.77 -6.70 5.12
N HIS A 72 38.57 -7.53 5.79
CA HIS A 72 39.41 -8.53 5.12
C HIS A 72 38.69 -9.32 4.04
N THR A 73 37.40 -9.62 4.26
CA THR A 73 36.68 -10.54 3.37
C THR A 73 35.36 -10.01 2.89
N ASP A 74 35.23 -8.69 2.91
CA ASP A 74 34.07 -8.09 2.31
C ASP A 74 34.37 -8.00 0.81
N LEU A 75 33.71 -8.87 0.04
CA LEU A 75 33.91 -8.94 -1.40
C LEU A 75 33.36 -7.70 -2.12
N ASN A 76 32.28 -7.12 -1.59
CA ASN A 76 31.79 -5.84 -2.14
C ASN A 76 32.89 -4.76 -2.26
N CYS A 77 33.49 -4.40 -1.14
CA CYS A 77 34.59 -3.45 -1.16
C CYS A 77 35.77 -3.99 -1.95
N LEU A 78 36.16 -5.24 -1.69
CA LEU A 78 37.31 -5.82 -2.39
C LEU A 78 37.16 -5.77 -3.91
N SER A 79 35.92 -5.91 -4.41
CA SER A 79 35.68 -5.96 -5.86
C SER A 79 35.82 -4.54 -6.37
N VAL A 80 35.31 -3.59 -5.59
CA VAL A 80 35.45 -2.14 -5.93
C VAL A 80 36.90 -1.80 -6.31
N VAL A 81 37.80 -2.13 -5.39
CA VAL A 81 39.25 -1.92 -5.48
C VAL A 81 39.91 -2.58 -6.67
N GLN A 82 39.61 -3.87 -6.85
CA GLN A 82 40.15 -4.64 -7.97
C GLN A 82 39.68 -4.05 -9.32
N TYR A 83 38.38 -3.83 -9.47
CA TYR A 83 37.87 -3.13 -10.67
C TYR A 83 38.48 -1.74 -10.85
N ALA A 84 38.70 -1.03 -9.74
CA ALA A 84 39.31 0.29 -9.76
C ALA A 84 40.76 0.18 -10.26
N VAL A 85 41.58 -0.58 -9.54
CA VAL A 85 43.00 -0.76 -9.87
C VAL A 85 43.24 -1.56 -11.18
N ASP A 86 42.83 -2.82 -11.24
CA ASP A 86 43.15 -3.69 -12.39
C ASP A 86 42.51 -3.31 -13.72
N VAL A 87 41.32 -2.71 -13.66
CA VAL A 87 40.56 -2.41 -14.90
C VAL A 87 40.60 -0.92 -15.28
N LEU A 88 40.42 -0.04 -14.30
CA LEU A 88 40.32 1.39 -14.61
C LEU A 88 41.65 2.14 -14.40
N GLN A 89 42.68 1.40 -14.05
CA GLN A 89 44.02 1.93 -13.75
C GLN A 89 44.01 3.20 -12.87
N VAL A 90 43.31 3.16 -11.73
CA VAL A 90 43.48 4.24 -10.75
C VAL A 90 44.86 4.05 -10.12
N LYS A 91 45.56 5.15 -9.91
CA LYS A 91 46.89 5.05 -9.29
C LYS A 91 46.81 5.53 -7.85
N HIS A 92 45.58 5.83 -7.39
CA HIS A 92 45.33 6.34 -6.03
C HIS A 92 44.04 5.77 -5.43
N ILE A 93 44.16 5.21 -4.22
CA ILE A 93 43.00 4.77 -3.45
C ILE A 93 43.02 5.55 -2.14
N ILE A 94 41.86 6.07 -1.74
CA ILE A 94 41.74 6.95 -0.59
C ILE A 94 40.75 6.38 0.43
N VAL A 95 41.22 6.03 1.62
CA VAL A 95 40.30 5.73 2.71
C VAL A 95 40.09 7.03 3.47
N CYS A 96 38.85 7.52 3.52
CA CYS A 96 38.53 8.76 4.24
C CYS A 96 37.61 8.50 5.40
N GLY A 97 38.06 8.86 6.61
CA GLY A 97 37.17 8.84 7.77
C GLY A 97 36.67 10.23 8.13
N HIS A 98 35.73 10.30 9.06
CA HIS A 98 35.20 11.59 9.46
C HIS A 98 34.78 11.57 10.93
N TYR A 99 34.83 12.73 11.56
CA TYR A 99 34.34 12.92 12.92
C TYR A 99 32.81 12.85 12.92
N GLY A 100 32.21 12.79 14.12
CA GLY A 100 30.77 12.59 14.23
C GLY A 100 30.33 11.51 13.26
N CYS A 101 30.75 10.28 13.56
CA CYS A 101 30.41 9.11 12.74
C CYS A 101 29.55 8.12 13.54
N GLY A 102 28.33 7.91 13.07
CA GLY A 102 27.37 6.99 13.71
C GLY A 102 27.91 5.61 14.06
N GLY A 103 28.67 5.03 13.13
CA GLY A 103 29.20 3.69 13.33
C GLY A 103 30.23 3.61 14.43
N VAL A 104 31.18 4.55 14.38
CA VAL A 104 32.33 4.60 15.29
C VAL A 104 31.91 4.75 16.75
N THR A 105 30.93 5.62 17.00
CA THR A 105 30.31 5.76 18.33
C THR A 105 29.56 4.50 18.82
N ALA A 106 28.94 3.76 17.89
CA ALA A 106 28.31 2.48 18.20
C ALA A 106 29.35 1.39 18.55
N ALA A 107 30.49 1.41 17.87
CA ALA A 107 31.56 0.43 18.10
C ALA A 107 32.13 0.51 19.52
N ILE A 108 32.04 1.70 20.12
CA ILE A 108 32.49 1.94 21.49
C ILE A 108 31.39 1.65 22.51
N ASP A 109 30.23 2.29 22.31
CA ASP A 109 29.17 2.28 23.31
C ASP A 109 28.28 1.03 23.24
N ASN A 110 28.49 0.22 22.19
CA ASN A 110 27.88 -1.11 22.07
C ASN A 110 26.32 -1.16 22.16
N PRO A 111 25.62 -0.15 21.61
CA PRO A 111 24.16 -0.15 21.63
C PRO A 111 23.55 -1.28 20.81
N GLN A 112 22.32 -1.66 21.17
CA GLN A 112 21.55 -2.66 20.45
C GLN A 112 20.91 -2.00 19.21
N LEU A 113 21.51 -2.20 18.05
CA LEU A 113 21.01 -1.55 16.84
C LEU A 113 20.44 -2.51 15.82
N GLY A 114 20.46 -3.80 16.13
CA GLY A 114 20.11 -4.84 15.16
C GLY A 114 21.28 -5.32 14.31
N LEU A 115 20.97 -5.76 13.09
CA LEU A 115 21.89 -6.50 12.21
C LEU A 115 23.25 -5.82 11.97
N ILE A 116 23.22 -4.50 11.87
CA ILE A 116 24.41 -3.64 11.78
C ILE A 116 25.44 -3.90 12.87
N ASN A 117 25.01 -4.41 14.03
CA ASN A 117 25.92 -4.73 15.13
C ASN A 117 27.11 -5.58 14.71
N ASN A 118 26.88 -6.49 13.77
CA ASN A 118 27.88 -7.46 13.39
C ASN A 118 29.00 -6.77 12.64
N TRP A 119 28.63 -5.98 11.64
CA TRP A 119 29.56 -5.12 10.90
C TRP A 119 30.44 -4.28 11.84
N LEU A 120 29.86 -3.68 12.86
CA LEU A 120 30.61 -2.79 13.76
C LEU A 120 31.52 -3.51 14.77
N LEU A 121 31.36 -4.83 14.87
CA LEU A 121 32.27 -5.62 15.69
C LEU A 121 33.71 -5.58 15.14
N HIS A 122 33.86 -5.48 13.81
CA HIS A 122 35.20 -5.22 13.23
C HIS A 122 35.80 -3.93 13.79
N ILE A 123 35.01 -2.85 13.86
CA ILE A 123 35.53 -1.59 14.44
C ILE A 123 35.70 -1.68 15.95
N ARG A 124 34.85 -2.47 16.60
CA ARG A 124 34.98 -2.77 18.05
C ARG A 124 36.27 -3.54 18.34
N ASP A 125 36.64 -4.46 17.45
CA ASP A 125 37.96 -5.11 17.56
C ASP A 125 39.04 -4.04 17.75
N TYR A 126 39.05 -3.02 16.88
CA TYR A 126 40.04 -1.95 16.96
C TYR A 126 39.84 -1.05 18.19
N TYR A 127 38.59 -0.88 18.62
CA TYR A 127 38.31 -0.20 19.89
C TYR A 127 39.06 -0.94 20.99
N LEU A 128 38.79 -2.25 21.10
CA LEU A 128 39.34 -3.07 22.18
C LEU A 128 40.87 -3.05 22.17
N LYS A 129 41.43 -3.16 20.98
CA LYS A 129 42.87 -3.03 20.79
C LYS A 129 43.42 -1.76 21.44
N HIS A 130 42.76 -0.62 21.20
CA HIS A 130 43.34 0.67 21.56
C HIS A 130 42.70 1.32 22.78
N ARG A 131 42.03 0.48 23.56
CA ARG A 131 41.18 0.90 24.68
C ARG A 131 41.93 1.58 25.83
N GLU A 132 43.17 1.20 26.08
CA GLU A 132 43.94 1.90 27.12
C GLU A 132 44.13 3.36 26.70
N TYR A 133 44.53 3.57 25.44
CA TYR A 133 44.73 4.93 24.92
C TYR A 133 43.42 5.73 24.95
N LEU A 134 42.34 5.10 24.54
CA LEU A 134 41.05 5.77 24.44
C LEU A 134 40.56 6.23 25.81
N ASP A 135 40.48 5.29 26.76
CA ASP A 135 40.06 5.57 28.13
C ASP A 135 40.86 6.66 28.87
N LYS A 136 41.78 7.34 28.18
CA LYS A 136 42.52 8.44 28.78
C LYS A 136 42.05 9.80 28.28
N MET A 137 41.12 9.79 27.32
CA MET A 137 40.63 11.01 26.67
C MET A 137 39.27 11.41 27.19
N PRO A 138 38.94 12.72 27.11
CA PRO A 138 37.58 13.14 27.41
C PRO A 138 36.59 12.32 26.57
N ALA A 139 35.54 11.82 27.20
CA ALA A 139 34.61 10.88 26.57
C ALA A 139 33.95 11.43 25.31
N GLU A 140 33.97 12.75 25.19
CA GLU A 140 33.42 13.47 24.05
C GLU A 140 34.32 13.39 22.81
N ASP A 141 35.56 13.00 23.01
CA ASP A 141 36.57 12.96 21.95
C ASP A 141 36.99 11.55 21.52
N ARG A 142 36.75 10.57 22.40
CA ARG A 142 37.16 9.20 22.17
C ARG A 142 36.66 8.60 20.86
N SER A 143 35.41 8.92 20.48
CA SER A 143 34.88 8.45 19.21
C SER A 143 35.65 9.04 18.05
N ASP A 144 35.78 10.36 18.01
CA ASP A 144 36.51 11.02 16.93
C ASP A 144 37.93 10.51 16.80
N LYS A 145 38.55 10.20 17.94
CA LYS A 145 39.92 9.67 17.97
C LYS A 145 40.03 8.31 17.27
N LEU A 146 39.13 7.41 17.64
CA LEU A 146 39.06 6.07 17.06
C LEU A 146 38.65 6.15 15.59
N ALA A 147 38.10 7.28 15.15
CA ALA A 147 37.80 7.45 13.73
C ALA A 147 39.10 7.66 12.93
N GLU A 148 40.07 8.36 13.53
CA GLU A 148 41.41 8.52 12.98
C GLU A 148 42.10 7.16 12.93
N ILE A 149 42.12 6.47 14.06
CA ILE A 149 42.68 5.12 14.17
C ILE A 149 41.97 4.13 13.26
N ASN A 150 40.64 4.23 13.16
CA ASN A 150 39.90 3.43 12.20
C ASN A 150 40.43 3.59 10.76
N VAL A 151 40.68 4.82 10.32
CA VAL A 151 41.19 5.06 8.96
C VAL A 151 42.50 4.31 8.75
N ALA A 152 43.45 4.54 9.65
CA ALA A 152 44.80 3.95 9.60
C ALA A 152 44.76 2.41 9.55
N GLU A 153 43.92 1.82 10.39
CA GLU A 153 43.76 0.35 10.41
C GLU A 153 43.13 -0.18 9.11
N GLN A 154 42.30 0.62 8.45
CA GLN A 154 41.71 0.23 7.16
C GLN A 154 42.66 0.43 5.98
N VAL A 155 43.57 1.40 6.09
CA VAL A 155 44.56 1.63 5.02
C VAL A 155 45.53 0.45 5.05
N TYR A 156 45.83 0.00 6.27
CA TYR A 156 46.61 -1.21 6.48
C TYR A 156 45.87 -2.45 5.96
N ASN A 157 44.54 -2.54 6.15
CA ASN A 157 43.82 -3.71 5.65
C ASN A 157 43.80 -3.75 4.13
N LEU A 158 43.59 -2.58 3.53
CA LEU A 158 43.62 -2.44 2.07
C LEU A 158 45.00 -2.75 1.50
N ALA A 159 46.05 -2.32 2.18
CA ALA A 159 47.42 -2.57 1.72
C ALA A 159 47.77 -4.05 1.80
N ASN A 160 47.20 -4.76 2.76
CA ASN A 160 47.52 -6.18 2.93
C ASN A 160 46.70 -7.17 2.09
N SER A 161 45.62 -6.69 1.49
CA SER A 161 44.77 -7.49 0.61
C SER A 161 45.56 -8.03 -0.58
N THR A 162 45.10 -9.17 -1.08
CA THR A 162 45.59 -9.75 -2.33
C THR A 162 45.46 -8.79 -3.52
N VAL A 163 44.49 -7.89 -3.46
CA VAL A 163 44.23 -6.97 -4.56
C VAL A 163 45.40 -5.98 -4.65
N LEU A 164 45.86 -5.51 -3.50
CA LEU A 164 47.03 -4.62 -3.47
C LEU A 164 48.38 -5.32 -3.59
N GLN A 165 48.51 -6.48 -2.98
CA GLN A 165 49.79 -7.20 -3.02
C GLN A 165 50.15 -7.67 -4.44
N ASN A 166 49.14 -8.13 -5.19
CA ASN A 166 49.33 -8.54 -6.59
C ASN A 166 49.71 -7.35 -7.47
N ALA A 167 49.02 -6.24 -7.28
CA ALA A 167 49.18 -5.06 -8.11
C ALA A 167 50.60 -4.52 -7.92
N TRP A 168 50.97 -4.33 -6.67
CA TRP A 168 52.33 -4.01 -6.31
C TRP A 168 53.33 -5.04 -6.90
N GLU A 169 53.10 -6.34 -6.68
CA GLU A 169 54.03 -7.38 -7.17
C GLU A 169 54.23 -7.36 -8.69
N ARG A 170 53.21 -6.98 -9.45
CA ARG A 170 53.36 -6.94 -10.90
C ARG A 170 54.04 -5.64 -11.36
N GLY A 171 54.31 -4.75 -10.41
CA GLY A 171 54.91 -3.46 -10.67
C GLY A 171 53.92 -2.43 -11.19
N GLN A 172 52.70 -2.42 -10.66
CA GLN A 172 51.71 -1.45 -11.13
C GLN A 172 51.73 -0.19 -10.26
N ALA A 173 51.45 0.95 -10.89
CA ALA A 173 51.45 2.23 -10.19
C ALA A 173 50.19 2.37 -9.34
N VAL A 174 50.29 1.92 -8.09
CA VAL A 174 49.24 2.13 -7.10
C VAL A 174 49.84 2.64 -5.79
N GLU A 175 49.14 3.57 -5.15
CA GLU A 175 49.47 3.97 -3.80
C GLU A 175 48.21 4.20 -2.98
N VAL A 176 48.36 4.14 -1.66
CA VAL A 176 47.21 4.21 -0.76
C VAL A 176 47.36 5.31 0.28
N HIS A 177 46.23 5.92 0.64
CA HIS A 177 46.23 7.11 1.50
C HIS A 177 45.10 7.02 2.51
N GLY A 178 45.38 7.38 3.75
CA GLY A 178 44.34 7.65 4.74
C GLY A 178 44.10 9.14 4.89
N PHE A 179 42.84 9.58 4.84
CA PHE A 179 42.45 10.94 5.22
C PHE A 179 41.40 10.92 6.33
N VAL A 180 41.34 12.02 7.07
CA VAL A 180 40.25 12.27 8.02
C VAL A 180 39.89 13.74 7.93
N TYR A 181 38.64 14.07 8.26
CA TYR A 181 38.28 15.47 8.52
C TYR A 181 37.33 15.60 9.69
N GLY A 182 37.26 16.80 10.27
CA GLY A 182 36.29 17.13 11.32
C GLY A 182 35.12 17.96 10.81
N ILE A 183 34.12 18.14 11.67
CA ILE A 183 32.88 18.77 11.22
C ILE A 183 32.89 20.30 11.40
N GLU A 184 33.97 20.81 12.01
CA GLU A 184 34.14 22.25 12.22
C GLU A 184 34.42 23.02 10.94
N ASP A 185 35.29 22.46 10.10
CA ASP A 185 35.80 23.17 8.93
C ASP A 185 36.00 22.27 7.71
N GLY A 186 35.73 20.97 7.88
CA GLY A 186 35.76 20.02 6.79
C GLY A 186 37.08 19.99 6.06
N ARG A 187 38.17 20.15 6.80
CA ARG A 187 39.48 20.12 6.17
C ARG A 187 40.25 18.84 6.43
N LEU A 188 40.64 18.23 5.32
CA LEU A 188 41.35 16.95 5.36
C LEU A 188 42.67 17.03 6.10
N GLU A 189 42.96 15.93 6.80
CA GLU A 189 44.26 15.66 7.36
C GLU A 189 44.82 14.46 6.59
N TYR A 190 46.14 14.43 6.43
CA TYR A 190 46.82 13.28 5.87
C TYR A 190 47.39 12.47 7.04
N LEU A 191 47.07 11.18 7.08
CA LEU A 191 47.58 10.30 8.13
C LEU A 191 48.70 9.46 7.57
N GLY A 192 49.79 9.35 8.33
CA GLY A 192 50.95 8.56 7.93
C GLY A 192 51.73 9.09 6.74
N VAL A 193 52.43 8.20 6.06
CA VAL A 193 53.31 8.57 4.95
C VAL A 193 52.87 7.91 3.65
N ARG A 194 53.45 8.37 2.54
CA ARG A 194 53.25 7.71 1.25
C ARG A 194 53.41 6.20 1.39
N CYS A 195 52.61 5.46 0.64
CA CYS A 195 52.65 4.01 0.63
C CYS A 195 52.41 3.50 -0.78
N ALA A 196 53.49 3.34 -1.52
CA ALA A 196 53.39 3.03 -2.93
C ALA A 196 54.02 1.69 -3.24
N SER A 197 54.27 0.90 -2.19
CA SER A 197 54.92 -0.41 -2.31
C SER A 197 54.60 -1.28 -1.11
N ARG A 198 54.80 -2.59 -1.28
CA ARG A 198 54.61 -3.53 -0.18
C ARG A 198 55.54 -3.20 0.96
N SER A 199 56.81 -2.97 0.65
CA SER A 199 57.80 -2.66 1.68
C SER A 199 57.50 -1.44 2.55
N ALA A 200 56.71 -0.48 2.05
CA ALA A 200 56.39 0.75 2.82
C ALA A 200 55.07 0.69 3.61
N VAL A 201 54.43 -0.48 3.61
CA VAL A 201 53.15 -0.68 4.28
C VAL A 201 53.28 -0.62 5.80
N GLU A 202 54.15 -1.46 6.36
CA GLU A 202 54.39 -1.48 7.81
C GLU A 202 54.83 -0.11 8.36
N ASP A 203 55.66 0.61 7.60
CA ASP A 203 56.09 1.95 8.04
C ASP A 203 54.98 2.99 8.09
N ASN A 204 54.13 3.02 7.06
CA ASN A 204 52.95 3.89 7.03
C ASN A 204 52.05 3.65 8.24
N TYR A 205 51.60 2.41 8.36
CA TYR A 205 50.93 1.88 9.55
C TYR A 205 51.48 2.46 10.85
N HIS A 206 52.80 2.38 11.02
CA HIS A 206 53.39 2.83 12.28
C HIS A 206 53.29 4.34 12.39
N LYS A 207 53.75 5.03 11.36
CA LYS A 207 53.76 6.49 11.28
C LYS A 207 52.39 7.11 11.47
N ALA A 208 51.38 6.53 10.82
CA ALA A 208 50.02 7.02 10.95
C ALA A 208 49.52 6.88 12.39
N LEU A 209 49.89 5.79 13.05
CA LEU A 209 49.47 5.56 14.43
C LEU A 209 50.37 6.28 15.44
N GLU A 210 51.64 6.51 15.06
CA GLU A 210 52.53 7.43 15.76
C GLU A 210 51.92 8.83 15.78
N LYS A 211 51.50 9.31 14.60
CA LYS A 211 50.81 10.61 14.45
C LYS A 211 49.55 10.67 15.31
N ILE A 212 48.71 9.64 15.19
CA ILE A 212 47.38 9.58 15.84
C ILE A 212 47.42 9.29 17.34
N LEU A 213 48.16 8.24 17.73
CA LEU A 213 48.26 7.83 19.11
C LEU A 213 49.27 8.72 19.86
N ASN A 214 49.16 10.03 19.64
CA ASN A 214 50.11 11.01 20.13
C ASN A 214 50.21 11.01 21.66
N PRO A 215 51.40 11.34 22.20
CA PRO A 215 51.59 11.23 23.64
C PRO A 215 50.64 12.12 24.45
N ASN A 216 50.20 13.22 23.86
CA ASN A 216 49.37 14.20 24.57
C ASN A 216 47.86 14.06 24.42
N HIS A 217 47.42 12.89 23.94
CA HIS A 217 45.99 12.56 23.82
C HIS A 217 45.16 13.60 23.06
N ARG A 218 45.80 14.29 22.11
CA ARG A 218 45.14 15.32 21.31
C ARG A 218 44.60 14.79 19.99
N LEU A 219 43.36 15.14 19.68
CA LEU A 219 42.77 14.88 18.36
C LEU A 219 43.51 15.67 17.30
N LEU A 220 43.54 15.13 16.09
CA LEU A 220 44.26 15.80 15.00
C LEU A 220 43.48 16.97 14.38
N CYS A 221 42.16 16.84 14.26
CA CYS A 221 41.37 17.86 13.57
C CYS A 221 40.64 18.89 14.45
N ARG A 222 40.37 18.53 15.70
CA ARG A 222 39.78 19.48 16.67
C ARG A 222 40.34 19.27 18.07
N MET B 1 52.63 13.24 -3.70
CA MET B 1 52.45 13.40 -5.17
C MET B 1 51.69 14.69 -5.46
N PRO B 2 52.08 15.41 -6.53
CA PRO B 2 51.48 16.72 -6.83
C PRO B 2 49.96 16.64 -7.06
N GLU B 3 49.48 15.53 -7.61
CA GLU B 3 48.04 15.33 -7.88
C GLU B 3 47.22 15.20 -6.60
N ILE B 4 47.83 14.54 -5.61
CA ILE B 4 47.27 14.46 -4.26
C ILE B 4 47.38 15.84 -3.59
N LYS B 5 48.55 16.48 -3.71
CA LYS B 5 48.76 17.86 -3.23
C LYS B 5 47.68 18.82 -3.74
N GLN B 6 47.28 18.65 -5.01
CA GLN B 6 46.21 19.45 -5.59
C GLN B 6 44.91 19.28 -4.80
N LEU B 7 44.57 18.04 -4.43
CA LEU B 7 43.40 17.78 -3.58
C LEU B 7 43.43 18.53 -2.25
N PHE B 8 44.59 18.60 -1.61
CA PHE B 8 44.67 19.31 -0.32
C PHE B 8 44.55 20.83 -0.51
N GLU B 9 45.12 21.33 -1.62
CA GLU B 9 44.98 22.75 -1.98
C GLU B 9 43.53 23.09 -2.30
N ASN B 10 42.95 22.39 -3.27
CA ASN B 10 41.51 22.47 -3.53
C ASN B 10 40.71 22.50 -2.21
N ASN B 11 41.01 21.56 -1.32
CA ASN B 11 40.30 21.41 -0.05
C ASN B 11 40.43 22.62 0.89
N SER B 12 41.62 23.20 0.95
CA SER B 12 41.85 24.39 1.75
C SER B 12 41.17 25.59 1.11
N LYS B 13 41.42 25.75 -0.20
CA LYS B 13 40.75 26.77 -1.02
C LYS B 13 39.25 26.73 -0.76
N TRP B 14 38.67 25.53 -0.88
CA TRP B 14 37.25 25.31 -0.63
C TRP B 14 36.83 25.60 0.83
N SER B 15 37.46 24.92 1.79
CA SER B 15 37.07 25.05 3.21
C SER B 15 37.02 26.50 3.68
N ALA B 16 38.20 27.13 3.70
CA ALA B 16 38.38 28.52 4.15
C ALA B 16 37.42 29.49 3.44
N SER B 17 37.09 29.17 2.19
CA SER B 17 36.05 29.86 1.44
C SER B 17 34.67 29.74 2.12
N ILE B 18 34.19 28.51 2.33
CA ILE B 18 32.87 28.28 2.94
C ILE B 18 32.79 28.92 4.33
N LYS B 19 33.94 29.02 5.00
CA LYS B 19 34.03 29.71 6.29
C LYS B 19 33.77 31.22 6.16
N ALA B 20 34.53 31.88 5.29
CA ALA B 20 34.35 33.29 5.05
C ALA B 20 32.92 33.57 4.60
N GLU B 21 32.43 32.70 3.73
CA GLU B 21 31.24 32.96 2.98
C GLU B 21 29.91 32.49 3.60
N THR B 22 29.87 31.25 4.05
CA THR B 22 28.65 30.68 4.59
C THR B 22 28.94 29.78 5.81
N PRO B 23 29.57 30.36 6.85
CA PRO B 23 30.11 29.55 7.97
C PRO B 23 29.05 28.71 8.70
N GLU B 24 27.79 29.03 8.46
CA GLU B 24 26.66 28.28 9.01
C GLU B 24 26.52 26.86 8.44
N TYR B 25 27.12 26.61 7.28
CA TYR B 25 27.11 25.28 6.66
C TYR B 25 27.63 24.20 7.61
N PHE B 26 28.80 24.46 8.19
CA PHE B 26 29.41 23.58 9.18
C PHE B 26 28.62 23.59 10.50
N ALA B 27 28.19 24.79 10.91
CA ALA B 27 27.25 24.93 12.03
C ALA B 27 25.99 24.08 11.76
N LYS B 28 25.56 24.01 10.51
CA LYS B 28 24.41 23.20 10.11
C LYS B 28 24.75 21.69 10.18
N LEU B 29 26.01 21.35 9.87
CA LEU B 29 26.50 19.97 9.96
C LEU B 29 26.46 19.44 11.40
N ALA B 30 26.85 20.30 12.35
CA ALA B 30 26.97 19.94 13.77
C ALA B 30 25.72 19.26 14.35
N LYS B 31 24.57 19.87 14.13
CA LYS B 31 23.30 19.36 14.64
C LYS B 31 23.10 17.86 14.37
N GLY B 32 23.52 17.43 13.18
CA GLY B 32 23.57 16.02 12.80
C GLY B 32 22.23 15.37 12.51
N GLN B 33 21.31 16.14 11.91
CA GLN B 33 19.97 15.63 11.59
C GLN B 33 20.03 14.43 10.64
N ASN B 34 19.21 13.43 10.95
CA ASN B 34 19.12 12.23 10.15
C ASN B 34 18.87 12.56 8.66
N PRO B 35 19.51 11.78 7.76
CA PRO B 35 19.15 11.77 6.34
C PRO B 35 17.78 11.12 6.12
N ASP B 36 17.07 11.60 5.10
CA ASP B 36 15.72 11.12 4.78
C ASP B 36 15.68 10.01 3.70
N PHE B 37 16.77 9.89 2.92
CA PHE B 37 16.83 8.98 1.75
C PHE B 37 18.12 8.12 1.79
N LEU B 38 17.99 6.81 1.52
CA LEU B 38 19.18 6.00 1.27
C LEU B 38 19.35 5.90 -0.24
N TRP B 39 20.51 6.34 -0.70
CA TRP B 39 20.88 6.28 -2.11
C TRP B 39 21.87 5.14 -2.27
N ILE B 40 21.50 4.16 -3.09
CA ILE B 40 22.36 3.03 -3.41
C ILE B 40 22.73 3.18 -4.87
N GLY B 41 23.99 3.50 -5.12
CA GLY B 41 24.45 3.98 -6.41
C GLY B 41 25.71 3.30 -6.88
N CYS B 42 26.11 3.61 -8.10
CA CYS B 42 27.26 2.97 -8.70
C CYS B 42 28.57 3.65 -8.26
N ALA B 43 29.65 2.86 -8.20
CA ALA B 43 30.98 3.38 -7.88
C ALA B 43 31.52 4.27 -9.01
N ASP B 44 30.96 4.10 -10.22
CA ASP B 44 31.15 5.01 -11.34
C ASP B 44 30.86 6.46 -10.94
N SER B 45 29.70 6.68 -10.31
CA SER B 45 29.29 7.98 -9.79
C SER B 45 29.44 9.11 -10.80
N ARG B 46 29.06 8.84 -12.05
CA ARG B 46 29.29 9.79 -13.15
C ARG B 46 28.92 11.24 -12.80
N VAL B 47 27.66 11.42 -12.42
CA VAL B 47 27.15 12.63 -11.82
C VAL B 47 26.83 12.24 -10.38
N PRO B 48 27.34 12.99 -9.40
CA PRO B 48 27.11 12.57 -8.01
C PRO B 48 25.66 12.81 -7.60
N ALA B 49 25.20 12.00 -6.65
CA ALA B 49 23.83 12.02 -6.20
C ALA B 49 23.35 13.41 -5.74
N GLU B 50 24.22 14.16 -5.07
CA GLU B 50 23.88 15.50 -4.55
C GLU B 50 23.46 16.44 -5.68
N ARG B 51 24.16 16.36 -6.82
CA ARG B 51 23.89 17.14 -8.02
C ARG B 51 22.59 16.82 -8.73
N LEU B 52 22.33 15.52 -8.89
CA LEU B 52 21.12 15.00 -9.50
C LEU B 52 19.85 15.34 -8.70
N THR B 53 19.99 15.46 -7.38
CA THR B 53 18.85 15.61 -6.47
C THR B 53 18.63 16.99 -5.86
N GLY B 54 19.67 17.83 -5.87
CA GLY B 54 19.62 19.06 -5.10
C GLY B 54 19.71 18.86 -3.59
N LEU B 55 19.90 17.61 -3.16
CA LEU B 55 20.10 17.34 -1.73
C LEU B 55 21.55 17.64 -1.33
N TYR B 56 21.83 18.90 -1.00
CA TYR B 56 23.17 19.32 -0.58
C TYR B 56 23.21 19.63 0.92
N SER B 57 22.20 19.17 1.66
CA SER B 57 22.07 19.53 3.07
C SER B 57 22.06 18.36 4.07
N GLY B 58 22.60 17.23 3.64
CA GLY B 58 22.67 16.02 4.48
C GLY B 58 21.48 15.10 4.40
N GLU B 59 20.54 15.41 3.51
CA GLU B 59 19.41 14.50 3.26
C GLU B 59 19.79 13.07 2.80
N LEU B 60 21.03 12.85 2.35
CA LEU B 60 21.35 11.54 1.76
C LEU B 60 22.29 10.68 2.60
N PHE B 61 21.85 9.46 2.88
CA PHE B 61 22.75 8.39 3.34
C PHE B 61 23.19 7.60 2.12
N VAL B 62 24.50 7.42 1.91
CA VAL B 62 24.94 6.92 0.60
C VAL B 62 25.73 5.60 0.60
N HIS B 63 25.24 4.61 -0.14
CA HIS B 63 26.04 3.42 -0.44
C HIS B 63 26.28 3.27 -1.94
N ARG B 64 27.49 2.89 -2.31
CA ARG B 64 27.87 2.60 -3.71
C ARG B 64 28.66 1.30 -3.88
N ASN B 65 28.32 0.54 -4.92
CA ASN B 65 29.14 -0.60 -5.33
C ASN B 65 29.24 -0.66 -6.86
N VAL B 66 30.09 -1.53 -7.40
CA VAL B 66 30.15 -1.66 -8.86
C VAL B 66 28.78 -2.17 -9.30
N ALA B 67 28.13 -1.34 -10.08
CA ALA B 67 26.89 -1.66 -10.76
C ALA B 67 25.72 -1.69 -9.79
N ASN B 68 25.79 -0.83 -8.76
CA ASN B 68 24.63 -0.51 -7.90
C ASN B 68 23.65 -1.66 -7.55
N GLN B 69 24.23 -2.80 -7.13
CA GLN B 69 23.45 -4.00 -6.83
C GLN B 69 23.03 -4.12 -5.38
N VAL B 70 21.83 -4.68 -5.19
CA VAL B 70 21.41 -5.26 -3.91
C VAL B 70 21.50 -6.81 -4.02
N ILE B 71 22.72 -7.33 -3.88
CA ILE B 71 22.97 -8.77 -3.88
C ILE B 71 22.40 -9.40 -2.60
N HIS B 72 21.52 -10.40 -2.73
CA HIS B 72 20.76 -10.97 -1.59
C HIS B 72 21.57 -11.04 -0.30
N THR B 73 22.76 -11.63 -0.39
CA THR B 73 23.60 -11.94 0.77
C THR B 73 24.90 -11.12 0.86
N ASP B 74 24.81 -9.84 0.52
CA ASP B 74 25.90 -8.89 0.72
C ASP B 74 25.71 -8.09 2.02
N LEU B 75 26.33 -8.56 3.09
CA LEU B 75 26.29 -7.88 4.38
C LEU B 75 26.85 -6.45 4.34
N ASN B 76 27.62 -6.11 3.30
CA ASN B 76 27.99 -4.70 3.14
C ASN B 76 26.74 -3.84 2.86
N CYS B 77 26.07 -4.04 1.71
CA CYS B 77 24.87 -3.27 1.40
C CYS B 77 23.77 -3.46 2.48
N LEU B 78 23.36 -4.70 2.68
CA LEU B 78 22.32 -5.08 3.65
C LEU B 78 22.44 -4.33 4.97
N SER B 79 23.67 -4.16 5.46
CA SER B 79 23.89 -3.43 6.71
C SER B 79 23.58 -1.94 6.55
N VAL B 80 24.07 -1.31 5.48
CA VAL B 80 23.74 0.11 5.24
C VAL B 80 22.23 0.29 5.13
N VAL B 81 21.57 -0.71 4.53
CA VAL B 81 20.11 -0.71 4.38
C VAL B 81 19.47 -0.80 5.75
N GLN B 82 19.92 -1.79 6.54
CA GLN B 82 19.37 -2.00 7.88
C GLN B 82 19.56 -0.77 8.77
N TYR B 83 20.76 -0.19 8.78
CA TYR B 83 21.08 0.98 9.59
C TYR B 83 20.27 2.22 9.17
N ALA B 84 20.15 2.49 7.87
CA ALA B 84 19.45 3.68 7.40
C ALA B 84 17.95 3.62 7.74
N VAL B 85 17.38 2.42 7.68
CA VAL B 85 15.96 2.24 7.93
C VAL B 85 15.69 2.12 9.43
N ASP B 86 16.21 1.06 10.05
CA ASP B 86 15.93 0.75 11.45
C ASP B 86 16.39 1.85 12.41
N VAL B 87 17.61 2.37 12.21
CA VAL B 87 18.22 3.34 13.14
C VAL B 87 17.98 4.80 12.75
N LEU B 88 18.49 5.21 11.58
CA LEU B 88 18.31 6.58 11.10
C LEU B 88 16.86 6.87 10.70
N GLN B 89 16.08 5.82 10.47
CA GLN B 89 14.64 5.96 10.18
C GLN B 89 14.33 6.60 8.82
N VAL B 90 15.27 6.52 7.87
CA VAL B 90 15.02 7.00 6.50
C VAL B 90 13.67 6.46 6.01
N LYS B 91 12.95 7.27 5.26
CA LYS B 91 11.63 6.83 4.81
C LYS B 91 11.59 6.53 3.31
N HIS B 92 12.76 6.55 2.67
CA HIS B 92 12.87 6.27 1.23
C HIS B 92 14.17 5.54 0.86
N ILE B 93 14.07 4.55 -0.02
CA ILE B 93 15.29 3.94 -0.58
C ILE B 93 15.29 4.04 -2.10
N ILE B 94 16.40 4.49 -2.66
CA ILE B 94 16.47 4.72 -4.09
C ILE B 94 17.58 3.85 -4.67
N VAL B 95 17.23 2.96 -5.59
CA VAL B 95 18.32 2.30 -6.30
C VAL B 95 18.52 3.07 -7.59
N CYS B 96 19.69 3.69 -7.73
CA CYS B 96 20.01 4.43 -8.93
C CYS B 96 21.15 3.81 -9.72
N GLY B 97 20.85 3.48 -10.96
CA GLY B 97 21.83 3.11 -11.96
C GLY B 97 21.91 4.24 -12.95
N HIS B 98 22.69 4.01 -14.01
CA HIS B 98 22.92 5.04 -15.02
C HIS B 98 23.33 4.37 -16.33
N TYR B 99 23.10 5.08 -17.44
CA TYR B 99 23.59 4.62 -18.75
C TYR B 99 25.13 4.68 -18.76
N GLY B 100 25.75 4.05 -19.75
CA GLY B 100 27.22 4.03 -19.85
C GLY B 100 27.92 3.27 -18.72
N CYS B 101 27.21 2.35 -18.07
CA CYS B 101 27.78 1.57 -16.96
C CYS B 101 28.67 0.42 -17.42
N GLY B 102 29.96 0.59 -17.16
CA GLY B 102 31.02 -0.38 -17.47
C GLY B 102 30.80 -1.75 -16.85
N GLY B 103 30.55 -1.81 -15.55
CA GLY B 103 30.23 -3.09 -14.90
C GLY B 103 29.17 -3.89 -15.66
N VAL B 104 28.11 -3.20 -16.08
CA VAL B 104 27.01 -3.80 -16.85
C VAL B 104 27.47 -4.32 -18.21
N THR B 105 28.26 -3.52 -18.92
CA THR B 105 28.84 -3.91 -20.21
C THR B 105 29.59 -5.23 -20.06
N ALA B 106 30.59 -5.25 -19.17
CA ALA B 106 31.42 -6.42 -18.95
C ALA B 106 30.59 -7.65 -18.63
N ALA B 107 29.44 -7.43 -17.97
CA ALA B 107 28.51 -8.52 -17.63
C ALA B 107 27.87 -9.12 -18.86
N ILE B 108 27.53 -8.26 -19.82
CA ILE B 108 27.11 -8.71 -21.17
C ILE B 108 28.31 -9.35 -21.91
N ASP B 109 29.33 -8.56 -22.21
CA ASP B 109 30.49 -9.02 -22.99
C ASP B 109 31.29 -10.18 -22.41
N ASN B 110 31.18 -10.40 -21.10
CA ASN B 110 31.97 -11.43 -20.37
C ASN B 110 33.49 -11.50 -20.63
N PRO B 111 34.19 -10.35 -20.66
CA PRO B 111 35.63 -10.51 -20.77
C PRO B 111 36.22 -10.86 -19.41
N GLN B 112 37.43 -11.40 -19.42
CA GLN B 112 38.13 -11.75 -18.20
C GLN B 112 38.80 -10.52 -17.63
N LEU B 113 38.48 -10.22 -16.37
CA LEU B 113 39.02 -9.03 -15.69
C LEU B 113 39.72 -9.33 -14.34
N GLY B 114 39.64 -10.55 -13.87
CA GLY B 114 40.12 -10.88 -12.51
C GLY B 114 38.96 -10.94 -11.52
N LEU B 115 39.22 -10.56 -10.26
CA LEU B 115 38.26 -10.72 -9.16
C LEU B 115 36.82 -10.30 -9.46
N ILE B 116 36.66 -9.09 -10.03
CA ILE B 116 35.36 -8.50 -10.34
C ILE B 116 34.41 -9.42 -11.12
N ASN B 117 34.96 -10.32 -11.94
CA ASN B 117 34.10 -11.29 -12.63
C ASN B 117 33.03 -11.96 -11.77
N ASN B 118 33.41 -12.43 -10.58
CA ASN B 118 32.49 -13.05 -9.63
C ASN B 118 31.28 -12.14 -9.27
N TRP B 119 31.55 -10.90 -8.83
CA TRP B 119 30.50 -9.89 -8.52
C TRP B 119 29.52 -9.65 -9.65
N LEU B 120 30.05 -9.56 -10.88
CA LEU B 120 29.23 -9.26 -12.03
C LEU B 120 28.38 -10.43 -12.51
N LEU B 121 28.85 -11.66 -12.31
CA LEU B 121 28.07 -12.87 -12.67
C LEU B 121 26.65 -12.80 -12.12
N HIS B 122 26.45 -11.94 -11.11
CA HIS B 122 25.12 -11.67 -10.56
C HIS B 122 24.23 -10.89 -11.54
N ILE B 123 24.81 -9.89 -12.21
CA ILE B 123 24.13 -9.16 -13.29
C ILE B 123 24.14 -9.95 -14.60
N ARG B 124 25.17 -10.77 -14.81
CA ARG B 124 25.21 -11.70 -15.93
C ARG B 124 24.04 -12.69 -15.83
N ASP B 125 23.63 -13.00 -14.59
CA ASP B 125 22.42 -13.78 -14.39
C ASP B 125 21.19 -13.07 -14.96
N TYR B 126 21.10 -11.75 -14.74
CA TYR B 126 20.00 -10.97 -15.28
C TYR B 126 20.11 -10.76 -16.79
N TYR B 127 21.34 -10.69 -17.29
CA TYR B 127 21.55 -10.73 -18.74
C TYR B 127 20.99 -11.99 -19.37
N LEU B 128 21.39 -13.15 -18.86
CA LEU B 128 20.92 -14.43 -19.41
C LEU B 128 19.41 -14.59 -19.27
N LYS B 129 18.87 -14.12 -18.15
CA LYS B 129 17.42 -14.09 -17.91
C LYS B 129 16.67 -13.39 -19.06
N HIS B 130 17.03 -12.15 -19.32
CA HIS B 130 16.28 -11.31 -20.27
C HIS B 130 16.89 -11.22 -21.69
N ARG B 131 17.80 -12.13 -22.00
CA ARG B 131 18.59 -12.09 -23.25
C ARG B 131 17.80 -12.12 -24.58
N GLU B 132 16.66 -12.79 -24.61
CA GLU B 132 15.81 -12.81 -25.82
C GLU B 132 15.32 -11.40 -26.17
N TYR B 133 14.75 -10.69 -25.20
CA TYR B 133 14.38 -9.29 -25.40
C TYR B 133 15.59 -8.42 -25.77
N LEU B 134 16.70 -8.66 -25.07
CA LEU B 134 17.92 -7.86 -25.21
C LEU B 134 18.52 -7.95 -26.61
N ASP B 135 18.78 -9.18 -27.06
CA ASP B 135 19.39 -9.42 -28.36
C ASP B 135 18.60 -8.86 -29.54
N LYS B 136 17.31 -8.57 -29.30
CA LYS B 136 16.41 -8.02 -30.29
C LYS B 136 16.59 -6.52 -30.59
N MET B 137 17.46 -5.84 -29.84
CA MET B 137 17.81 -4.45 -30.16
C MET B 137 19.28 -4.32 -30.60
N PRO B 138 19.66 -3.16 -31.19
CA PRO B 138 21.07 -3.03 -31.61
C PRO B 138 22.04 -3.18 -30.45
N ALA B 139 23.16 -3.85 -30.72
CA ALA B 139 24.18 -4.21 -29.72
C ALA B 139 24.73 -3.05 -28.92
N GLU B 140 24.67 -1.86 -29.52
CA GLU B 140 25.15 -0.63 -28.92
C GLU B 140 24.20 -0.14 -27.82
N ASP B 141 22.99 -0.67 -27.78
CA ASP B 141 21.98 -0.15 -26.85
C ASP B 141 21.59 -1.17 -25.77
N ARG B 142 22.28 -2.31 -25.78
CA ARG B 142 21.91 -3.44 -24.93
C ARG B 142 22.27 -3.28 -23.47
N SER B 143 23.41 -2.64 -23.21
CA SER B 143 23.93 -2.46 -21.87
C SER B 143 23.19 -1.34 -21.15
N ASP B 144 22.55 -0.45 -21.89
CA ASP B 144 21.76 0.62 -21.29
C ASP B 144 20.40 0.08 -20.89
N LYS B 145 19.91 -0.89 -21.68
CA LYS B 145 18.70 -1.64 -21.32
C LYS B 145 18.91 -2.53 -20.10
N LEU B 146 20.06 -3.21 -20.02
CA LEU B 146 20.41 -4.01 -18.84
C LEU B 146 20.73 -3.11 -17.67
N ALA B 147 21.15 -1.87 -17.94
CA ALA B 147 21.30 -0.90 -16.87
C ALA B 147 19.92 -0.55 -16.28
N GLU B 148 18.88 -0.58 -17.12
CA GLU B 148 17.49 -0.35 -16.69
C GLU B 148 16.90 -1.59 -16.02
N ILE B 149 17.12 -2.75 -16.65
CA ILE B 149 16.60 -4.01 -16.13
C ILE B 149 17.30 -4.21 -14.80
N ASN B 150 18.60 -3.93 -14.76
CA ASN B 150 19.36 -3.99 -13.52
C ASN B 150 18.70 -3.20 -12.40
N VAL B 151 18.29 -1.97 -12.68
CA VAL B 151 17.63 -1.20 -11.64
C VAL B 151 16.38 -1.95 -11.19
N ALA B 152 15.52 -2.36 -12.13
CA ALA B 152 14.29 -3.06 -11.72
C ALA B 152 14.53 -4.35 -10.90
N GLU B 153 15.55 -5.15 -11.25
CA GLU B 153 15.83 -6.38 -10.47
C GLU B 153 16.39 -6.08 -9.06
N GLN B 154 17.34 -5.14 -8.97
CA GLN B 154 18.01 -4.83 -7.70
C GLN B 154 17.04 -4.23 -6.68
N VAL B 155 16.04 -3.50 -7.18
CA VAL B 155 14.99 -2.91 -6.36
C VAL B 155 14.07 -3.98 -5.77
N TYR B 156 13.59 -4.89 -6.61
CA TYR B 156 12.85 -6.08 -6.18
C TYR B 156 13.62 -6.88 -5.15
N ASN B 157 14.94 -7.06 -5.35
CA ASN B 157 15.76 -7.73 -4.33
C ASN B 157 15.71 -6.93 -3.00
N LEU B 158 15.89 -5.61 -3.07
CA LEU B 158 15.82 -4.77 -1.86
C LEU B 158 14.50 -4.96 -1.14
N ALA B 159 13.42 -5.07 -1.91
CA ALA B 159 12.09 -5.20 -1.34
C ALA B 159 11.96 -6.54 -0.64
N ASN B 160 12.68 -7.52 -1.17
CA ASN B 160 12.63 -8.90 -0.69
C ASN B 160 13.61 -9.28 0.43
N SER B 161 14.53 -8.40 0.80
CA SER B 161 15.43 -8.63 1.94
C SER B 161 14.62 -8.66 3.22
N THR B 162 15.10 -9.39 4.21
CA THR B 162 14.42 -9.42 5.53
C THR B 162 14.30 -8.02 6.15
N VAL B 163 15.27 -7.15 5.84
CA VAL B 163 15.27 -5.77 6.36
C VAL B 163 14.02 -4.98 5.96
N LEU B 164 13.69 -4.97 4.66
CA LEU B 164 12.49 -4.26 4.15
C LEU B 164 11.19 -4.93 4.56
N GLN B 165 11.14 -6.24 4.39
CA GLN B 165 10.04 -7.08 4.83
C GLN B 165 9.67 -6.81 6.31
N ASN B 166 10.68 -6.93 7.19
CA ASN B 166 10.53 -6.68 8.64
C ASN B 166 10.16 -5.24 9.03
N ALA B 167 10.63 -4.27 8.25
CA ALA B 167 10.25 -2.86 8.43
C ALA B 167 8.75 -2.67 8.14
N TRP B 168 8.30 -3.28 7.04
CA TRP B 168 6.92 -3.14 6.60
C TRP B 168 5.96 -3.97 7.47
N GLU B 169 6.35 -5.21 7.83
CA GLU B 169 5.61 -6.02 8.78
C GLU B 169 5.40 -5.31 10.15
N ARG B 170 6.28 -4.41 10.55
CA ARG B 170 6.02 -3.73 11.83
C ARG B 170 5.28 -2.39 11.67
N GLY B 171 5.07 -1.96 10.42
CA GLY B 171 4.28 -0.76 10.14
C GLY B 171 5.07 0.52 10.05
N GLN B 172 6.40 0.39 10.08
CA GLN B 172 7.27 1.54 9.87
C GLN B 172 7.05 2.05 8.45
N ALA B 173 7.02 3.37 8.28
CA ALA B 173 6.85 3.97 6.95
C ALA B 173 8.20 4.02 6.21
N VAL B 174 8.34 3.16 5.22
CA VAL B 174 9.57 3.10 4.40
C VAL B 174 9.11 2.75 2.99
N GLU B 175 9.70 3.37 1.99
CA GLU B 175 9.46 2.95 0.60
C GLU B 175 10.71 2.90 -0.26
N VAL B 176 10.56 2.32 -1.45
CA VAL B 176 11.67 1.95 -2.32
C VAL B 176 11.41 2.40 -3.75
N HIS B 177 12.48 2.81 -4.44
CA HIS B 177 12.36 3.37 -5.79
C HIS B 177 13.52 2.95 -6.67
N GLY B 178 13.24 2.79 -7.96
CA GLY B 178 14.24 2.61 -8.99
C GLY B 178 14.29 3.85 -9.87
N PHE B 179 15.43 4.54 -9.83
CA PHE B 179 15.74 5.67 -10.70
C PHE B 179 16.76 5.18 -11.74
N VAL B 180 16.80 5.86 -12.89
CA VAL B 180 17.88 5.72 -13.89
C VAL B 180 18.07 7.02 -14.68
N TYR B 181 19.28 7.27 -15.16
CA TYR B 181 19.49 8.43 -16.02
C TYR B 181 20.47 8.11 -17.14
N GLY B 182 20.39 8.89 -18.21
CA GLY B 182 21.40 8.88 -19.27
C GLY B 182 22.41 9.99 -19.03
N ILE B 183 23.62 9.79 -19.54
CA ILE B 183 24.70 10.72 -19.22
C ILE B 183 24.56 12.05 -19.96
N GLU B 184 23.94 12.02 -21.14
CA GLU B 184 23.80 13.22 -21.97
C GLU B 184 22.94 14.35 -21.37
N ASP B 185 21.97 14.01 -20.52
CA ASP B 185 21.18 15.04 -19.83
C ASP B 185 21.18 14.95 -18.30
N GLY B 186 21.55 13.79 -17.76
CA GLY B 186 21.51 13.56 -16.30
C GLY B 186 20.12 13.71 -15.71
N ARG B 187 19.12 13.40 -16.52
CA ARG B 187 17.72 13.53 -16.14
C ARG B 187 17.16 12.20 -15.61
N LEU B 188 16.52 12.25 -14.43
CA LEU B 188 16.00 11.05 -13.80
C LEU B 188 14.75 10.48 -14.45
N GLU B 189 14.71 9.16 -14.59
CA GLU B 189 13.49 8.44 -14.98
C GLU B 189 13.19 7.41 -13.93
N TYR B 190 11.95 7.49 -13.44
CA TYR B 190 11.38 6.59 -12.46
C TYR B 190 11.02 5.25 -13.08
N LEU B 191 11.29 4.15 -12.36
CA LEU B 191 10.97 2.82 -12.84
C LEU B 191 9.86 2.19 -11.99
N GLY B 192 8.76 1.80 -12.64
CA GLY B 192 7.61 1.27 -11.90
C GLY B 192 6.83 2.27 -11.08
N VAL B 193 6.36 1.82 -9.90
CA VAL B 193 5.31 2.54 -9.13
C VAL B 193 5.66 2.73 -7.63
N ARG B 194 4.70 3.16 -6.83
CA ARG B 194 4.96 3.37 -5.39
C ARG B 194 4.95 2.05 -4.59
N CYS B 195 5.99 1.85 -3.78
CA CYS B 195 6.15 0.63 -2.99
C CYS B 195 6.38 0.93 -1.52
N ALA B 196 5.28 1.16 -0.80
CA ALA B 196 5.37 1.56 0.59
C ALA B 196 4.89 0.43 1.49
N SER B 197 4.79 -0.77 0.92
CA SER B 197 4.38 -1.98 1.65
C SER B 197 4.71 -3.24 0.87
N ARG B 198 4.79 -4.37 1.59
CA ARG B 198 5.04 -5.71 1.01
C ARG B 198 4.03 -6.07 -0.08
N SER B 199 2.78 -5.61 0.09
CA SER B 199 1.74 -5.73 -0.92
C SER B 199 2.14 -5.16 -2.28
N ALA B 200 2.89 -4.06 -2.28
CA ALA B 200 3.21 -3.31 -3.49
C ALA B 200 4.39 -3.87 -4.31
N VAL B 201 5.09 -4.84 -3.76
CA VAL B 201 6.38 -5.31 -4.32
C VAL B 201 6.24 -6.02 -5.67
N GLU B 202 5.36 -7.02 -5.75
CA GLU B 202 5.10 -7.70 -7.01
C GLU B 202 4.54 -6.74 -8.08
N ASP B 203 3.75 -5.78 -7.63
CA ASP B 203 3.15 -4.74 -8.48
C ASP B 203 4.21 -3.78 -9.07
N ASN B 204 5.04 -3.19 -8.21
CA ASN B 204 6.19 -2.37 -8.64
C ASN B 204 7.12 -3.10 -9.61
N TYR B 205 7.29 -4.40 -9.38
CA TYR B 205 8.19 -5.24 -10.15
C TYR B 205 7.76 -5.37 -11.61
N HIS B 206 6.56 -5.89 -11.83
CA HIS B 206 6.04 -6.09 -13.19
C HIS B 206 5.77 -4.83 -13.99
N LYS B 207 5.41 -3.74 -13.31
CA LYS B 207 5.16 -2.46 -13.99
C LYS B 207 6.45 -1.73 -14.38
N ALA B 208 7.49 -1.82 -13.54
CA ALA B 208 8.79 -1.34 -13.97
C ALA B 208 9.22 -2.14 -15.19
N LEU B 209 9.11 -3.47 -15.11
CA LEU B 209 9.49 -4.31 -16.23
C LEU B 209 8.63 -4.11 -17.49
N GLU B 210 7.39 -3.64 -17.28
CA GLU B 210 6.50 -3.25 -18.37
C GLU B 210 7.04 -2.02 -19.13
N LYS B 211 7.34 -0.94 -18.42
CA LYS B 211 7.94 0.26 -19.02
C LYS B 211 9.30 -0.07 -19.66
N ILE B 212 10.12 -0.88 -18.98
CA ILE B 212 11.46 -1.24 -19.45
C ILE B 212 11.43 -2.15 -20.71
N LEU B 213 10.82 -3.33 -20.56
CA LEU B 213 10.75 -4.31 -21.65
C LEU B 213 9.58 -4.00 -22.60
N ASN B 214 9.47 -2.73 -22.98
CA ASN B 214 8.33 -2.23 -23.75
C ASN B 214 8.23 -2.82 -25.16
N PRO B 215 7.02 -2.84 -25.75
CA PRO B 215 6.80 -3.43 -27.07
C PRO B 215 7.78 -2.95 -28.14
N ASN B 216 8.21 -1.69 -28.06
CA ASN B 216 9.02 -1.03 -29.11
C ASN B 216 10.53 -1.16 -28.97
N HIS B 217 10.98 -1.80 -27.90
CA HIS B 217 12.42 -1.96 -27.56
C HIS B 217 13.16 -0.63 -27.47
N ARG B 218 12.51 0.36 -26.87
CA ARG B 218 13.11 1.67 -26.70
C ARG B 218 13.80 1.83 -25.35
N LEU B 219 14.97 2.45 -25.41
CA LEU B 219 15.66 2.99 -24.24
C LEU B 219 14.92 4.19 -23.67
N LEU B 220 14.85 4.24 -22.33
CA LEU B 220 14.07 5.26 -21.66
C LEU B 220 14.69 6.64 -21.66
N CYS B 221 16.03 6.71 -21.71
CA CYS B 221 16.69 8.00 -21.43
C CYS B 221 17.69 8.51 -22.49
N ARG B 222 17.56 8.03 -23.73
CA ARG B 222 18.25 8.64 -24.88
C ARG B 222 17.77 7.99 -26.18
N MET C 1 -31.73 -17.67 -20.18
CA MET C 1 -30.28 -18.03 -20.14
C MET C 1 -30.02 -19.11 -19.10
N PRO C 2 -29.06 -20.02 -19.39
CA PRO C 2 -28.65 -21.11 -18.49
C PRO C 2 -28.34 -20.74 -17.03
N GLU C 3 -27.64 -19.64 -16.78
CA GLU C 3 -27.35 -19.18 -15.40
C GLU C 3 -28.63 -18.94 -14.62
N ILE C 4 -29.53 -18.17 -15.23
CA ILE C 4 -30.78 -17.77 -14.59
C ILE C 4 -31.76 -18.94 -14.50
N LYS C 5 -32.01 -19.61 -15.64
CA LYS C 5 -32.84 -20.83 -15.66
C LYS C 5 -32.57 -21.74 -14.47
N GLN C 6 -31.28 -21.84 -14.11
CA GLN C 6 -30.80 -22.63 -12.96
C GLN C 6 -31.32 -22.15 -11.60
N LEU C 7 -31.38 -20.83 -11.42
CA LEU C 7 -31.87 -20.24 -10.18
C LEU C 7 -33.32 -20.63 -9.92
N PHE C 8 -34.14 -20.69 -10.97
CA PHE C 8 -35.52 -21.13 -10.83
C PHE C 8 -35.64 -22.61 -10.46
N GLU C 9 -34.84 -23.45 -11.11
CA GLU C 9 -34.73 -24.88 -10.76
C GLU C 9 -34.28 -25.02 -9.29
N ASN C 10 -33.12 -24.42 -8.98
CA ASN C 10 -32.63 -24.28 -7.61
C ASN C 10 -33.75 -23.94 -6.62
N ASN C 11 -34.46 -22.85 -6.90
CA ASN C 11 -35.58 -22.35 -6.11
C ASN C 11 -36.77 -23.32 -5.96
N SER C 12 -37.21 -23.85 -7.10
CA SER C 12 -38.30 -24.82 -7.11
C SER C 12 -37.95 -26.03 -6.22
N LYS C 13 -36.68 -26.44 -6.23
CA LYS C 13 -36.22 -27.58 -5.41
C LYS C 13 -36.22 -27.26 -3.92
N TRP C 14 -35.67 -26.10 -3.57
CA TRP C 14 -35.67 -25.62 -2.19
C TRP C 14 -37.09 -25.40 -1.70
N SER C 15 -37.93 -24.80 -2.54
CA SER C 15 -39.29 -24.49 -2.14
C SER C 15 -39.97 -25.80 -1.78
N ALA C 16 -40.24 -26.62 -2.81
CA ALA C 16 -40.98 -27.87 -2.63
C ALA C 16 -40.41 -28.67 -1.46
N SER C 17 -39.08 -28.75 -1.39
CA SER C 17 -38.44 -29.54 -0.35
C SER C 17 -38.65 -28.97 1.05
N ILE C 18 -38.54 -27.66 1.23
CA ILE C 18 -38.83 -27.06 2.56
C ILE C 18 -40.34 -27.07 2.80
N LYS C 19 -41.12 -26.83 1.74
CA LYS C 19 -42.58 -26.86 1.82
C LYS C 19 -43.09 -28.18 2.43
N ALA C 20 -42.60 -29.30 1.91
CA ALA C 20 -43.05 -30.63 2.35
C ALA C 20 -42.51 -31.02 3.72
N GLU C 21 -41.28 -30.61 4.02
CA GLU C 21 -40.61 -30.96 5.24
C GLU C 21 -41.01 -30.07 6.40
N THR C 22 -41.20 -28.77 6.11
CA THR C 22 -41.46 -27.78 7.13
C THR C 22 -42.54 -26.77 6.70
N PRO C 23 -43.79 -27.25 6.53
CA PRO C 23 -44.89 -26.38 6.07
C PRO C 23 -45.20 -25.21 7.02
N GLU C 24 -44.85 -25.35 8.29
CA GLU C 24 -45.09 -24.29 9.26
C GLU C 24 -44.29 -23.04 8.90
N TYR C 25 -43.13 -23.24 8.25
CA TYR C 25 -42.26 -22.13 7.84
C TYR C 25 -43.01 -21.08 7.03
N PHE C 26 -43.73 -21.52 6.01
CA PHE C 26 -44.46 -20.58 5.16
C PHE C 26 -45.75 -20.11 5.83
N ALA C 27 -46.31 -20.97 6.68
CA ALA C 27 -47.47 -20.59 7.51
C ALA C 27 -47.14 -19.41 8.43
N LYS C 28 -45.98 -19.47 9.09
CA LYS C 28 -45.61 -18.39 9.99
C LYS C 28 -45.27 -17.11 9.21
N LEU C 29 -44.33 -17.18 8.26
CA LEU C 29 -43.92 -16.02 7.45
C LEU C 29 -45.10 -15.29 6.79
N ALA C 30 -46.04 -16.09 6.29
CA ALA C 30 -47.25 -15.60 5.61
C ALA C 30 -48.07 -14.58 6.41
N LYS C 31 -47.99 -14.63 7.73
CA LYS C 31 -48.75 -13.72 8.57
C LYS C 31 -48.10 -12.34 8.74
N GLY C 32 -47.00 -12.15 8.02
CA GLY C 32 -46.36 -10.84 7.83
C GLY C 32 -45.97 -10.15 9.13
N GLN C 33 -45.60 -10.95 10.12
CA GLN C 33 -45.33 -10.49 11.49
C GLN C 33 -44.05 -9.63 11.58
N ASN C 34 -43.98 -8.74 12.58
CA ASN C 34 -42.89 -7.74 12.69
C ASN C 34 -41.48 -8.32 12.90
N PRO C 35 -40.43 -7.66 12.34
CA PRO C 35 -39.05 -8.06 12.58
C PRO C 35 -38.52 -7.53 13.92
N ASP C 36 -37.35 -8.01 14.33
CA ASP C 36 -36.83 -7.81 15.69
C ASP C 36 -35.60 -6.89 15.74
N PHE C 37 -34.77 -6.97 14.70
CA PHE C 37 -33.65 -6.10 14.56
C PHE C 37 -33.66 -5.52 13.14
N LEU C 38 -33.33 -4.24 12.99
CA LEU C 38 -32.85 -3.75 11.71
C LEU C 38 -31.36 -4.07 11.58
N TRP C 39 -30.98 -4.68 10.46
CA TRP C 39 -29.60 -4.96 10.13
C TRP C 39 -29.15 -4.09 8.96
N ILE C 40 -28.12 -3.29 9.19
CA ILE C 40 -27.51 -2.42 8.19
C ILE C 40 -26.11 -2.97 7.87
N GLY C 41 -25.94 -3.56 6.70
CA GLY C 41 -24.67 -4.23 6.39
C GLY C 41 -24.08 -3.86 5.04
N CYS C 42 -22.93 -4.40 4.71
CA CYS C 42 -22.37 -4.10 3.39
C CYS C 42 -22.97 -4.91 2.24
N ALA C 43 -23.13 -4.25 1.09
CA ALA C 43 -23.49 -4.90 -0.16
C ALA C 43 -22.75 -6.23 -0.35
N ASP C 44 -21.49 -6.28 0.05
CA ASP C 44 -20.63 -7.46 -0.03
C ASP C 44 -21.20 -8.73 0.59
N SER C 45 -21.94 -8.57 1.69
CA SER C 45 -22.49 -9.70 2.46
C SER C 45 -21.62 -10.94 2.39
N ARG C 46 -20.45 -10.84 3.02
CA ARG C 46 -19.45 -11.90 3.03
C ARG C 46 -20.04 -13.19 3.59
N VAL C 47 -20.63 -13.06 4.78
CA VAL C 47 -21.47 -14.10 5.35
C VAL C 47 -22.84 -13.42 5.49
N PRO C 48 -23.94 -14.12 5.14
CA PRO C 48 -25.28 -13.54 5.31
C PRO C 48 -25.63 -13.31 6.77
N ALA C 49 -26.27 -12.19 7.07
CA ALA C 49 -26.71 -11.85 8.42
C ALA C 49 -27.50 -12.99 9.07
N GLU C 50 -28.23 -13.76 8.27
CA GLU C 50 -29.03 -14.90 8.74
C GLU C 50 -28.16 -16.00 9.38
N ARG C 51 -27.02 -16.29 8.77
CA ARG C 51 -26.03 -17.28 9.26
C ARG C 51 -25.16 -16.72 10.40
N LEU C 52 -24.88 -15.43 10.33
CA LEU C 52 -24.09 -14.79 11.38
C LEU C 52 -24.83 -14.79 12.72
N THR C 53 -26.16 -14.73 12.67
CA THR C 53 -26.97 -14.50 13.88
C THR C 53 -27.91 -15.67 14.22
N GLY C 54 -27.86 -16.72 13.41
CA GLY C 54 -28.81 -17.85 13.50
C GLY C 54 -30.27 -17.50 13.15
N LEU C 55 -30.55 -16.23 12.91
CA LEU C 55 -31.94 -15.82 12.69
C LEU C 55 -32.33 -15.95 11.21
N TYR C 56 -33.01 -17.04 10.88
CA TYR C 56 -33.38 -17.35 9.49
C TYR C 56 -34.86 -17.14 9.16
N SER C 57 -35.69 -16.76 10.14
CA SER C 57 -37.16 -16.79 9.97
C SER C 57 -37.85 -15.45 9.81
N GLY C 58 -37.11 -14.45 9.37
CA GLY C 58 -37.68 -13.13 9.19
C GLY C 58 -37.51 -12.12 10.31
N GLU C 59 -36.91 -12.54 11.44
CA GLU C 59 -36.60 -11.64 12.57
C GLU C 59 -35.85 -10.38 12.18
N LEU C 60 -34.98 -10.48 11.17
CA LEU C 60 -34.18 -9.34 10.68
C LEU C 60 -34.89 -8.52 9.62
N PHE C 61 -34.70 -7.21 9.68
CA PHE C 61 -35.11 -6.27 8.63
C PHE C 61 -33.80 -5.73 8.13
N VAL C 62 -33.63 -5.67 6.82
CA VAL C 62 -32.27 -5.53 6.24
C VAL C 62 -32.10 -4.41 5.21
N HIS C 63 -31.19 -3.46 5.50
CA HIS C 63 -30.69 -2.52 4.49
C HIS C 63 -29.19 -2.80 4.26
N ARG C 64 -28.81 -2.85 2.99
CA ARG C 64 -27.38 -2.99 2.65
C ARG C 64 -26.94 -1.97 1.60
N ASN C 65 -25.86 -1.27 1.93
CA ASN C 65 -25.22 -0.38 0.99
C ASN C 65 -23.71 -0.63 0.91
N VAL C 66 -23.06 0.07 -0.01
CA VAL C 66 -21.62 -0.08 -0.23
C VAL C 66 -20.87 0.38 1.01
N ALA C 67 -20.26 -0.62 1.65
CA ALA C 67 -19.55 -0.50 2.94
C ALA C 67 -20.41 -0.01 4.10
N ASN C 68 -21.61 -0.58 4.23
CA ASN C 68 -22.43 -0.38 5.44
C ASN C 68 -22.43 1.05 6.04
N GLN C 69 -22.72 2.05 5.21
CA GLN C 69 -22.70 3.42 5.69
C GLN C 69 -24.05 3.90 6.21
N VAL C 70 -24.03 4.79 7.21
CA VAL C 70 -25.19 5.63 7.57
C VAL C 70 -24.83 7.09 7.21
N ILE C 71 -25.18 7.47 5.99
CA ILE C 71 -24.83 8.79 5.50
C ILE C 71 -25.87 9.77 6.08
N HIS C 72 -25.40 10.80 6.80
CA HIS C 72 -26.34 11.72 7.51
C HIS C 72 -27.49 12.08 6.56
N THR C 73 -27.14 12.34 5.31
CA THR C 73 -28.09 12.88 4.33
C THR C 73 -28.57 11.82 3.32
N ASP C 74 -28.48 10.55 3.72
CA ASP C 74 -28.95 9.48 2.85
C ASP C 74 -30.37 9.04 3.20
N LEU C 75 -31.33 9.45 2.36
CA LEU C 75 -32.73 9.15 2.56
C LEU C 75 -33.10 7.68 2.30
N ASN C 76 -32.23 6.95 1.61
CA ASN C 76 -32.42 5.51 1.48
C ASN C 76 -32.39 4.88 2.89
N CYS C 77 -31.21 4.88 3.50
CA CYS C 77 -31.01 4.33 4.84
C CYS C 77 -31.91 4.94 5.94
N LEU C 78 -32.28 6.23 5.83
CA LEU C 78 -33.17 6.85 6.83
C LEU C 78 -34.61 6.35 6.70
N SER C 79 -35.04 6.06 5.47
CA SER C 79 -36.37 5.54 5.19
C SER C 79 -36.52 4.10 5.73
N VAL C 80 -35.45 3.32 5.62
CA VAL C 80 -35.44 1.98 6.23
C VAL C 80 -35.36 2.10 7.77
N VAL C 81 -34.45 2.96 8.26
CA VAL C 81 -34.32 3.22 9.72
C VAL C 81 -35.61 3.76 10.33
N GLN C 82 -36.13 4.83 9.76
CA GLN C 82 -37.30 5.51 10.34
C GLN C 82 -38.52 4.59 10.35
N TYR C 83 -38.71 3.80 9.30
CA TYR C 83 -39.79 2.81 9.22
C TYR C 83 -39.68 1.71 10.32
N ALA C 84 -38.55 1.01 10.38
CA ALA C 84 -38.34 -0.10 11.32
C ALA C 84 -38.48 0.31 12.80
N VAL C 85 -38.07 1.55 13.09
CA VAL C 85 -38.08 2.11 14.46
C VAL C 85 -39.47 2.62 14.86
N ASP C 86 -40.01 3.57 14.10
CA ASP C 86 -41.31 4.16 14.43
C ASP C 86 -42.46 3.22 14.08
N VAL C 87 -42.39 2.60 12.90
CA VAL C 87 -43.51 1.79 12.39
C VAL C 87 -43.40 0.36 12.93
N LEU C 88 -42.41 -0.39 12.44
CA LEU C 88 -42.20 -1.79 12.85
C LEU C 88 -41.83 -1.89 14.33
N GLN C 89 -41.50 -0.74 14.93
CA GLN C 89 -41.09 -0.64 16.34
C GLN C 89 -39.99 -1.61 16.79
N VAL C 90 -38.92 -1.71 15.99
CA VAL C 90 -37.80 -2.62 16.33
C VAL C 90 -36.92 -2.05 17.43
N LYS C 91 -36.45 -2.96 18.27
CA LYS C 91 -35.77 -2.65 19.53
C LYS C 91 -34.29 -2.40 19.34
N HIS C 92 -33.68 -3.05 18.36
CA HIS C 92 -32.24 -2.94 18.11
C HIS C 92 -31.95 -2.67 16.64
N ILE C 93 -30.97 -1.80 16.42
CA ILE C 93 -30.46 -1.50 15.10
C ILE C 93 -28.99 -1.86 15.12
N ILE C 94 -28.59 -2.63 14.12
CA ILE C 94 -27.21 -3.05 13.99
C ILE C 94 -26.63 -2.53 12.68
N VAL C 95 -25.44 -1.94 12.80
CA VAL C 95 -24.57 -1.70 11.67
C VAL C 95 -23.45 -2.73 11.72
N CYS C 96 -23.39 -3.58 10.71
CA CYS C 96 -22.30 -4.55 10.63
C CYS C 96 -21.37 -4.33 9.45
N GLY C 97 -20.11 -4.11 9.80
CA GLY C 97 -19.01 -4.09 8.83
C GLY C 97 -18.22 -5.38 8.94
N HIS C 98 -17.17 -5.49 8.15
CA HIS C 98 -16.48 -6.76 7.97
C HIS C 98 -15.09 -6.54 7.43
N TYR C 99 -14.22 -7.54 7.58
CA TYR C 99 -12.88 -7.50 6.97
C TYR C 99 -12.93 -7.88 5.48
N GLY C 100 -11.91 -7.50 4.72
CA GLY C 100 -11.90 -7.68 3.26
C GLY C 100 -13.00 -6.95 2.51
N CYS C 101 -13.33 -5.72 2.96
CA CYS C 101 -14.33 -4.86 2.31
C CYS C 101 -13.68 -3.99 1.24
N GLY C 102 -13.86 -4.38 -0.02
CA GLY C 102 -13.26 -3.70 -1.16
C GLY C 102 -13.57 -2.22 -1.21
N GLY C 103 -14.84 -1.87 -0.92
CA GLY C 103 -15.26 -0.48 -0.82
C GLY C 103 -14.43 0.33 0.17
N VAL C 104 -14.23 -0.24 1.36
CA VAL C 104 -13.30 0.35 2.34
C VAL C 104 -11.88 0.46 1.76
N THR C 105 -11.40 -0.62 1.17
CA THR C 105 -10.09 -0.64 0.46
C THR C 105 -9.95 0.54 -0.52
N ALA C 106 -10.92 0.64 -1.43
CA ALA C 106 -10.91 1.62 -2.52
C ALA C 106 -11.04 3.06 -2.02
N ALA C 107 -11.39 3.20 -0.75
CA ALA C 107 -11.45 4.50 -0.10
C ALA C 107 -10.08 4.95 0.43
N ILE C 108 -9.28 3.99 0.89
CA ILE C 108 -7.87 4.21 1.21
C ILE C 108 -7.03 4.41 -0.08
N ASP C 109 -7.10 3.45 -0.99
CA ASP C 109 -6.29 3.46 -2.23
C ASP C 109 -6.71 4.51 -3.23
N ASN C 110 -8.01 4.78 -3.33
CA ASN C 110 -8.56 5.81 -4.22
C ASN C 110 -8.26 5.54 -5.72
N PRO C 111 -8.64 4.35 -6.23
CA PRO C 111 -8.60 4.23 -7.68
C PRO C 111 -9.75 5.05 -8.27
N GLN C 112 -9.67 5.32 -9.57
CA GLN C 112 -10.75 5.97 -10.28
C GLN C 112 -11.70 4.87 -10.69
N LEU C 113 -12.85 4.83 -10.02
CA LEU C 113 -13.79 3.72 -10.19
C LEU C 113 -15.10 4.12 -10.84
N GLY C 114 -15.34 5.43 -10.99
CA GLY C 114 -16.61 5.95 -11.52
C GLY C 114 -17.53 6.48 -10.44
N LEU C 115 -18.84 6.34 -10.66
CA LEU C 115 -19.85 6.91 -9.75
C LEU C 115 -19.49 6.66 -8.28
N ILE C 116 -19.20 5.40 -7.98
CA ILE C 116 -18.95 4.90 -6.65
C ILE C 116 -17.97 5.72 -5.81
N ASN C 117 -16.90 6.25 -6.41
CA ASN C 117 -15.92 7.02 -5.65
C ASN C 117 -16.56 8.17 -4.87
N ASN C 118 -17.61 8.77 -5.45
CA ASN C 118 -18.40 9.81 -4.78
C ASN C 118 -19.02 9.34 -3.47
N TRP C 119 -19.67 8.17 -3.52
CA TRP C 119 -20.20 7.48 -2.33
C TRP C 119 -19.08 7.26 -1.32
N LEU C 120 -17.95 6.75 -1.83
CA LEU C 120 -16.84 6.37 -0.99
C LEU C 120 -16.03 7.52 -0.41
N LEU C 121 -16.18 8.73 -0.95
CA LEU C 121 -15.49 9.88 -0.38
C LEU C 121 -15.82 10.08 1.11
N HIS C 122 -16.98 9.57 1.55
CA HIS C 122 -17.37 9.64 2.97
C HIS C 122 -16.43 8.83 3.87
N ILE C 123 -16.10 7.62 3.41
CA ILE C 123 -15.15 6.74 4.10
C ILE C 123 -13.74 7.32 4.01
N ARG C 124 -13.43 7.93 2.85
CA ARG C 124 -12.10 8.49 2.62
C ARG C 124 -11.81 9.62 3.61
N ASP C 125 -12.84 10.43 3.90
CA ASP C 125 -12.80 11.42 4.97
C ASP C 125 -12.47 10.80 6.33
N TYR C 126 -12.95 9.58 6.54
CA TYR C 126 -12.64 8.83 7.75
C TYR C 126 -11.21 8.27 7.70
N TYR C 127 -10.76 7.81 6.53
CA TYR C 127 -9.34 7.46 6.36
C TYR C 127 -8.46 8.65 6.73
N LEU C 128 -8.76 9.81 6.14
CA LEU C 128 -7.97 11.02 6.36
C LEU C 128 -8.14 11.58 7.78
N LYS C 129 -9.26 11.29 8.42
CA LYS C 129 -9.46 11.69 9.82
C LYS C 129 -8.56 10.87 10.75
N HIS C 130 -8.45 9.56 10.46
CA HIS C 130 -7.70 8.63 11.31
C HIS C 130 -6.39 8.18 10.64
N ARG C 131 -5.82 9.02 9.78
CA ARG C 131 -4.60 8.63 9.05
C ARG C 131 -3.41 8.37 9.97
N GLU C 132 -3.10 9.30 10.87
CA GLU C 132 -1.92 9.18 11.74
C GLU C 132 -1.82 7.81 12.45
N TYR C 133 -2.95 7.30 12.91
CA TYR C 133 -3.03 5.93 13.43
C TYR C 133 -2.96 4.85 12.33
N LEU C 134 -3.74 5.02 11.26
CA LEU C 134 -3.83 4.00 10.21
C LEU C 134 -2.54 3.75 9.42
N ASP C 135 -1.79 4.82 9.17
CA ASP C 135 -0.51 4.70 8.49
C ASP C 135 0.62 4.28 9.44
N LYS C 136 0.28 4.04 10.71
CA LYS C 136 1.15 3.36 11.66
C LYS C 136 0.91 1.84 11.66
N MET C 137 -0.26 1.42 11.17
CA MET C 137 -0.55 0.01 10.92
C MET C 137 0.31 -0.49 9.74
N PRO C 138 0.65 -1.79 9.71
CA PRO C 138 1.11 -2.34 8.44
C PRO C 138 0.05 -2.15 7.35
N ALA C 139 0.47 -1.80 6.14
CA ALA C 139 -0.46 -1.48 5.03
C ALA C 139 -1.54 -2.53 4.83
N GLU C 140 -1.16 -3.80 4.92
CA GLU C 140 -2.03 -4.96 4.77
C GLU C 140 -3.17 -5.00 5.77
N ASP C 141 -2.97 -4.37 6.94
CA ASP C 141 -3.96 -4.31 8.03
C ASP C 141 -4.77 -2.99 8.07
N ARG C 142 -4.68 -2.20 7.02
CA ARG C 142 -5.24 -0.85 7.02
C ARG C 142 -6.73 -0.82 6.72
N SER C 143 -7.12 -1.42 5.60
CA SER C 143 -8.51 -1.52 5.24
C SER C 143 -9.35 -2.20 6.31
N ASP C 144 -8.80 -3.22 6.97
CA ASP C 144 -9.50 -3.87 8.09
C ASP C 144 -9.60 -2.99 9.35
N LYS C 145 -8.56 -2.23 9.67
CA LYS C 145 -8.69 -1.29 10.78
C LYS C 145 -9.69 -0.17 10.43
N LEU C 146 -9.67 0.28 9.17
CA LEU C 146 -10.65 1.27 8.70
C LEU C 146 -12.08 0.74 8.80
N ALA C 147 -12.28 -0.52 8.38
CA ALA C 147 -13.59 -1.15 8.47
C ALA C 147 -14.15 -1.06 9.91
N GLU C 148 -13.26 -1.20 10.91
CA GLU C 148 -13.60 -1.15 12.35
C GLU C 148 -13.99 0.27 12.74
N ILE C 149 -13.05 1.21 12.56
CA ILE C 149 -13.30 2.65 12.69
C ILE C 149 -14.63 3.02 12.05
N ASN C 150 -14.85 2.61 10.80
CA ASN C 150 -16.05 3.01 10.06
C ASN C 150 -17.37 2.64 10.75
N VAL C 151 -17.46 1.43 11.31
CA VAL C 151 -18.65 1.05 12.06
C VAL C 151 -18.84 2.00 13.27
N ALA C 152 -17.76 2.31 13.99
CA ALA C 152 -17.85 3.29 15.10
C ALA C 152 -18.40 4.65 14.60
N GLU C 153 -17.94 5.08 13.42
CA GLU C 153 -18.39 6.31 12.78
C GLU C 153 -19.87 6.26 12.31
N GLN C 154 -20.26 5.16 11.64
CA GLN C 154 -21.60 5.07 11.06
C GLN C 154 -22.63 4.91 12.18
N VAL C 155 -22.27 4.19 13.24
CA VAL C 155 -23.15 4.07 14.40
C VAL C 155 -23.32 5.44 15.01
N TYR C 156 -22.21 6.17 15.17
CA TYR C 156 -22.28 7.56 15.66
C TYR C 156 -23.29 8.41 14.88
N ASN C 157 -23.19 8.40 13.55
CA ASN C 157 -24.20 9.03 12.66
C ASN C 157 -25.64 8.52 12.85
N LEU C 158 -25.79 7.21 12.98
CA LEU C 158 -27.10 6.60 13.16
C LEU C 158 -27.83 7.19 14.38
N ALA C 159 -27.14 7.21 15.51
CA ALA C 159 -27.72 7.70 16.77
C ALA C 159 -27.88 9.22 16.79
N ASN C 160 -27.10 9.90 15.95
CA ASN C 160 -27.21 11.34 15.83
C ASN C 160 -28.32 11.77 14.85
N SER C 161 -28.86 10.81 14.09
CA SER C 161 -29.89 11.11 13.10
C SER C 161 -31.17 11.50 13.83
N THR C 162 -31.94 12.41 13.25
CA THR C 162 -33.14 12.87 13.93
C THR C 162 -34.02 11.66 14.24
N VAL C 163 -33.98 10.63 13.39
CA VAL C 163 -34.76 9.41 13.60
C VAL C 163 -34.51 8.80 14.98
N LEU C 164 -33.23 8.50 15.29
CA LEU C 164 -32.87 7.99 16.62
C LEU C 164 -33.02 9.01 17.75
N GLN C 165 -32.49 10.21 17.54
CA GLN C 165 -32.68 11.35 18.42
C GLN C 165 -34.15 11.52 18.80
N ASN C 166 -35.00 11.69 17.77
CA ASN C 166 -36.45 11.83 17.99
C ASN C 166 -37.06 10.66 18.76
N ALA C 167 -36.78 9.43 18.34
CA ALA C 167 -37.35 8.26 19.01
C ALA C 167 -37.03 8.27 20.50
N TRP C 168 -35.75 8.48 20.83
CA TRP C 168 -35.29 8.50 22.21
C TRP C 168 -35.91 9.63 23.01
N GLU C 169 -36.08 10.79 22.36
CA GLU C 169 -36.66 11.95 23.03
C GLU C 169 -38.07 11.66 23.53
N ARG C 170 -38.82 10.86 22.78
CA ARG C 170 -40.21 10.53 23.16
C ARG C 170 -40.34 9.22 23.95
N GLY C 171 -39.21 8.69 24.44
CA GLY C 171 -39.18 7.50 25.27
C GLY C 171 -39.39 6.14 24.61
N GLN C 172 -39.38 6.07 23.27
CA GLN C 172 -39.52 4.78 22.61
C GLN C 172 -38.27 3.97 22.98
N ALA C 173 -38.44 2.71 23.36
CA ALA C 173 -37.30 1.86 23.73
C ALA C 173 -36.57 1.40 22.46
N VAL C 174 -35.39 1.97 22.19
CA VAL C 174 -34.59 1.55 21.03
C VAL C 174 -33.11 1.71 21.38
N GLU C 175 -32.28 0.79 20.89
CA GLU C 175 -30.84 0.93 21.00
C GLU C 175 -30.16 0.58 19.70
N VAL C 176 -28.88 0.94 19.61
CA VAL C 176 -28.08 0.79 18.38
C VAL C 176 -26.86 -0.05 18.75
N HIS C 177 -26.29 -0.73 17.75
CA HIS C 177 -25.12 -1.57 17.94
C HIS C 177 -24.16 -1.48 16.77
N GLY C 178 -22.86 -1.61 17.06
CA GLY C 178 -21.81 -1.72 16.04
C GLY C 178 -21.12 -3.08 16.03
N PHE C 179 -21.33 -3.86 14.97
CA PHE C 179 -20.70 -5.18 14.84
C PHE C 179 -19.58 -5.14 13.79
N VAL C 180 -18.52 -5.91 14.03
CA VAL C 180 -17.54 -6.25 12.99
C VAL C 180 -17.11 -7.72 13.12
N TYR C 181 -16.81 -8.33 11.98
CA TYR C 181 -16.39 -9.74 11.91
C TYR C 181 -15.35 -9.95 10.82
N GLY C 182 -14.37 -10.79 11.10
CA GLY C 182 -13.43 -11.24 10.08
C GLY C 182 -13.93 -12.54 9.48
N ILE C 183 -13.41 -12.87 8.31
CA ILE C 183 -13.95 -13.90 7.45
C ILE C 183 -13.31 -15.29 7.60
N GLU C 184 -12.24 -15.39 8.38
CA GLU C 184 -11.67 -16.71 8.71
C GLU C 184 -12.49 -17.48 9.75
N ASP C 185 -13.41 -16.78 10.41
CA ASP C 185 -14.34 -17.42 11.33
C ASP C 185 -15.76 -16.87 11.27
N GLY C 186 -15.94 -15.69 10.68
CA GLY C 186 -17.22 -14.99 10.75
C GLY C 186 -17.62 -14.63 12.17
N ARG C 187 -16.61 -14.40 13.03
CA ARG C 187 -16.86 -14.12 14.46
C ARG C 187 -17.15 -12.66 14.76
N LEU C 188 -18.33 -12.41 15.32
CA LEU C 188 -18.81 -11.05 15.57
C LEU C 188 -18.15 -10.43 16.79
N GLU C 189 -17.62 -9.23 16.61
CA GLU C 189 -17.03 -8.44 17.69
C GLU C 189 -17.86 -7.17 17.92
N TYR C 190 -18.19 -6.93 19.18
CA TYR C 190 -19.00 -5.76 19.55
C TYR C 190 -18.13 -4.52 19.71
N LEU C 191 -18.56 -3.43 19.07
CA LEU C 191 -17.85 -2.15 19.13
C LEU C 191 -18.59 -1.11 19.98
N GLY C 192 -18.05 -0.85 21.17
CA GLY C 192 -18.66 0.10 22.11
C GLY C 192 -19.40 -0.58 23.25
N VAL C 193 -20.52 0.03 23.66
CA VAL C 193 -21.34 -0.50 24.76
C VAL C 193 -22.85 -0.27 24.55
N ARG C 194 -23.64 -0.65 25.56
CA ARG C 194 -25.08 -0.38 25.50
C ARG C 194 -25.35 1.12 25.28
N CYS C 195 -26.01 1.40 24.16
CA CYS C 195 -26.29 2.76 23.75
C CYS C 195 -27.78 2.83 23.46
N ALA C 196 -28.56 2.91 24.53
CA ALA C 196 -30.03 2.82 24.48
C ALA C 196 -30.72 4.13 24.84
N SER C 197 -30.02 5.26 24.65
CA SER C 197 -30.52 6.59 25.03
C SER C 197 -29.66 7.70 24.45
N ARG C 198 -30.24 8.90 24.33
CA ARG C 198 -29.49 10.08 23.86
C ARG C 198 -28.27 10.44 24.73
N SER C 199 -28.32 10.05 26.00
CA SER C 199 -27.20 10.24 26.94
C SER C 199 -26.06 9.24 26.79
N ALA C 200 -26.22 8.26 25.90
CA ALA C 200 -25.29 7.13 25.83
C ALA C 200 -24.34 7.20 24.63
N VAL C 201 -24.74 7.97 23.61
CA VAL C 201 -23.99 8.10 22.35
C VAL C 201 -22.53 8.54 22.52
N GLU C 202 -22.27 9.53 23.35
CA GLU C 202 -20.89 10.00 23.60
C GLU C 202 -19.98 8.87 24.09
N ASP C 203 -20.27 8.36 25.29
CA ASP C 203 -19.63 7.16 25.84
C ASP C 203 -19.44 6.03 24.83
N ASN C 204 -20.53 5.60 24.20
CA ASN C 204 -20.51 4.53 23.22
C ASN C 204 -19.44 4.69 22.13
N TYR C 205 -19.31 5.92 21.61
CA TYR C 205 -18.38 6.25 20.54
C TYR C 205 -16.92 6.25 20.98
N HIS C 206 -16.66 6.97 22.07
CA HIS C 206 -15.31 7.14 22.60
C HIS C 206 -14.73 5.84 23.15
N LYS C 207 -15.59 5.00 23.71
CA LYS C 207 -15.18 3.66 24.16
C LYS C 207 -15.05 2.70 22.98
N ALA C 208 -15.82 2.93 21.92
CA ALA C 208 -15.61 2.19 20.69
C ALA C 208 -14.22 2.48 20.18
N LEU C 209 -13.93 3.76 19.95
CA LEU C 209 -12.65 4.17 19.36
C LEU C 209 -11.44 3.73 20.17
N GLU C 210 -11.53 3.87 21.49
CA GLU C 210 -10.43 3.49 22.41
C GLU C 210 -10.00 2.03 22.30
N LYS C 211 -10.94 1.15 21.96
CA LYS C 211 -10.62 -0.24 21.68
C LYS C 211 -10.09 -0.40 20.26
N ILE C 212 -10.77 0.23 19.30
CA ILE C 212 -10.40 0.16 17.89
C ILE C 212 -9.01 0.79 17.68
N LEU C 213 -8.81 1.95 18.27
CA LEU C 213 -7.54 2.67 18.18
C LEU C 213 -6.73 2.51 19.48
N ASN C 214 -6.29 1.28 19.73
CA ASN C 214 -5.45 0.95 20.89
C ASN C 214 -3.95 1.04 20.56
N PRO C 215 -3.09 1.30 21.56
CA PRO C 215 -1.62 1.44 21.35
C PRO C 215 -0.97 0.31 20.54
N ASN C 216 -1.44 -0.93 20.71
CA ASN C 216 -0.86 -2.10 20.04
C ASN C 216 -1.02 -2.08 18.51
N HIS C 217 -1.95 -1.25 18.02
CA HIS C 217 -2.23 -1.13 16.58
C HIS C 217 -2.65 -2.50 16.02
N ARG C 218 -3.63 -3.11 16.68
CA ARG C 218 -4.00 -4.50 16.45
C ARG C 218 -5.44 -4.66 16.01
N LEU C 219 -5.67 -5.55 15.05
CA LEU C 219 -7.01 -5.87 14.55
C LEU C 219 -7.78 -6.72 15.56
N LEU C 220 -9.08 -6.44 15.70
CA LEU C 220 -9.92 -7.11 16.72
C LEU C 220 -10.45 -8.49 16.31
N CYS C 221 -10.43 -8.79 15.01
CA CYS C 221 -10.97 -10.06 14.51
C CYS C 221 -9.91 -11.00 13.91
N ARG C 222 -8.64 -10.60 14.00
CA ARG C 222 -7.49 -11.49 13.67
C ARG C 222 -6.16 -10.95 14.21
N MET D 1 -28.24 -6.74 26.11
CA MET D 1 -29.60 -7.29 26.33
C MET D 1 -29.62 -8.78 26.02
N PRO D 2 -30.56 -9.53 26.63
CA PRO D 2 -30.64 -10.96 26.37
C PRO D 2 -30.71 -11.28 24.88
N GLU D 3 -31.57 -10.57 24.13
CA GLU D 3 -31.73 -10.75 22.67
C GLU D 3 -30.38 -10.68 21.95
N ILE D 4 -29.53 -9.75 22.39
CA ILE D 4 -28.25 -9.48 21.71
C ILE D 4 -27.21 -10.56 22.02
N LYS D 5 -27.00 -10.86 23.30
CA LYS D 5 -26.22 -12.03 23.75
C LYS D 5 -26.46 -13.32 22.95
N GLN D 6 -27.74 -13.63 22.73
CA GLN D 6 -28.18 -14.83 22.00
C GLN D 6 -27.67 -14.87 20.54
N LEU D 7 -27.53 -13.70 19.91
CA LEU D 7 -27.06 -13.65 18.53
C LEU D 7 -25.60 -14.07 18.46
N PHE D 8 -24.79 -13.60 19.41
CA PHE D 8 -23.38 -14.00 19.54
C PHE D 8 -23.28 -15.47 19.96
N GLU D 9 -24.26 -15.97 20.71
CA GLU D 9 -24.27 -17.39 21.12
C GLU D 9 -24.57 -18.26 19.90
N ASN D 10 -25.44 -17.77 19.02
CA ASN D 10 -25.76 -18.42 17.75
C ASN D 10 -24.58 -18.34 16.77
N ASN D 11 -23.92 -17.17 16.77
CA ASN D 11 -22.78 -16.89 15.92
C ASN D 11 -21.64 -17.85 16.22
N SER D 12 -21.24 -17.87 17.49
CA SER D 12 -20.29 -18.82 18.07
C SER D 12 -20.57 -20.29 17.70
N LYS D 13 -21.84 -20.70 17.85
CA LYS D 13 -22.25 -22.07 17.55
C LYS D 13 -22.04 -22.39 16.05
N TRP D 14 -22.49 -21.47 15.18
CA TRP D 14 -22.36 -21.60 13.72
C TRP D 14 -20.90 -21.66 13.24
N SER D 15 -20.06 -20.79 13.79
CA SER D 15 -18.65 -20.69 13.41
C SER D 15 -17.84 -21.93 13.75
N ALA D 16 -18.15 -22.51 14.91
CA ALA D 16 -17.48 -23.72 15.38
C ALA D 16 -17.83 -24.93 14.53
N SER D 17 -19.12 -25.01 14.16
CA SER D 17 -19.60 -26.09 13.31
C SER D 17 -19.03 -26.05 11.89
N ILE D 18 -18.97 -24.86 11.28
CA ILE D 18 -18.39 -24.69 9.94
C ILE D 18 -16.88 -24.99 9.95
N LYS D 19 -16.16 -24.41 10.90
CA LYS D 19 -14.71 -24.64 11.09
C LYS D 19 -14.31 -26.12 11.17
N ALA D 20 -15.13 -26.93 11.85
CA ALA D 20 -14.80 -28.33 12.13
C ALA D 20 -15.72 -29.31 11.40
N GLU D 21 -16.11 -28.94 10.19
CA GLU D 21 -17.05 -29.72 9.40
C GLU D 21 -16.80 -29.39 7.93
N THR D 22 -16.67 -28.09 7.65
CA THR D 22 -16.45 -27.57 6.32
C THR D 22 -15.47 -26.42 6.43
N PRO D 23 -14.17 -26.71 6.70
CA PRO D 23 -13.18 -25.62 6.75
C PRO D 23 -13.06 -24.84 5.44
N GLU D 24 -13.35 -25.50 4.32
CA GLU D 24 -13.25 -24.90 2.97
C GLU D 24 -14.17 -23.69 2.75
N TYR D 25 -15.22 -23.58 3.55
CA TYR D 25 -16.10 -22.42 3.51
C TYR D 25 -15.32 -21.14 3.86
N PHE D 26 -14.45 -21.23 4.86
CA PHE D 26 -13.63 -20.08 5.28
C PHE D 26 -12.43 -19.88 4.36
N ALA D 27 -12.02 -20.96 3.70
CA ALA D 27 -10.91 -20.90 2.77
C ALA D 27 -11.35 -20.16 1.50
N LYS D 28 -12.46 -20.61 0.90
CA LYS D 28 -12.98 -20.01 -0.32
C LYS D 28 -13.33 -18.53 -0.12
N LEU D 29 -14.00 -18.23 1.01
CA LEU D 29 -14.38 -16.85 1.35
C LEU D 29 -13.19 -15.89 1.34
N ALA D 30 -12.07 -16.33 1.93
CA ALA D 30 -10.85 -15.51 2.00
C ALA D 30 -10.09 -15.44 0.66
N LYS D 31 -10.65 -16.09 -0.36
CA LYS D 31 -10.21 -15.90 -1.74
C LYS D 31 -11.06 -14.76 -2.32
N GLY D 32 -10.40 -13.79 -2.94
CA GLY D 32 -11.06 -12.57 -3.40
C GLY D 32 -11.88 -12.71 -4.67
N GLN D 33 -12.87 -13.61 -4.61
CA GLN D 33 -13.69 -13.96 -5.77
C GLN D 33 -14.94 -13.08 -5.92
N ASN D 34 -15.13 -12.54 -7.12
CA ASN D 34 -16.24 -11.63 -7.42
C ASN D 34 -17.60 -12.31 -7.39
N PRO D 35 -18.63 -11.59 -6.92
CA PRO D 35 -20.02 -12.07 -7.07
C PRO D 35 -20.46 -12.01 -8.53
N ASP D 36 -21.41 -12.85 -8.93
CA ASP D 36 -21.93 -12.81 -10.30
C ASP D 36 -23.28 -12.11 -10.39
N PHE D 37 -23.89 -11.87 -9.24
CA PHE D 37 -25.24 -11.27 -9.22
C PHE D 37 -25.35 -10.13 -8.25
N LEU D 38 -25.82 -8.99 -8.76
CA LEU D 38 -26.37 -7.95 -7.91
C LEU D 38 -27.85 -8.26 -7.65
N TRP D 39 -28.24 -8.30 -6.39
CA TRP D 39 -29.65 -8.55 -6.06
C TRP D 39 -30.21 -7.37 -5.28
N ILE D 40 -31.17 -6.70 -5.94
CA ILE D 40 -31.94 -5.61 -5.36
C ILE D 40 -33.31 -6.13 -4.90
N GLY D 41 -33.43 -6.23 -3.60
CA GLY D 41 -34.64 -6.76 -2.98
C GLY D 41 -35.20 -5.79 -1.99
N CYS D 42 -36.33 -6.14 -1.40
CA CYS D 42 -36.91 -5.33 -0.36
C CYS D 42 -36.24 -5.60 0.98
N ALA D 43 -36.20 -4.55 1.80
CA ALA D 43 -35.67 -4.61 3.16
C ALA D 43 -36.38 -5.66 4.02
N ASP D 44 -37.66 -5.91 3.73
CA ASP D 44 -38.41 -6.97 4.42
C ASP D 44 -37.72 -8.33 4.40
N SER D 45 -37.04 -8.65 3.30
CA SER D 45 -36.25 -9.87 3.17
C SER D 45 -37.02 -11.12 3.63
N ARG D 46 -38.22 -11.33 3.07
CA ARG D 46 -39.15 -12.31 3.66
C ARG D 46 -38.65 -13.76 3.56
N VAL D 47 -38.14 -14.13 2.40
CA VAL D 47 -37.24 -15.26 2.24
C VAL D 47 -35.93 -14.62 1.75
N PRO D 48 -34.77 -14.95 2.39
CA PRO D 48 -33.53 -14.32 1.93
C PRO D 48 -33.14 -14.79 0.53
N ALA D 49 -32.37 -13.96 -0.16
CA ALA D 49 -31.98 -14.19 -1.55
C ALA D 49 -31.11 -15.43 -1.77
N GLU D 50 -30.32 -15.79 -0.75
CA GLU D 50 -29.46 -16.99 -0.84
C GLU D 50 -30.33 -18.23 -0.87
N ARG D 51 -31.34 -18.26 0.01
CA ARG D 51 -32.27 -19.38 0.14
C ARG D 51 -33.25 -19.46 -1.04
N LEU D 52 -33.59 -18.29 -1.59
CA LEU D 52 -34.50 -18.16 -2.70
C LEU D 52 -33.91 -18.69 -3.99
N THR D 53 -32.61 -18.47 -4.18
CA THR D 53 -31.91 -18.78 -5.44
C THR D 53 -30.98 -19.99 -5.38
N GLY D 54 -30.60 -20.40 -4.17
CA GLY D 54 -29.67 -21.50 -3.97
C GLY D 54 -28.19 -21.11 -3.99
N LEU D 55 -27.88 -19.93 -3.46
CA LEU D 55 -26.54 -19.34 -3.62
C LEU D 55 -25.97 -18.78 -2.31
N TYR D 56 -25.21 -19.61 -1.59
CA TYR D 56 -24.82 -19.30 -0.21
C TYR D 56 -23.31 -19.05 -0.01
N SER D 57 -22.53 -19.06 -1.09
CA SER D 57 -21.07 -18.84 -0.99
C SER D 57 -20.59 -17.54 -1.65
N GLY D 58 -21.32 -16.45 -1.43
CA GLY D 58 -20.83 -15.12 -1.82
C GLY D 58 -21.05 -14.71 -3.27
N GLU D 59 -21.77 -15.52 -4.04
CA GLU D 59 -22.04 -15.18 -5.45
C GLU D 59 -23.01 -13.99 -5.62
N LEU D 60 -23.74 -13.65 -4.57
CA LEU D 60 -24.61 -12.48 -4.58
C LEU D 60 -23.88 -11.23 -4.09
N PHE D 61 -24.25 -10.09 -4.69
CA PHE D 61 -24.02 -8.74 -4.18
C PHE D 61 -25.42 -8.22 -3.88
N VAL D 62 -25.62 -7.59 -2.72
CA VAL D 62 -26.99 -7.24 -2.31
C VAL D 62 -27.22 -5.77 -1.92
N HIS D 63 -28.32 -5.22 -2.43
CA HIS D 63 -28.86 -3.97 -1.94
C HIS D 63 -30.30 -4.25 -1.55
N ARG D 64 -30.72 -3.66 -0.44
CA ARG D 64 -32.10 -3.70 0.01
C ARG D 64 -32.54 -2.32 0.46
N ASN D 65 -33.83 -2.02 0.26
CA ASN D 65 -34.44 -0.76 0.69
C ASN D 65 -35.94 -0.99 0.67
N VAL D 66 -36.72 0.04 0.96
CA VAL D 66 -38.16 -0.15 1.17
C VAL D 66 -38.99 -0.36 -0.10
N ALA D 67 -39.54 -1.57 -0.25
CA ALA D 67 -40.29 -2.06 -1.43
C ALA D 67 -39.46 -2.04 -2.71
N ASN D 68 -38.16 -2.30 -2.54
CA ASN D 68 -37.27 -2.68 -3.64
C ASN D 68 -37.29 -1.67 -4.78
N GLN D 69 -36.97 -0.44 -4.42
CA GLN D 69 -36.93 0.65 -5.35
C GLN D 69 -35.58 0.77 -6.09
N VAL D 70 -35.63 1.44 -7.23
CA VAL D 70 -34.49 1.87 -8.01
C VAL D 70 -34.99 3.25 -8.48
N ILE D 71 -34.98 4.19 -7.54
CA ILE D 71 -35.43 5.55 -7.81
C ILE D 71 -34.38 6.22 -8.70
N HIS D 72 -34.82 7.00 -9.69
CA HIS D 72 -33.90 7.58 -10.67
C HIS D 72 -32.79 8.34 -9.97
N THR D 73 -33.13 8.93 -8.84
CA THR D 73 -32.24 9.90 -8.19
C THR D 73 -31.73 9.41 -6.84
N ASP D 74 -32.09 8.18 -6.46
CA ASP D 74 -31.47 7.58 -5.30
C ASP D 74 -30.04 7.12 -5.60
N LEU D 75 -29.06 7.87 -5.10
CA LEU D 75 -27.65 7.60 -5.33
C LEU D 75 -27.07 6.43 -4.52
N ASN D 76 -27.60 6.15 -3.31
CA ASN D 76 -27.34 4.85 -2.61
C ASN D 76 -27.46 3.65 -3.57
N CYS D 77 -28.68 3.28 -3.97
CA CYS D 77 -28.88 2.16 -4.91
C CYS D 77 -28.07 2.28 -6.23
N LEU D 78 -27.93 3.49 -6.79
CA LEU D 78 -27.12 3.70 -8.01
C LEU D 78 -25.64 3.48 -7.78
N SER D 79 -25.17 3.77 -6.56
CA SER D 79 -23.76 3.51 -6.20
C SER D 79 -23.53 2.01 -6.10
N VAL D 80 -24.54 1.28 -5.58
CA VAL D 80 -24.55 -0.20 -5.56
C VAL D 80 -24.33 -0.79 -6.94
N VAL D 81 -25.26 -0.46 -7.85
CA VAL D 81 -25.27 -0.86 -9.28
C VAL D 81 -24.00 -0.46 -10.01
N GLN D 82 -23.53 0.78 -9.86
CA GLN D 82 -22.34 1.16 -10.64
C GLN D 82 -21.09 0.42 -10.20
N TYR D 83 -20.91 0.25 -8.89
CA TYR D 83 -19.83 -0.59 -8.40
C TYR D 83 -20.05 -1.98 -8.98
N ALA D 84 -21.26 -2.53 -8.81
CA ALA D 84 -21.59 -3.87 -9.29
C ALA D 84 -21.27 -4.05 -10.79
N VAL D 85 -21.87 -3.21 -11.63
CA VAL D 85 -21.74 -3.33 -13.12
C VAL D 85 -20.35 -3.03 -13.67
N ASP D 86 -19.78 -1.87 -13.27
CA ASP D 86 -18.45 -1.44 -13.73
C ASP D 86 -17.26 -2.05 -13.00
N VAL D 87 -17.35 -2.17 -11.67
CA VAL D 87 -16.22 -2.69 -10.90
C VAL D 87 -16.21 -4.21 -10.71
N LEU D 88 -17.36 -4.78 -10.37
CA LEU D 88 -17.46 -6.22 -10.17
C LEU D 88 -17.76 -7.02 -11.45
N GLN D 89 -18.27 -6.32 -12.47
CA GLN D 89 -18.59 -6.93 -13.77
C GLN D 89 -19.63 -8.06 -13.62
N VAL D 90 -20.70 -7.76 -12.88
CA VAL D 90 -21.79 -8.72 -12.70
C VAL D 90 -22.50 -8.89 -14.05
N LYS D 91 -22.93 -10.10 -14.33
CA LYS D 91 -23.68 -10.41 -15.56
C LYS D 91 -25.15 -10.12 -15.37
N HIS D 92 -25.60 -10.26 -14.14
CA HIS D 92 -27.01 -10.31 -13.80
C HIS D 92 -27.29 -9.39 -12.62
N ILE D 93 -28.23 -8.46 -12.84
CA ILE D 93 -28.83 -7.65 -11.77
C ILE D 93 -30.28 -8.08 -11.66
N ILE D 94 -30.72 -8.35 -10.44
CA ILE D 94 -32.09 -8.75 -10.19
C ILE D 94 -32.74 -7.76 -9.21
N VAL D 95 -33.95 -7.32 -9.56
CA VAL D 95 -34.86 -6.67 -8.62
C VAL D 95 -35.97 -7.68 -8.37
N CYS D 96 -36.15 -8.05 -7.10
CA CYS D 96 -37.19 -8.98 -6.70
C CYS D 96 -38.18 -8.28 -5.76
N GLY D 97 -39.47 -8.31 -6.11
CA GLY D 97 -40.52 -7.82 -5.21
C GLY D 97 -41.18 -8.99 -4.50
N HIS D 98 -42.16 -8.71 -3.65
CA HIS D 98 -42.76 -9.74 -2.80
C HIS D 98 -44.16 -9.41 -2.23
N TYR D 99 -44.97 -10.44 -2.04
CA TYR D 99 -46.35 -10.30 -1.53
C TYR D 99 -46.34 -10.00 -0.03
N GLY D 100 -47.38 -9.36 0.50
CA GLY D 100 -47.37 -8.93 1.90
C GLY D 100 -46.14 -8.07 2.20
N CYS D 101 -46.03 -6.93 1.53
CA CYS D 101 -44.94 -5.97 1.72
C CYS D 101 -45.56 -4.74 2.36
N GLY D 102 -45.31 -4.55 3.66
CA GLY D 102 -45.81 -3.39 4.38
C GLY D 102 -45.66 -2.07 3.64
N GLY D 103 -44.61 -1.96 2.82
CA GLY D 103 -44.32 -0.74 2.09
C GLY D 103 -45.19 -0.49 0.87
N VAL D 104 -45.46 -1.55 0.11
CA VAL D 104 -46.39 -1.51 -1.02
C VAL D 104 -47.81 -1.20 -0.51
N THR D 105 -48.22 -1.86 0.57
CA THR D 105 -49.54 -1.61 1.17
C THR D 105 -49.68 -0.20 1.75
N ALA D 106 -48.56 0.39 2.20
CA ALA D 106 -48.57 1.77 2.67
C ALA D 106 -48.76 2.77 1.53
N ALA D 107 -48.13 2.49 0.39
CA ALA D 107 -48.24 3.32 -0.81
C ALA D 107 -49.65 3.34 -1.40
N ILE D 108 -50.49 2.39 -0.98
CA ILE D 108 -51.90 2.37 -1.37
C ILE D 108 -52.79 3.07 -0.34
N ASP D 109 -52.72 2.63 0.91
CA ASP D 109 -53.69 3.06 1.91
C ASP D 109 -53.29 4.34 2.65
N ASN D 110 -52.02 4.73 2.53
CA ASN D 110 -51.56 6.09 2.85
C ASN D 110 -51.65 6.51 4.33
N PRO D 111 -51.17 5.66 5.24
CA PRO D 111 -51.19 6.04 6.64
C PRO D 111 -50.10 7.08 6.94
N GLN D 112 -50.22 7.77 8.08
CA GLN D 112 -49.22 8.74 8.51
C GLN D 112 -48.06 8.03 9.17
N LEU D 113 -47.11 7.57 8.36
CA LEU D 113 -46.06 6.69 8.88
C LEU D 113 -44.78 7.43 9.28
N GLY D 114 -44.69 8.70 8.90
CA GLY D 114 -43.52 9.53 9.18
C GLY D 114 -42.65 9.70 7.95
N LEU D 115 -41.39 10.01 8.17
CA LEU D 115 -40.43 10.30 7.08
C LEU D 115 -40.48 9.29 5.93
N ILE D 116 -40.76 8.02 6.23
CA ILE D 116 -40.91 6.95 5.22
C ILE D 116 -41.88 7.29 4.11
N ASN D 117 -42.99 7.95 4.44
CA ASN D 117 -43.98 8.33 3.45
C ASN D 117 -43.40 8.95 2.18
N ASN D 118 -42.36 9.77 2.33
CA ASN D 118 -41.71 10.50 1.21
C ASN D 118 -41.17 9.51 0.18
N TRP D 119 -40.40 8.52 0.66
CA TRP D 119 -39.91 7.39 -0.14
C TRP D 119 -41.05 6.61 -0.80
N LEU D 120 -42.11 6.36 -0.04
CA LEU D 120 -43.26 5.60 -0.53
C LEU D 120 -43.99 6.32 -1.66
N LEU D 121 -43.71 7.61 -1.87
CA LEU D 121 -44.40 8.38 -2.90
C LEU D 121 -44.14 7.86 -4.30
N HIS D 122 -42.89 7.47 -4.59
CA HIS D 122 -42.58 6.86 -5.89
C HIS D 122 -43.50 5.66 -6.15
N ILE D 123 -43.70 4.82 -5.13
CA ILE D 123 -44.64 3.71 -5.21
C ILE D 123 -46.09 4.19 -5.34
N ARG D 124 -46.47 5.23 -4.59
CA ARG D 124 -47.82 5.78 -4.73
C ARG D 124 -48.07 6.32 -6.16
N ASP D 125 -47.03 6.88 -6.78
CA ASP D 125 -47.11 7.31 -8.18
C ASP D 125 -47.56 6.20 -9.14
N TYR D 126 -47.10 4.96 -8.91
CA TYR D 126 -47.46 3.83 -9.78
C TYR D 126 -48.84 3.29 -9.44
N TYR D 127 -49.20 3.33 -8.15
CA TYR D 127 -50.58 3.07 -7.75
C TYR D 127 -51.51 3.98 -8.53
N LEU D 128 -51.21 5.28 -8.53
CA LEU D 128 -51.97 6.23 -9.31
C LEU D 128 -52.13 5.83 -10.78
N LYS D 129 -51.00 5.54 -11.42
CA LYS D 129 -50.93 5.25 -12.85
C LYS D 129 -51.76 4.03 -13.23
N HIS D 130 -51.71 3.03 -12.36
CA HIS D 130 -52.43 1.80 -12.57
C HIS D 130 -53.69 1.78 -11.70
N ARG D 131 -54.24 2.95 -11.40
CA ARG D 131 -55.38 3.00 -10.49
C ARG D 131 -56.64 2.36 -11.05
N GLU D 132 -56.89 2.52 -12.34
CA GLU D 132 -58.04 1.86 -12.98
C GLU D 132 -58.02 0.36 -12.67
N TYR D 133 -56.93 -0.30 -13.03
CA TYR D 133 -56.78 -1.76 -12.90
C TYR D 133 -56.96 -2.32 -11.47
N LEU D 134 -56.09 -1.88 -10.55
CA LEU D 134 -56.18 -2.26 -9.13
C LEU D 134 -57.59 -2.08 -8.55
N ASP D 135 -58.33 -1.11 -9.09
CA ASP D 135 -59.72 -0.88 -8.64
C ASP D 135 -60.78 -1.87 -9.16
N LYS D 136 -60.36 -2.86 -9.96
CA LYS D 136 -61.25 -3.92 -10.38
C LYS D 136 -60.98 -5.20 -9.59
N MET D 137 -59.91 -5.17 -8.81
CA MET D 137 -59.48 -6.31 -8.01
C MET D 137 -60.04 -6.20 -6.60
N PRO D 138 -60.30 -7.34 -5.96
CA PRO D 138 -60.59 -7.31 -4.53
C PRO D 138 -59.50 -6.52 -3.83
N ALA D 139 -59.91 -5.64 -2.92
CA ALA D 139 -59.00 -4.83 -2.13
C ALA D 139 -57.81 -5.65 -1.66
N GLU D 140 -58.10 -6.78 -0.99
CA GLU D 140 -57.10 -7.61 -0.34
C GLU D 140 -56.07 -8.20 -1.30
N ASP D 141 -56.32 -8.09 -2.60
CA ASP D 141 -55.34 -8.50 -3.61
C ASP D 141 -54.57 -7.30 -4.22
N ARG D 142 -55.06 -6.08 -4.03
CA ARG D 142 -54.39 -4.88 -4.61
C ARG D 142 -52.91 -4.66 -4.26
N SER D 143 -52.56 -4.72 -2.97
CA SER D 143 -51.17 -4.65 -2.53
C SER D 143 -50.31 -5.59 -3.36
N ASP D 144 -50.57 -6.89 -3.25
CA ASP D 144 -49.75 -7.87 -3.92
C ASP D 144 -49.70 -7.71 -5.43
N LYS D 145 -50.78 -7.22 -6.04
CA LYS D 145 -50.81 -6.98 -7.49
C LYS D 145 -49.89 -5.81 -7.86
N LEU D 146 -49.92 -4.77 -7.04
CA LEU D 146 -49.04 -3.62 -7.18
C LEU D 146 -47.57 -4.00 -6.98
N ALA D 147 -47.32 -5.04 -6.17
CA ALA D 147 -45.93 -5.44 -5.91
C ALA D 147 -45.25 -5.88 -7.20
N GLU D 148 -45.96 -6.73 -7.96
CA GLU D 148 -45.60 -7.19 -9.31
C GLU D 148 -45.38 -5.98 -10.21
N ILE D 149 -46.40 -5.14 -10.29
CA ILE D 149 -46.38 -3.89 -11.06
C ILE D 149 -45.13 -3.09 -10.74
N ASN D 150 -44.87 -2.88 -9.46
CA ASN D 150 -43.69 -2.14 -9.02
C ASN D 150 -42.35 -2.74 -9.51
N VAL D 151 -42.21 -4.07 -9.55
CA VAL D 151 -40.92 -4.67 -9.99
C VAL D 151 -40.60 -4.30 -11.44
N ALA D 152 -41.61 -4.37 -12.31
CA ALA D 152 -41.43 -4.04 -13.71
C ALA D 152 -41.08 -2.55 -13.86
N GLU D 153 -41.76 -1.69 -13.11
CA GLU D 153 -41.46 -0.24 -13.10
C GLU D 153 -40.05 0.09 -12.62
N GLN D 154 -39.57 -0.62 -11.60
CA GLN D 154 -38.20 -0.45 -11.16
C GLN D 154 -37.18 -1.13 -12.08
N VAL D 155 -37.56 -2.20 -12.81
CA VAL D 155 -36.66 -2.76 -13.85
C VAL D 155 -36.43 -1.73 -14.97
N TYR D 156 -37.52 -1.09 -15.42
CA TYR D 156 -37.48 0.05 -16.36
C TYR D 156 -36.59 1.18 -15.84
N ASN D 157 -36.86 1.67 -14.62
CA ASN D 157 -35.99 2.68 -14.00
C ASN D 157 -34.50 2.26 -14.06
N LEU D 158 -34.24 0.99 -13.79
CA LEU D 158 -32.86 0.49 -13.68
C LEU D 158 -32.22 0.45 -15.06
N ALA D 159 -32.96 -0.05 -16.04
CA ALA D 159 -32.46 -0.25 -17.40
C ALA D 159 -32.31 1.10 -18.10
N ASN D 160 -33.15 2.06 -17.76
CA ASN D 160 -33.06 3.40 -18.36
C ASN D 160 -31.99 4.33 -17.76
N SER D 161 -31.43 3.91 -16.62
CA SER D 161 -30.38 4.65 -15.91
C SER D 161 -29.09 4.73 -16.71
N THR D 162 -28.35 5.81 -16.48
CA THR D 162 -26.99 6.01 -17.02
C THR D 162 -26.07 4.80 -16.77
N VAL D 163 -26.14 4.20 -15.59
CA VAL D 163 -25.33 3.01 -15.29
C VAL D 163 -25.51 1.88 -16.33
N LEU D 164 -26.77 1.51 -16.63
CA LEU D 164 -27.06 0.42 -17.58
C LEU D 164 -26.97 0.85 -19.02
N GLN D 165 -27.26 2.12 -19.28
CA GLN D 165 -27.22 2.62 -20.66
C GLN D 165 -25.77 2.82 -21.08
N ASN D 166 -24.91 3.20 -20.14
CA ASN D 166 -23.50 3.33 -20.46
C ASN D 166 -22.86 1.99 -20.75
N ALA D 167 -22.99 1.04 -19.80
CA ALA D 167 -22.43 -0.31 -19.94
C ALA D 167 -22.91 -0.96 -21.24
N TRP D 168 -24.22 -0.86 -21.46
CA TRP D 168 -24.80 -1.27 -22.74
C TRP D 168 -24.16 -0.62 -23.97
N GLU D 169 -23.82 0.67 -23.87
CA GLU D 169 -23.25 1.39 -24.99
C GLU D 169 -21.86 0.88 -25.36
N ARG D 170 -21.05 0.55 -24.36
CA ARG D 170 -19.69 0.07 -24.62
C ARG D 170 -19.65 -1.46 -24.82
N GLY D 171 -20.82 -2.08 -24.84
CA GLY D 171 -20.94 -3.49 -25.20
C GLY D 171 -20.52 -4.42 -24.08
N GLN D 172 -20.79 -4.01 -22.85
CA GLN D 172 -20.50 -4.87 -21.72
C GLN D 172 -21.67 -5.83 -21.46
N ALA D 173 -21.33 -7.08 -21.17
CA ALA D 173 -22.31 -8.14 -20.98
C ALA D 173 -22.97 -8.04 -19.61
N VAL D 174 -24.26 -7.69 -19.64
CA VAL D 174 -25.07 -7.50 -18.45
C VAL D 174 -26.51 -7.50 -18.92
N GLU D 175 -27.40 -8.03 -18.09
CA GLU D 175 -28.82 -7.97 -18.34
C GLU D 175 -29.57 -7.79 -17.04
N VAL D 176 -30.78 -7.27 -17.12
CA VAL D 176 -31.60 -7.08 -15.90
C VAL D 176 -32.77 -8.08 -15.86
N HIS D 177 -33.27 -8.31 -14.65
CA HIS D 177 -34.35 -9.27 -14.37
C HIS D 177 -35.25 -8.72 -13.26
N GLY D 178 -36.56 -8.93 -13.40
CA GLY D 178 -37.52 -8.67 -12.35
C GLY D 178 -38.21 -9.98 -11.99
N PHE D 179 -38.18 -10.30 -10.69
CA PHE D 179 -38.89 -11.45 -10.14
C PHE D 179 -39.85 -10.97 -9.07
N VAL D 180 -40.90 -11.76 -8.82
CA VAL D 180 -41.76 -11.59 -7.64
C VAL D 180 -42.06 -12.97 -7.02
N TYR D 181 -42.20 -13.03 -5.69
CA TYR D 181 -42.59 -14.30 -5.07
C TYR D 181 -43.66 -14.15 -4.01
N GLY D 182 -44.37 -15.25 -3.80
CA GLY D 182 -45.41 -15.36 -2.77
C GLY D 182 -44.84 -15.89 -1.48
N ILE D 183 -45.44 -15.49 -0.37
CA ILE D 183 -44.95 -15.89 0.96
C ILE D 183 -45.47 -17.28 1.38
N GLU D 184 -46.47 -17.79 0.68
CA GLU D 184 -47.02 -19.13 0.96
C GLU D 184 -46.09 -20.25 0.55
N ASP D 185 -45.07 -19.95 -0.27
CA ASP D 185 -44.17 -20.98 -0.83
C ASP D 185 -42.79 -20.47 -1.24
N GLY D 186 -42.62 -19.16 -1.41
CA GLY D 186 -41.32 -18.58 -1.79
C GLY D 186 -40.87 -19.03 -3.16
N ARG D 187 -41.83 -19.22 -4.05
CA ARG D 187 -41.56 -19.67 -5.40
C ARG D 187 -41.49 -18.46 -6.32
N LEU D 188 -40.26 -18.16 -6.76
CA LEU D 188 -39.99 -17.00 -7.60
C LEU D 188 -40.71 -17.10 -8.93
N GLU D 189 -41.05 -15.94 -9.49
CA GLU D 189 -41.79 -15.81 -10.75
C GLU D 189 -41.06 -14.78 -11.62
N TYR D 190 -40.88 -15.09 -12.91
CA TYR D 190 -40.13 -14.21 -13.83
C TYR D 190 -41.06 -13.25 -14.56
N LEU D 191 -40.73 -11.97 -14.52
CA LEU D 191 -41.63 -10.92 -15.00
C LEU D 191 -41.06 -10.21 -16.23
N GLY D 192 -41.38 -10.74 -17.40
CA GLY D 192 -40.88 -10.21 -18.65
C GLY D 192 -39.96 -11.13 -19.43
N VAL D 193 -39.20 -10.54 -20.35
CA VAL D 193 -38.31 -11.32 -21.21
C VAL D 193 -36.89 -10.80 -21.05
N ARG D 194 -35.93 -11.58 -21.50
CA ARG D 194 -34.52 -11.18 -21.46
C ARG D 194 -34.38 -9.72 -21.88
N CYS D 195 -33.56 -8.99 -21.14
CA CYS D 195 -33.32 -7.59 -21.38
C CYS D 195 -31.83 -7.37 -21.25
N ALA D 196 -31.13 -7.61 -22.35
CA ALA D 196 -29.69 -7.59 -22.38
C ALA D 196 -29.17 -6.45 -23.25
N SER D 197 -30.03 -5.50 -23.56
CA SER D 197 -29.69 -4.40 -24.46
C SER D 197 -30.55 -3.18 -24.21
N ARG D 198 -30.16 -2.08 -24.84
CA ARG D 198 -30.97 -0.85 -24.82
C ARG D 198 -32.24 -1.05 -25.65
N SER D 199 -32.10 -1.73 -26.80
CA SER D 199 -33.23 -1.94 -27.72
C SER D 199 -34.19 -3.08 -27.35
N ALA D 200 -34.18 -3.49 -26.09
CA ALA D 200 -35.11 -4.51 -25.61
C ALA D 200 -35.95 -4.01 -24.44
N VAL D 201 -35.45 -2.96 -23.78
CA VAL D 201 -36.03 -2.39 -22.57
C VAL D 201 -37.54 -2.14 -22.68
N GLU D 202 -37.98 -1.57 -23.81
CA GLU D 202 -39.37 -1.18 -24.00
C GLU D 202 -40.27 -2.40 -24.03
N ASP D 203 -39.92 -3.33 -24.92
CA ASP D 203 -40.65 -4.59 -25.06
C ASP D 203 -40.61 -5.43 -23.79
N ASN D 204 -39.45 -5.48 -23.13
CA ASN D 204 -39.36 -6.15 -21.83
C ASN D 204 -40.45 -5.64 -20.90
N TYR D 205 -40.45 -4.33 -20.70
CA TYR D 205 -41.36 -3.59 -19.84
C TYR D 205 -42.81 -3.75 -20.29
N HIS D 206 -43.00 -3.81 -21.62
CA HIS D 206 -44.31 -4.06 -22.19
C HIS D 206 -44.75 -5.52 -22.02
N LYS D 207 -43.83 -6.46 -22.24
CA LYS D 207 -44.10 -7.88 -21.98
CA LYS D 207 -44.08 -7.88 -21.98
C LYS D 207 -44.49 -8.07 -20.51
N ALA D 208 -43.74 -7.45 -19.61
CA ALA D 208 -43.98 -7.55 -18.18
C ALA D 208 -45.39 -7.10 -17.79
N LEU D 209 -45.79 -5.92 -18.24
CA LEU D 209 -47.09 -5.35 -17.84
C LEU D 209 -48.28 -6.07 -18.44
N GLU D 210 -48.13 -6.58 -19.67
CA GLU D 210 -49.12 -7.46 -20.28
C GLU D 210 -49.35 -8.74 -19.46
N LYS D 211 -48.29 -9.31 -18.88
CA LYS D 211 -48.42 -10.48 -18.00
C LYS D 211 -49.05 -10.10 -16.67
N ILE D 212 -48.60 -8.98 -16.09
CA ILE D 212 -49.04 -8.56 -14.76
C ILE D 212 -50.45 -7.96 -14.79
N LEU D 213 -50.70 -7.08 -15.77
CA LEU D 213 -52.02 -6.47 -15.94
C LEU D 213 -52.89 -7.36 -16.85
N ASN D 214 -53.07 -8.61 -16.44
CA ASN D 214 -53.91 -9.58 -17.14
C ASN D 214 -55.41 -9.32 -16.91
N PRO D 215 -56.22 -9.41 -17.99
CA PRO D 215 -57.60 -8.90 -17.96
C PRO D 215 -58.57 -9.63 -17.01
N ASN D 216 -58.11 -10.70 -16.37
CA ASN D 216 -58.88 -11.45 -15.38
C ASN D 216 -58.52 -11.08 -13.93
N HIS D 217 -57.88 -9.92 -13.77
CA HIS D 217 -57.55 -9.31 -12.46
C HIS D 217 -57.10 -10.29 -11.35
N ARG D 218 -56.18 -11.18 -11.73
CA ARG D 218 -55.64 -12.21 -10.86
C ARG D 218 -54.13 -12.08 -10.65
N LEU D 219 -53.68 -12.42 -9.45
CA LEU D 219 -52.26 -12.43 -9.11
C LEU D 219 -51.44 -13.52 -9.87
N LEU D 220 -50.14 -13.33 -9.97
CA LEU D 220 -49.30 -14.28 -10.68
C LEU D 220 -48.82 -15.41 -9.79
N CYS D 221 -48.79 -15.17 -8.48
CA CYS D 221 -48.20 -16.12 -7.54
C CYS D 221 -49.21 -16.90 -6.68
N ARG D 222 -50.27 -16.23 -6.23
CA ARG D 222 -51.33 -16.92 -5.47
C ARG D 222 -52.67 -16.66 -6.11
N MET E 1 27.49 -30.33 30.96
CA MET E 1 26.09 -30.74 30.65
C MET E 1 25.98 -32.20 30.20
N PRO E 2 24.95 -32.94 30.68
CA PRO E 2 24.93 -34.41 30.50
C PRO E 2 25.31 -34.86 29.10
N GLU E 3 24.62 -34.34 28.09
CA GLU E 3 24.90 -34.68 26.68
C GLU E 3 26.31 -34.27 26.23
N ILE E 4 26.82 -33.13 26.69
CA ILE E 4 28.21 -32.71 26.46
C ILE E 4 29.23 -33.68 27.11
N LYS E 5 29.02 -34.04 28.38
CA LYS E 5 29.77 -35.10 29.05
C LYS E 5 29.85 -36.37 28.18
N GLN E 6 28.70 -36.77 27.64
CA GLN E 6 28.58 -37.96 26.78
C GLN E 6 29.53 -37.93 25.56
N LEU E 7 29.65 -36.77 24.91
CA LEU E 7 30.50 -36.64 23.71
C LEU E 7 31.97 -36.85 23.98
N PHE E 8 32.43 -36.37 25.14
CA PHE E 8 33.82 -36.54 25.58
C PHE E 8 34.11 -38.01 25.92
N GLU E 9 33.09 -38.71 26.44
CA GLU E 9 33.20 -40.13 26.75
C GLU E 9 33.11 -40.97 25.48
N ASN E 10 32.18 -40.62 24.58
CA ASN E 10 32.19 -41.19 23.24
C ASN E 10 33.53 -40.99 22.56
N ASN E 11 34.08 -39.78 22.69
CA ASN E 11 35.38 -39.45 22.10
C ASN E 11 36.50 -40.31 22.65
N SER E 12 36.55 -40.42 23.97
CA SER E 12 37.57 -41.18 24.67
C SER E 12 37.57 -42.67 24.30
N LYS E 13 36.39 -43.29 24.38
CA LYS E 13 36.19 -44.70 23.97
C LYS E 13 36.65 -44.95 22.53
N TRP E 14 36.32 -44.02 21.63
CA TRP E 14 36.72 -44.13 20.23
C TRP E 14 38.23 -44.06 20.07
N SER E 15 38.85 -43.06 20.69
CA SER E 15 40.31 -42.86 20.63
C SER E 15 41.00 -44.11 21.20
N ALA E 16 40.42 -44.65 22.27
CA ALA E 16 40.89 -45.88 22.90
C ALA E 16 40.91 -47.06 21.93
N SER E 17 39.77 -47.28 21.30
CA SER E 17 39.57 -48.37 20.36
C SER E 17 40.55 -48.32 19.19
N ILE E 18 40.63 -47.17 18.51
CA ILE E 18 41.48 -47.02 17.31
C ILE E 18 42.98 -47.22 17.58
N LYS E 19 43.49 -46.61 18.64
CA LYS E 19 44.92 -46.71 18.98
C LYS E 19 45.34 -48.12 19.44
N ALA E 20 44.57 -48.70 20.35
CA ALA E 20 44.85 -50.02 20.90
C ALA E 20 44.35 -51.13 19.98
N GLU E 21 44.25 -50.82 18.69
CA GLU E 21 43.49 -51.63 17.75
C GLU E 21 44.02 -51.50 16.32
N THR E 22 43.94 -50.29 15.78
CA THR E 22 44.41 -49.98 14.44
C THR E 22 45.20 -48.65 14.44
N PRO E 23 46.43 -48.68 15.00
CA PRO E 23 47.16 -47.42 15.20
C PRO E 23 47.65 -46.81 13.89
N GLU E 24 47.44 -47.53 12.77
CA GLU E 24 47.82 -47.03 11.46
C GLU E 24 46.92 -45.88 10.98
N TYR E 25 45.76 -45.73 11.61
CA TYR E 25 44.86 -44.60 11.35
C TYR E 25 45.56 -43.28 11.69
N PHE E 26 46.10 -43.18 12.90
CA PHE E 26 46.76 -41.96 13.36
C PHE E 26 48.12 -41.73 12.67
N ALA E 27 48.91 -42.79 12.57
CA ALA E 27 50.17 -42.75 11.82
C ALA E 27 50.00 -42.10 10.46
N LYS E 28 48.93 -42.47 9.76
CA LYS E 28 48.69 -42.01 8.39
C LYS E 28 48.17 -40.58 8.26
N LEU E 29 47.29 -40.18 9.18
CA LEU E 29 46.75 -38.82 9.20
C LEU E 29 47.81 -37.80 9.65
N ALA E 30 48.71 -38.23 10.54
CA ALA E 30 49.78 -37.39 11.07
C ALA E 30 50.78 -36.93 9.99
N LYS E 31 50.79 -37.64 8.87
CA LYS E 31 51.57 -37.24 7.70
C LYS E 31 50.79 -36.18 6.92
N GLY E 32 51.25 -35.85 5.72
CA GLY E 32 50.69 -34.71 4.96
C GLY E 32 49.90 -35.04 3.71
N GLN E 33 49.10 -36.11 3.76
CA GLN E 33 48.30 -36.55 2.62
C GLN E 33 47.18 -35.55 2.26
N ASN E 34 47.38 -34.83 1.16
CA ASN E 34 46.39 -33.88 0.63
C ASN E 34 45.17 -34.62 0.11
N PRO E 35 43.95 -34.05 0.35
CA PRO E 35 42.72 -34.63 -0.18
C PRO E 35 42.63 -34.49 -1.70
N ASP E 36 41.90 -35.40 -2.34
CA ASP E 36 41.75 -35.38 -3.81
C ASP E 36 40.40 -34.82 -4.27
N PHE E 37 39.47 -34.67 -3.32
CA PHE E 37 38.10 -34.27 -3.63
C PHE E 37 37.68 -33.12 -2.73
N LEU E 38 37.06 -32.10 -3.34
CA LEU E 38 36.27 -31.14 -2.59
C LEU E 38 34.79 -31.49 -2.68
N TRP E 39 34.17 -31.69 -1.54
CA TRP E 39 32.75 -31.96 -1.42
C TRP E 39 32.12 -30.70 -0.87
N ILE E 40 31.29 -30.07 -1.68
CA ILE E 40 30.46 -28.96 -1.21
C ILE E 40 29.06 -29.55 -1.02
N GLY E 41 28.67 -29.69 0.24
CA GLY E 41 27.40 -30.28 0.64
C GLY E 41 26.62 -29.42 1.60
N CYS E 42 25.44 -29.89 2.00
CA CYS E 42 24.56 -29.11 2.88
C CYS E 42 24.83 -29.31 4.37
N ALA E 43 24.71 -28.21 5.12
CA ALA E 43 24.73 -28.21 6.59
C ALA E 43 23.93 -29.34 7.28
N ASP E 44 22.78 -29.69 6.68
CA ASP E 44 21.92 -30.82 7.13
C ASP E 44 22.70 -32.12 7.31
N SER E 45 23.74 -32.31 6.49
CA SER E 45 24.59 -33.51 6.48
C SER E 45 23.81 -34.79 6.78
N ARG E 46 22.78 -35.07 5.98
CA ARG E 46 21.80 -36.10 6.33
C ARG E 46 22.43 -37.47 6.39
N VAL E 47 23.26 -37.77 5.40
CA VAL E 47 24.23 -38.85 5.46
C VAL E 47 25.61 -38.24 5.19
N PRO E 48 26.57 -38.42 6.13
CA PRO E 48 27.94 -37.89 5.97
C PRO E 48 28.58 -38.30 4.64
N ALA E 49 29.34 -37.38 4.05
CA ALA E 49 29.98 -37.63 2.76
C ALA E 49 30.92 -38.83 2.83
N GLU E 50 31.55 -39.03 4.00
CA GLU E 50 32.55 -40.09 4.22
C GLU E 50 31.91 -41.48 4.07
N ARG E 51 30.63 -41.57 4.45
CA ARG E 51 29.89 -42.81 4.37
C ARG E 51 29.36 -42.96 2.95
N LEU E 52 28.87 -41.84 2.40
CA LEU E 52 28.28 -41.82 1.06
C LEU E 52 29.24 -42.29 -0.04
N THR E 53 30.53 -42.08 0.16
CA THR E 53 31.52 -42.22 -0.89
C THR E 53 32.53 -43.30 -0.59
N GLY E 54 32.61 -43.68 0.69
CA GLY E 54 33.57 -44.65 1.18
C GLY E 54 34.96 -44.06 1.38
N LEU E 55 35.05 -42.73 1.48
CA LEU E 55 36.34 -42.07 1.65
C LEU E 55 36.56 -41.68 3.12
N TYR E 56 37.02 -42.66 3.90
CA TYR E 56 37.21 -42.49 5.35
C TYR E 56 38.67 -42.15 5.72
N SER E 57 39.54 -41.96 4.72
CA SER E 57 40.99 -41.80 4.96
C SER E 57 41.60 -40.45 4.57
N GLY E 58 40.87 -39.36 4.76
CA GLY E 58 41.38 -38.00 4.52
C GLY E 58 41.34 -37.50 3.09
N GLU E 59 40.78 -38.31 2.21
CA GLU E 59 40.67 -37.97 0.78
C GLU E 59 39.75 -36.75 0.53
N LEU E 60 38.78 -36.53 1.42
CA LEU E 60 37.81 -35.45 1.29
C LEU E 60 38.27 -34.10 1.91
N PHE E 61 38.08 -33.03 1.16
CA PHE E 61 38.13 -31.67 1.70
C PHE E 61 36.72 -31.12 1.64
N VAL E 62 36.19 -30.61 2.75
CA VAL E 62 34.74 -30.39 2.86
C VAL E 62 34.35 -28.94 3.18
N HIS E 63 33.47 -28.39 2.37
CA HIS E 63 32.71 -27.21 2.74
C HIS E 63 31.23 -27.59 2.82
N ARG E 64 30.51 -27.00 3.77
CA ARG E 64 29.03 -27.08 3.81
C ARG E 64 28.40 -25.74 4.19
N ASN E 65 27.19 -25.51 3.67
CA ASN E 65 26.36 -24.34 3.94
C ASN E 65 24.88 -24.73 3.77
N VAL E 66 23.96 -23.79 3.93
CA VAL E 66 22.51 -24.17 3.91
C VAL E 66 21.88 -24.34 2.50
N ALA E 67 21.35 -25.54 2.24
CA ALA E 67 20.93 -25.96 0.91
C ALA E 67 22.11 -25.92 -0.07
N ASN E 68 23.32 -26.19 0.46
CA ASN E 68 24.57 -26.38 -0.33
C ASN E 68 24.79 -25.43 -1.51
N GLN E 69 25.07 -24.17 -1.19
CA GLN E 69 25.19 -23.12 -2.21
C GLN E 69 26.60 -22.94 -2.80
N VAL E 70 26.65 -22.64 -4.08
CA VAL E 70 27.80 -21.91 -4.67
C VAL E 70 27.30 -20.51 -5.15
N ILE E 71 27.20 -19.59 -4.19
CA ILE E 71 26.77 -18.19 -4.41
C ILE E 71 27.90 -17.40 -5.11
N HIS E 72 27.59 -16.65 -6.17
CA HIS E 72 28.67 -16.01 -6.97
C HIS E 72 29.69 -15.27 -6.11
N THR E 73 29.21 -14.66 -5.04
CA THR E 73 30.00 -13.75 -4.25
C THR E 73 30.04 -14.14 -2.77
N ASP E 74 30.01 -15.45 -2.51
CA ASP E 74 30.21 -15.90 -1.15
C ASP E 74 31.68 -16.23 -1.02
N LEU E 75 32.39 -15.35 -0.33
CA LEU E 75 33.81 -15.53 -0.09
C LEU E 75 34.13 -16.70 0.85
N ASN E 76 33.24 -17.07 1.78
CA ASN E 76 33.40 -18.34 2.55
C ASN E 76 33.63 -19.56 1.62
N CYS E 77 32.60 -19.96 0.89
CA CYS E 77 32.74 -21.08 -0.04
C CYS E 77 33.90 -20.83 -1.03
N LEU E 78 33.98 -19.61 -1.57
CA LEU E 78 35.05 -19.29 -2.55
C LEU E 78 36.48 -19.41 -1.95
N SER E 79 36.65 -19.07 -0.67
CA SER E 79 37.97 -19.20 -0.02
C SER E 79 38.36 -20.67 0.15
N VAL E 80 37.37 -21.51 0.46
CA VAL E 80 37.59 -22.97 0.55
C VAL E 80 37.88 -23.59 -0.83
N VAL E 81 37.12 -23.19 -1.84
CA VAL E 81 37.33 -23.69 -3.21
C VAL E 81 38.71 -23.31 -3.78
N GLN E 82 39.05 -22.01 -3.71
CA GLN E 82 40.38 -21.54 -4.15
C GLN E 82 41.54 -22.18 -3.40
N TYR E 83 41.41 -22.34 -2.09
CA TYR E 83 42.46 -23.05 -1.34
C TYR E 83 42.59 -24.50 -1.78
N ALA E 84 41.46 -25.17 -1.98
CA ALA E 84 41.42 -26.58 -2.34
C ALA E 84 42.07 -26.85 -3.69
N VAL E 85 41.70 -26.03 -4.68
CA VAL E 85 42.23 -26.17 -6.03
C VAL E 85 43.68 -25.69 -6.06
N ASP E 86 43.93 -24.45 -5.67
CA ASP E 86 45.26 -23.86 -5.81
C ASP E 86 46.32 -24.39 -4.84
N VAL E 87 45.96 -24.61 -3.58
CA VAL E 87 46.95 -25.00 -2.55
C VAL E 87 47.02 -26.51 -2.28
N LEU E 88 45.88 -27.19 -2.17
CA LEU E 88 45.90 -28.65 -1.95
C LEU E 88 45.80 -29.43 -3.25
N GLN E 89 45.35 -28.76 -4.30
CA GLN E 89 45.38 -29.25 -5.69
C GLN E 89 44.40 -30.39 -6.06
N VAL E 90 43.33 -30.53 -5.28
CA VAL E 90 42.26 -31.52 -5.55
C VAL E 90 41.92 -31.63 -7.03
N LYS E 91 41.59 -32.83 -7.49
CA LYS E 91 41.25 -33.03 -8.91
C LYS E 91 39.74 -33.07 -9.17
N HIS E 92 38.97 -33.17 -8.10
CA HIS E 92 37.54 -33.34 -8.20
C HIS E 92 36.84 -32.45 -7.17
N ILE E 93 35.97 -31.57 -7.63
CA ILE E 93 35.07 -30.84 -6.74
C ILE E 93 33.66 -31.34 -7.01
N ILE E 94 32.94 -31.65 -5.93
CA ILE E 94 31.63 -32.22 -6.02
C ILE E 94 30.63 -31.31 -5.30
N VAL E 95 29.58 -30.91 -6.00
CA VAL E 95 28.43 -30.35 -5.28
C VAL E 95 27.34 -31.43 -5.15
N CYS E 96 26.94 -31.65 -3.90
CA CYS E 96 25.97 -32.67 -3.56
C CYS E 96 24.82 -32.06 -2.75
N GLY E 97 23.64 -32.06 -3.35
CA GLY E 97 22.39 -31.68 -2.68
C GLY E 97 21.68 -32.93 -2.22
N HIS E 98 20.46 -32.79 -1.72
CA HIS E 98 19.73 -33.94 -1.24
C HIS E 98 18.23 -33.74 -1.25
N TYR E 99 17.52 -34.87 -1.30
CA TYR E 99 16.06 -34.91 -1.08
C TYR E 99 15.76 -34.60 0.38
N GLY E 100 14.65 -33.90 0.65
CA GLY E 100 14.28 -33.53 2.03
C GLY E 100 15.18 -32.50 2.72
N CYS E 101 15.44 -31.39 2.03
CA CYS E 101 16.30 -30.31 2.49
C CYS E 101 15.47 -29.19 3.10
N GLY E 102 15.67 -28.93 4.39
CA GLY E 102 14.91 -27.90 5.10
C GLY E 102 15.06 -26.51 4.48
N GLY E 103 16.27 -26.19 3.99
CA GLY E 103 16.49 -24.90 3.34
C GLY E 103 15.71 -24.75 2.04
N VAL E 104 15.73 -25.80 1.24
CA VAL E 104 15.11 -25.78 -0.09
C VAL E 104 13.59 -25.65 -0.01
N THR E 105 12.95 -26.43 0.87
CA THR E 105 11.50 -26.34 1.06
C THR E 105 11.06 -24.95 1.52
N ALA E 106 11.76 -24.40 2.50
CA ALA E 106 11.51 -23.05 3.02
C ALA E 106 11.76 -21.94 2.01
N ALA E 107 12.50 -22.23 0.94
CA ALA E 107 12.61 -21.32 -0.20
C ALA E 107 11.27 -21.17 -0.90
N ILE E 108 10.54 -22.29 -0.97
CA ILE E 108 9.23 -22.33 -1.63
C ILE E 108 8.16 -21.90 -0.63
N ASP E 109 8.31 -22.39 0.61
CA ASP E 109 7.35 -22.10 1.66
C ASP E 109 7.38 -20.64 2.09
N ASN E 110 8.56 -20.02 1.98
CA ASN E 110 8.72 -18.60 2.27
C ASN E 110 8.23 -18.20 3.67
N PRO E 111 8.49 -19.04 4.72
CA PRO E 111 8.09 -18.59 6.05
C PRO E 111 9.06 -17.54 6.61
N GLN E 112 8.73 -17.00 7.77
CA GLN E 112 9.52 -15.94 8.42
C GLN E 112 10.59 -16.52 9.34
N LEU E 113 11.71 -16.95 8.74
CA LEU E 113 12.72 -17.73 9.44
C LEU E 113 13.93 -16.93 9.90
N GLY E 114 13.97 -15.65 9.54
CA GLY E 114 14.97 -14.74 10.06
C GLY E 114 16.01 -14.41 9.01
N LEU E 115 17.22 -14.13 9.48
CA LEU E 115 18.37 -13.89 8.61
C LEU E 115 18.43 -14.84 7.41
N ILE E 116 18.16 -16.12 7.64
CA ILE E 116 18.28 -17.18 6.62
C ILE E 116 17.48 -16.93 5.35
N ASN E 117 16.39 -16.16 5.43
CA ASN E 117 15.58 -15.84 4.23
C ASN E 117 16.38 -15.13 3.13
N ASN E 118 17.38 -14.34 3.52
CA ASN E 118 18.30 -13.68 2.55
C ASN E 118 19.23 -14.64 1.83
N TRP E 119 19.89 -15.51 2.60
CA TRP E 119 20.67 -16.61 2.03
C TRP E 119 19.76 -17.49 1.18
N LEU E 120 18.55 -17.76 1.70
CA LEU E 120 17.54 -18.54 0.95
C LEU E 120 16.92 -17.83 -0.27
N LEU E 121 17.05 -16.51 -0.38
CA LEU E 121 16.50 -15.82 -1.56
C LEU E 121 17.18 -16.27 -2.86
N HIS E 122 18.43 -16.71 -2.79
CA HIS E 122 19.13 -17.28 -3.95
C HIS E 122 18.42 -18.55 -4.46
N ILE E 123 18.13 -19.49 -3.55
CA ILE E 123 17.42 -20.74 -3.88
C ILE E 123 16.09 -20.42 -4.58
N ARG E 124 15.35 -19.48 -3.98
CA ARG E 124 14.03 -19.13 -4.43
C ARG E 124 14.02 -18.49 -5.82
N ASP E 125 15.13 -17.88 -6.22
CA ASP E 125 15.27 -17.37 -7.58
C ASP E 125 15.28 -18.51 -8.60
N TYR E 126 15.62 -19.71 -8.14
CA TYR E 126 15.53 -20.89 -9.01
C TYR E 126 14.15 -21.49 -8.96
N TYR E 127 13.48 -21.32 -7.83
CA TYR E 127 12.09 -21.71 -7.70
C TYR E 127 11.22 -20.83 -8.58
N LEU E 128 11.48 -19.53 -8.59
CA LEU E 128 10.74 -18.64 -9.48
C LEU E 128 11.07 -18.92 -10.94
N LYS E 129 12.36 -19.02 -11.27
CA LYS E 129 12.82 -19.41 -12.61
C LYS E 129 12.08 -20.65 -13.11
N HIS E 130 12.23 -21.76 -12.39
CA HIS E 130 11.79 -23.08 -12.85
C HIS E 130 10.36 -23.46 -12.41
N ARG E 131 9.68 -22.52 -11.75
CA ARG E 131 8.33 -22.74 -11.17
C ARG E 131 7.30 -23.40 -12.09
N GLU E 132 7.36 -23.08 -13.38
CA GLU E 132 6.37 -23.61 -14.33
C GLU E 132 6.48 -25.13 -14.43
N TYR E 133 7.69 -25.63 -14.64
CA TYR E 133 7.96 -27.07 -14.62
C TYR E 133 7.57 -27.65 -13.26
N LEU E 134 8.01 -26.97 -12.21
CA LEU E 134 7.78 -27.39 -10.82
C LEU E 134 6.30 -27.49 -10.43
N ASP E 135 5.46 -26.65 -11.03
CA ASP E 135 4.04 -26.65 -10.69
C ASP E 135 3.20 -27.65 -11.49
N LYS E 136 3.80 -28.28 -12.50
CA LYS E 136 3.20 -29.43 -13.15
C LYS E 136 3.45 -30.66 -12.28
N MET E 137 4.38 -30.51 -11.34
CA MET E 137 4.76 -31.55 -10.40
C MET E 137 3.80 -31.63 -9.21
N PRO E 138 3.63 -32.85 -8.64
CA PRO E 138 2.87 -33.00 -7.40
C PRO E 138 3.35 -32.06 -6.29
N ALA E 139 2.42 -31.53 -5.51
CA ALA E 139 2.69 -30.60 -4.42
C ALA E 139 3.49 -31.21 -3.25
N GLU E 140 3.98 -32.43 -3.42
CA GLU E 140 4.89 -33.04 -2.46
C GLU E 140 6.30 -33.05 -3.05
N ASP E 141 6.37 -33.31 -4.34
CA ASP E 141 7.64 -33.63 -5.03
C ASP E 141 8.37 -32.41 -5.63
N ARG E 142 7.81 -31.23 -5.43
CA ARG E 142 8.40 -29.99 -5.96
C ARG E 142 9.76 -29.69 -5.29
N SER E 143 9.82 -29.83 -3.97
CA SER E 143 11.03 -29.51 -3.21
C SER E 143 12.20 -30.43 -3.54
N ASP E 144 11.92 -31.72 -3.72
CA ASP E 144 12.96 -32.65 -4.13
C ASP E 144 13.45 -32.39 -5.57
N LYS E 145 12.55 -32.05 -6.50
CA LYS E 145 12.96 -31.66 -7.85
C LYS E 145 13.82 -30.38 -7.84
N LEU E 146 13.40 -29.38 -7.08
CA LEU E 146 14.18 -28.14 -6.91
C LEU E 146 15.56 -28.43 -6.32
N ALA E 147 15.61 -29.39 -5.39
CA ALA E 147 16.89 -29.82 -4.82
C ALA E 147 17.84 -30.24 -5.94
N GLU E 148 17.37 -31.10 -6.83
CA GLU E 148 18.13 -31.51 -8.02
C GLU E 148 18.50 -30.29 -8.86
N ILE E 149 17.51 -29.43 -9.11
CA ILE E 149 17.66 -28.24 -9.97
C ILE E 149 18.76 -27.29 -9.45
N ASN E 150 18.83 -27.17 -8.13
CA ASN E 150 19.81 -26.34 -7.46
C ASN E 150 21.23 -26.86 -7.61
N VAL E 151 21.40 -28.18 -7.47
CA VAL E 151 22.70 -28.79 -7.73
C VAL E 151 23.12 -28.39 -9.13
N ALA E 152 22.22 -28.59 -10.09
CA ALA E 152 22.44 -28.18 -11.47
C ALA E 152 22.82 -26.70 -11.55
N GLU E 153 22.19 -25.87 -10.71
CA GLU E 153 22.52 -24.44 -10.74
C GLU E 153 23.83 -24.11 -10.01
N GLN E 154 24.03 -24.64 -8.80
CA GLN E 154 25.24 -24.33 -8.03
C GLN E 154 26.49 -24.86 -8.72
N VAL E 155 26.38 -26.06 -9.30
CA VAL E 155 27.44 -26.63 -10.16
C VAL E 155 27.82 -25.64 -11.27
N TYR E 156 26.82 -25.04 -11.90
CA TYR E 156 27.02 -24.02 -12.94
C TYR E 156 27.87 -22.85 -12.41
N ASN E 157 27.40 -22.26 -11.31
CA ASN E 157 28.15 -21.22 -10.56
C ASN E 157 29.61 -21.58 -10.26
N LEU E 158 29.82 -22.80 -9.77
CA LEU E 158 31.16 -23.27 -9.48
C LEU E 158 32.07 -23.24 -10.72
N ALA E 159 31.58 -23.77 -11.83
CA ALA E 159 32.34 -23.84 -13.08
C ALA E 159 32.65 -22.43 -13.60
N ASN E 160 31.77 -21.51 -13.26
CA ASN E 160 31.80 -20.13 -13.73
C ASN E 160 32.72 -19.21 -12.94
N SER E 161 33.03 -19.60 -11.72
CA SER E 161 33.84 -18.78 -10.81
C SER E 161 35.20 -18.52 -11.43
N THR E 162 35.78 -17.38 -11.09
CA THR E 162 37.15 -17.09 -11.53
C THR E 162 38.11 -18.22 -11.16
N VAL E 163 37.87 -18.82 -9.99
CA VAL E 163 38.73 -19.86 -9.43
C VAL E 163 38.82 -21.10 -10.32
N LEU E 164 37.67 -21.60 -10.76
CA LEU E 164 37.64 -22.73 -11.70
C LEU E 164 38.07 -22.32 -13.09
N GLN E 165 37.78 -21.07 -13.45
CA GLN E 165 38.13 -20.53 -14.75
C GLN E 165 39.64 -20.28 -14.92
N ASN E 166 40.31 -19.86 -13.86
CA ASN E 166 41.74 -19.62 -13.88
C ASN E 166 42.54 -20.90 -13.69
N ALA E 167 41.94 -21.85 -12.95
CA ALA E 167 42.46 -23.21 -12.85
C ALA E 167 42.48 -23.88 -14.22
N TRP E 168 41.32 -23.95 -14.89
CA TRP E 168 41.27 -24.57 -16.22
C TRP E 168 42.22 -23.89 -17.22
N GLU E 169 42.29 -22.56 -17.17
CA GLU E 169 43.13 -21.76 -18.09
C GLU E 169 44.63 -22.06 -17.98
N ARG E 170 45.11 -22.31 -16.77
CA ARG E 170 46.54 -22.53 -16.54
C ARG E 170 47.00 -24.00 -16.70
N GLY E 171 46.13 -24.83 -17.27
CA GLY E 171 46.50 -26.22 -17.58
C GLY E 171 46.33 -27.20 -16.45
N GLN E 172 45.50 -26.87 -15.47
CA GLN E 172 45.22 -27.81 -14.39
C GLN E 172 44.11 -28.78 -14.81
N ALA E 173 44.32 -30.05 -14.48
CA ALA E 173 43.27 -31.05 -14.52
C ALA E 173 42.52 -31.02 -13.19
N VAL E 174 41.38 -30.36 -13.19
CA VAL E 174 40.43 -30.40 -12.08
C VAL E 174 39.10 -30.58 -12.76
N GLU E 175 38.22 -31.37 -12.15
CA GLU E 175 36.89 -31.50 -12.69
C GLU E 175 35.79 -31.32 -11.66
N VAL E 176 34.60 -31.00 -12.14
CA VAL E 176 33.46 -30.74 -11.28
C VAL E 176 32.35 -31.74 -11.57
N HIS E 177 31.52 -31.96 -10.56
CA HIS E 177 30.44 -32.95 -10.60
C HIS E 177 29.26 -32.49 -9.77
N GLY E 178 28.06 -32.87 -10.18
CA GLY E 178 26.88 -32.62 -9.39
C GLY E 178 26.21 -33.93 -9.00
N PHE E 179 26.13 -34.18 -7.70
CA PHE E 179 25.39 -35.33 -7.16
C PHE E 179 24.14 -34.89 -6.41
N VAL E 180 23.14 -35.77 -6.43
CA VAL E 180 22.06 -35.76 -5.45
C VAL E 180 21.81 -37.19 -4.94
N TYR E 181 21.13 -37.30 -3.82
CA TYR E 181 20.67 -38.60 -3.34
C TYR E 181 19.35 -38.40 -2.57
N GLY E 182 18.56 -39.47 -2.49
CA GLY E 182 17.35 -39.49 -1.68
C GLY E 182 17.64 -40.15 -0.35
N ILE E 183 16.73 -39.98 0.61
CA ILE E 183 16.93 -40.51 1.95
C ILE E 183 16.48 -41.97 2.12
N GLU E 184 15.78 -42.51 1.14
CA GLU E 184 15.37 -43.91 1.23
C GLU E 184 16.56 -44.84 1.31
N ASP E 185 17.72 -44.36 0.86
CA ASP E 185 18.82 -45.24 0.48
C ASP E 185 20.20 -44.60 0.55
N GLY E 186 20.30 -43.27 0.56
CA GLY E 186 21.62 -42.59 0.52
C GLY E 186 22.36 -42.93 -0.76
N ARG E 187 21.59 -43.22 -1.80
CA ARG E 187 22.10 -43.69 -3.08
C ARG E 187 22.36 -42.49 -4.00
N LEU E 188 23.64 -42.23 -4.27
CA LEU E 188 24.09 -41.08 -5.04
C LEU E 188 23.82 -41.24 -6.53
N GLU E 189 23.43 -40.14 -7.15
CA GLU E 189 23.07 -40.09 -8.57
C GLU E 189 23.72 -38.88 -9.24
N TYR E 190 24.30 -39.11 -10.42
CA TYR E 190 25.01 -38.08 -11.16
C TYR E 190 24.08 -37.20 -11.98
N LEU E 191 24.34 -35.90 -11.98
CA LEU E 191 23.56 -34.94 -12.76
C LEU E 191 24.43 -34.19 -13.81
N GLY E 192 24.46 -34.75 -15.02
CA GLY E 192 25.14 -34.13 -16.16
C GLY E 192 26.28 -34.99 -16.72
N VAL E 193 27.30 -34.34 -17.28
CA VAL E 193 28.46 -35.04 -17.84
C VAL E 193 29.80 -34.49 -17.32
N ARG E 194 30.89 -35.13 -17.72
CA ARG E 194 32.24 -34.77 -17.24
C ARG E 194 32.69 -33.35 -17.62
N CYS E 195 32.90 -32.52 -16.61
CA CYS E 195 33.30 -31.13 -16.82
C CYS E 195 34.73 -30.85 -16.37
N ALA E 196 35.67 -31.08 -17.28
CA ALA E 196 37.11 -31.02 -16.95
C ALA E 196 37.87 -29.91 -17.68
N SER E 197 37.13 -29.01 -18.32
CA SER E 197 37.67 -27.81 -18.99
C SER E 197 36.58 -26.76 -19.10
N ARG E 198 36.93 -25.58 -19.61
CA ARG E 198 35.97 -24.49 -19.78
C ARG E 198 34.89 -24.75 -20.83
N SER E 199 35.27 -25.32 -21.98
CA SER E 199 34.30 -25.50 -23.09
C SER E 199 33.20 -26.51 -22.76
N ALA E 200 33.48 -27.40 -21.82
CA ALA E 200 32.54 -28.47 -21.45
C ALA E 200 31.39 -27.97 -20.57
N VAL E 201 31.56 -26.78 -20.01
CA VAL E 201 30.70 -26.26 -18.93
C VAL E 201 29.22 -26.15 -19.32
N GLU E 202 28.93 -25.53 -20.46
CA GLU E 202 27.54 -25.28 -20.88
C GLU E 202 26.76 -26.57 -21.19
N ASP E 203 27.43 -27.53 -21.81
CA ASP E 203 26.83 -28.83 -22.13
C ASP E 203 26.37 -29.61 -20.89
N ASN E 204 27.25 -29.71 -19.89
CA ASN E 204 26.95 -30.35 -18.60
C ASN E 204 25.77 -29.68 -17.88
N TYR E 205 25.81 -28.35 -17.85
CA TYR E 205 24.68 -27.55 -17.39
C TYR E 205 23.41 -27.95 -18.12
N HIS E 206 23.51 -28.07 -19.44
CA HIS E 206 22.36 -28.42 -20.29
C HIS E 206 21.92 -29.88 -20.14
N LYS E 207 22.89 -30.78 -19.96
CA LYS E 207 22.63 -32.23 -19.82
C LYS E 207 21.94 -32.57 -18.50
N ALA E 208 22.44 -31.97 -17.42
CA ALA E 208 21.83 -32.12 -16.11
C ALA E 208 20.39 -31.62 -16.14
N LEU E 209 20.17 -30.45 -16.74
CA LEU E 209 18.84 -29.86 -16.79
C LEU E 209 17.95 -30.63 -17.78
N GLU E 210 18.59 -31.31 -18.73
CA GLU E 210 17.88 -32.25 -19.60
C GLU E 210 17.45 -33.49 -18.80
N LYS E 211 18.37 -34.05 -18.01
CA LYS E 211 18.12 -35.25 -17.20
C LYS E 211 17.24 -34.92 -15.99
N ILE E 212 17.34 -33.69 -15.51
CA ILE E 212 16.54 -33.19 -14.37
C ILE E 212 15.16 -32.67 -14.80
N LEU E 213 15.13 -31.75 -15.78
CA LEU E 213 13.85 -31.23 -16.28
C LEU E 213 13.28 -32.11 -17.41
N ASN E 214 13.15 -33.41 -17.12
CA ASN E 214 12.63 -34.39 -18.07
C ASN E 214 11.11 -34.28 -18.28
N PRO E 215 10.62 -34.57 -19.50
CA PRO E 215 9.22 -34.36 -19.92
C PRO E 215 8.14 -35.13 -19.15
N ASN E 216 8.53 -36.14 -18.37
CA ASN E 216 7.58 -36.86 -17.53
C ASN E 216 7.52 -36.38 -16.09
N HIS E 217 8.11 -35.21 -15.83
CA HIS E 217 8.13 -34.60 -14.51
C HIS E 217 8.33 -35.65 -13.40
N ARG E 218 9.34 -36.50 -13.60
CA ARG E 218 9.66 -37.57 -12.65
C ARG E 218 10.90 -37.26 -11.81
N LEU E 219 10.88 -37.68 -10.54
CA LEU E 219 12.06 -37.59 -9.68
C LEU E 219 13.14 -38.62 -10.05
N LEU E 220 14.36 -38.37 -9.59
CA LEU E 220 15.53 -39.19 -9.96
C LEU E 220 15.96 -40.17 -8.88
N CYS E 221 15.57 -39.91 -7.64
CA CYS E 221 16.02 -40.72 -6.50
C CYS E 221 14.90 -41.36 -5.64
N ARG E 222 13.67 -41.39 -6.18
CA ARG E 222 12.57 -42.14 -5.56
C ARG E 222 11.30 -42.18 -6.44
N MET F 1 35.65 -41.71 -15.35
CA MET F 1 36.94 -41.56 -14.63
C MET F 1 37.01 -42.52 -13.46
N PRO F 2 38.12 -43.28 -13.36
CA PRO F 2 38.22 -44.43 -12.44
C PRO F 2 37.83 -44.09 -11.00
N GLU F 3 38.52 -43.11 -10.39
CA GLU F 3 38.36 -42.83 -8.96
C GLU F 3 36.97 -42.26 -8.63
N ILE F 4 36.34 -41.67 -9.65
CA ILE F 4 34.95 -41.18 -9.56
C ILE F 4 33.95 -42.34 -9.67
N LYS F 5 34.19 -43.25 -10.62
CA LYS F 5 33.45 -44.53 -10.68
C LYS F 5 33.57 -45.25 -9.33
N GLN F 6 34.76 -45.12 -8.73
CA GLN F 6 35.08 -45.76 -7.43
C GLN F 6 34.09 -45.33 -6.32
N LEU F 7 33.73 -44.06 -6.28
CA LEU F 7 32.79 -43.54 -5.27
C LEU F 7 31.36 -44.03 -5.46
N PHE F 8 30.93 -44.21 -6.71
CA PHE F 8 29.61 -44.77 -6.97
C PHE F 8 29.53 -46.24 -6.54
N GLU F 9 30.66 -46.95 -6.60
CA GLU F 9 30.72 -48.34 -6.14
C GLU F 9 30.84 -48.46 -4.60
N ASN F 10 31.63 -47.60 -3.95
CA ASN F 10 31.66 -47.59 -2.49
C ASN F 10 30.25 -47.30 -1.95
N ASN F 11 29.66 -46.19 -2.41
CA ASN F 11 28.29 -45.80 -2.09
C ASN F 11 27.30 -46.94 -2.30
N SER F 12 27.34 -47.53 -3.49
CA SER F 12 26.43 -48.62 -3.86
C SER F 12 26.48 -49.80 -2.87
N LYS F 13 27.70 -50.25 -2.54
CA LYS F 13 27.93 -51.34 -1.58
C LYS F 13 27.51 -50.93 -0.18
N TRP F 14 27.85 -49.70 0.21
CA TRP F 14 27.47 -49.19 1.53
C TRP F 14 25.96 -49.17 1.74
N SER F 15 25.26 -48.53 0.82
CA SER F 15 23.82 -48.29 0.94
C SER F 15 23.08 -49.59 1.17
N ALA F 16 23.24 -50.53 0.25
CA ALA F 16 22.62 -51.86 0.36
C ALA F 16 22.85 -52.55 1.70
N SER F 17 24.10 -52.52 2.19
CA SER F 17 24.47 -53.20 3.43
C SER F 17 23.75 -52.68 4.67
N ILE F 18 23.91 -51.39 4.96
CA ILE F 18 23.21 -50.78 6.10
C ILE F 18 21.71 -50.65 5.81
N LYS F 19 21.34 -50.75 4.54
CA LYS F 19 19.91 -50.85 4.16
C LYS F 19 19.35 -52.19 4.64
N ALA F 20 20.01 -53.28 4.25
CA ALA F 20 19.63 -54.62 4.71
C ALA F 20 19.72 -54.76 6.23
N GLU F 21 20.76 -54.16 6.81
CA GLU F 21 21.18 -54.41 8.20
C GLU F 21 20.46 -53.53 9.22
N THR F 22 20.35 -52.22 8.93
CA THR F 22 19.56 -51.30 9.75
C THR F 22 18.71 -50.39 8.86
N PRO F 23 17.61 -50.93 8.29
CA PRO F 23 16.65 -50.08 7.58
C PRO F 23 16.11 -48.96 8.48
N GLU F 24 16.15 -49.17 9.80
CA GLU F 24 15.69 -48.17 10.76
C GLU F 24 16.58 -46.91 10.84
N TYR F 25 17.86 -47.06 10.50
CA TYR F 25 18.74 -45.90 10.31
C TYR F 25 18.12 -44.84 9.39
N PHE F 26 17.61 -45.30 8.24
CA PHE F 26 17.13 -44.42 7.18
C PHE F 26 15.74 -43.85 7.43
N ALA F 27 14.78 -44.72 7.78
CA ALA F 27 13.41 -44.26 8.08
C ALA F 27 13.36 -43.30 9.28
N LYS F 28 14.41 -43.29 10.09
CA LYS F 28 14.53 -42.30 11.16
C LYS F 28 14.99 -40.98 10.54
N LEU F 29 16.11 -41.02 9.82
CA LEU F 29 16.61 -39.87 9.08
C LEU F 29 15.52 -39.22 8.22
N ALA F 30 14.73 -40.06 7.54
CA ALA F 30 13.59 -39.64 6.74
C ALA F 30 12.74 -38.62 7.48
N LYS F 31 12.30 -38.96 8.69
CA LYS F 31 11.76 -37.97 9.61
C LYS F 31 12.92 -37.02 9.95
N GLY F 32 13.01 -35.92 9.21
CA GLY F 32 14.04 -34.92 9.45
C GLY F 32 13.85 -34.26 10.80
N GLN F 33 13.99 -35.06 11.86
CA GLN F 33 13.89 -34.56 13.23
C GLN F 33 15.02 -33.58 13.51
N ASN F 34 14.73 -32.58 14.34
CA ASN F 34 15.68 -31.52 14.64
C ASN F 34 17.04 -32.06 15.13
N PRO F 35 18.14 -31.56 14.52
CA PRO F 35 19.46 -31.92 15.01
C PRO F 35 19.69 -31.25 16.37
N ASP F 36 20.66 -31.76 17.12
CA ASP F 36 20.83 -31.35 18.50
C ASP F 36 22.05 -30.45 18.74
N PHE F 37 23.02 -30.53 17.84
CA PHE F 37 24.24 -29.70 17.88
C PHE F 37 24.48 -29.12 16.49
N LEU F 38 24.91 -27.86 16.43
CA LEU F 38 25.58 -27.37 15.22
C LEU F 38 27.11 -27.44 15.42
N TRP F 39 27.80 -28.00 14.43
CA TRP F 39 29.25 -28.14 14.50
C TRP F 39 29.91 -27.29 13.45
N ILE F 40 30.74 -26.34 13.90
CA ILE F 40 31.54 -25.49 13.03
C ILE F 40 32.99 -25.97 13.09
N GLY F 41 33.48 -26.58 12.04
CA GLY F 41 34.84 -27.10 12.04
C GLY F 41 35.66 -26.58 10.90
N CYS F 42 36.89 -27.08 10.77
CA CYS F 42 37.70 -26.79 9.59
C CYS F 42 37.36 -27.66 8.39
N ALA F 43 37.43 -27.06 7.20
CA ALA F 43 37.34 -27.80 5.95
C ALA F 43 38.22 -29.08 5.91
N ASP F 44 39.44 -28.97 6.43
CA ASP F 44 40.37 -30.12 6.61
C ASP F 44 39.71 -31.42 7.09
N SER F 45 38.69 -31.30 7.94
CA SER F 45 37.96 -32.46 8.48
C SER F 45 38.91 -33.63 8.75
N ARG F 46 39.90 -33.43 9.61
CA ARG F 46 41.01 -34.39 9.77
C ARG F 46 40.50 -35.74 10.28
N VAL F 47 39.68 -35.66 11.33
CA VAL F 47 38.82 -36.75 11.76
C VAL F 47 37.40 -36.22 11.63
N PRO F 48 36.43 -37.05 11.17
CA PRO F 48 35.08 -36.49 11.08
C PRO F 48 34.50 -36.13 12.44
N ALA F 49 33.53 -35.22 12.43
CA ALA F 49 32.80 -34.82 13.63
C ALA F 49 31.96 -35.98 14.19
N GLU F 50 31.43 -36.81 13.29
CA GLU F 50 30.65 -38.00 13.66
C GLU F 50 31.49 -38.98 14.48
N ARG F 51 32.78 -39.09 14.15
CA ARG F 51 33.68 -40.04 14.79
C ARG F 51 34.17 -39.49 16.10
N LEU F 52 34.52 -38.19 16.11
CA LEU F 52 34.93 -37.49 17.33
C LEU F 52 33.85 -37.50 18.40
N THR F 53 32.57 -37.39 17.98
CA THR F 53 31.41 -37.40 18.87
C THR F 53 30.66 -38.74 18.94
N GLY F 54 31.04 -39.69 18.08
CA GLY F 54 30.28 -40.94 17.95
C GLY F 54 28.81 -40.75 17.58
N LEU F 55 28.45 -39.58 17.07
CA LEU F 55 27.05 -39.32 16.74
C LEU F 55 26.78 -39.47 15.24
N TYR F 56 26.16 -40.58 14.86
CA TYR F 56 26.07 -41.03 13.46
C TYR F 56 24.68 -41.07 12.85
N SER F 57 23.70 -40.46 13.51
CA SER F 57 22.32 -40.53 13.04
C SER F 57 21.69 -39.15 12.87
N GLY F 58 22.45 -38.24 12.28
CA GLY F 58 21.95 -36.92 11.89
C GLY F 58 21.93 -35.82 12.95
N GLU F 59 22.41 -36.15 14.16
CA GLU F 59 22.40 -35.23 15.33
C GLU F 59 23.12 -33.89 15.07
N LEU F 60 24.24 -33.94 14.36
CA LEU F 60 25.03 -32.73 14.00
C LEU F 60 24.59 -32.04 12.70
N PHE F 61 24.20 -30.76 12.84
CA PHE F 61 24.06 -29.82 11.73
C PHE F 61 25.47 -29.25 11.62
N VAL F 62 25.98 -29.12 10.39
CA VAL F 62 27.43 -28.89 10.20
C VAL F 62 27.82 -27.80 9.17
N HIS F 63 28.61 -26.83 9.64
CA HIS F 63 29.29 -25.83 8.79
C HIS F 63 30.82 -26.01 8.84
N ARG F 64 31.48 -25.90 7.68
CA ARG F 64 32.97 -25.95 7.59
C ARG F 64 33.60 -24.87 6.67
N ASN F 65 34.72 -24.31 7.11
CA ASN F 65 35.49 -23.34 6.33
C ASN F 65 36.97 -23.42 6.72
N VAL F 66 37.85 -22.79 5.94
CA VAL F 66 39.29 -22.88 6.23
C VAL F 66 39.63 -22.22 7.56
N ALA F 67 40.20 -23.03 8.46
CA ALA F 67 40.55 -22.72 9.86
C ALA F 67 39.36 -22.43 10.78
N ASN F 68 38.19 -22.98 10.45
CA ASN F 68 37.04 -22.99 11.37
C ASN F 68 36.74 -21.61 11.97
N GLN F 69 36.32 -20.69 11.09
CA GLN F 69 36.12 -19.29 11.48
C GLN F 69 34.69 -18.90 11.79
N VAL F 70 34.55 -17.92 12.70
CA VAL F 70 33.30 -17.20 12.95
C VAL F 70 33.58 -15.71 12.69
N ILE F 71 33.55 -15.32 11.42
CA ILE F 71 33.86 -13.95 10.96
C ILE F 71 32.62 -13.07 11.12
N HIS F 72 32.77 -11.90 11.75
CA HIS F 72 31.63 -11.04 12.12
C HIS F 72 30.64 -10.83 10.97
N THR F 73 31.18 -10.65 9.78
CA THR F 73 30.41 -10.31 8.61
C THR F 73 30.25 -11.48 7.64
N ASP F 74 30.69 -12.67 8.06
CA ASP F 74 30.50 -13.83 7.20
C ASP F 74 29.03 -14.28 7.23
N LEU F 75 28.30 -14.03 6.15
CA LEU F 75 26.87 -14.39 6.14
C LEU F 75 26.63 -15.87 5.86
N ASN F 76 27.61 -16.54 5.25
CA ASN F 76 27.58 -18.00 5.14
C ASN F 76 27.50 -18.59 6.57
N CYS F 77 28.55 -18.43 7.38
CA CYS F 77 28.55 -18.94 8.77
C CYS F 77 27.43 -18.38 9.70
N LEU F 78 27.17 -17.07 9.66
CA LEU F 78 26.05 -16.48 10.45
C LEU F 78 24.69 -17.08 10.13
N SER F 79 24.46 -17.35 8.83
CA SER F 79 23.17 -17.89 8.38
C SER F 79 22.97 -19.33 8.85
N VAL F 80 24.05 -20.09 8.98
CA VAL F 80 23.98 -21.46 9.54
C VAL F 80 23.69 -21.40 11.05
N VAL F 81 24.46 -20.58 11.76
CA VAL F 81 24.19 -20.28 13.17
C VAL F 81 22.71 -19.93 13.37
N GLN F 82 22.25 -18.90 12.66
CA GLN F 82 20.92 -18.35 12.89
C GLN F 82 19.81 -19.36 12.61
N TYR F 83 19.88 -20.05 11.47
CA TYR F 83 18.94 -21.10 11.09
C TYR F 83 18.97 -22.29 12.06
N ALA F 84 20.16 -22.63 12.56
CA ALA F 84 20.27 -23.76 13.50
C ALA F 84 19.64 -23.39 14.84
N VAL F 85 19.82 -22.13 15.25
CA VAL F 85 19.32 -21.64 16.53
C VAL F 85 17.83 -21.26 16.47
N ASP F 86 17.46 -20.46 15.48
CA ASP F 86 16.10 -19.94 15.40
C ASP F 86 15.10 -20.93 14.80
N VAL F 87 15.54 -21.72 13.83
CA VAL F 87 14.64 -22.65 13.17
C VAL F 87 14.76 -24.06 13.75
N LEU F 88 15.98 -24.57 13.87
CA LEU F 88 16.20 -25.93 14.39
C LEU F 88 16.50 -25.94 15.89
N GLN F 89 16.44 -24.76 16.50
CA GLN F 89 16.71 -24.56 17.94
C GLN F 89 17.62 -25.62 18.58
N VAL F 90 18.83 -25.74 18.02
CA VAL F 90 19.93 -26.50 18.62
C VAL F 90 20.29 -25.89 19.97
N LYS F 91 20.92 -26.69 20.82
CA LYS F 91 21.17 -26.30 22.22
C LYS F 91 22.64 -26.05 22.49
N HIS F 92 23.45 -26.52 21.56
CA HIS F 92 24.89 -26.42 21.67
C HIS F 92 25.45 -26.03 20.32
N ILE F 93 26.26 -24.99 20.30
CA ILE F 93 27.09 -24.67 19.16
C ILE F 93 28.51 -24.92 19.62
N ILE F 94 29.29 -25.59 18.78
CA ILE F 94 30.65 -25.92 19.13
C ILE F 94 31.58 -25.46 18.03
N VAL F 95 32.65 -24.78 18.46
CA VAL F 95 33.75 -24.44 17.57
C VAL F 95 34.95 -25.34 17.85
N CYS F 96 35.29 -26.17 16.87
CA CYS F 96 36.35 -27.15 17.01
C CYS F 96 37.50 -26.86 16.05
N GLY F 97 38.63 -26.43 16.61
CA GLY F 97 39.88 -26.28 15.88
C GLY F 97 40.74 -27.53 16.02
N HIS F 98 41.88 -27.57 15.31
CA HIS F 98 42.73 -28.76 15.29
C HIS F 98 44.21 -28.45 15.01
N TYR F 99 45.08 -29.28 15.60
CA TYR F 99 46.52 -29.16 15.41
C TYR F 99 46.90 -29.55 13.98
N GLY F 100 47.94 -28.93 13.44
CA GLY F 100 48.33 -29.18 12.05
C GLY F 100 47.26 -28.70 11.07
N CYS F 101 47.02 -27.39 11.09
CA CYS F 101 46.06 -26.77 10.18
C CYS F 101 46.76 -25.90 9.13
N GLY F 102 46.63 -26.30 7.86
CA GLY F 102 47.23 -25.57 6.73
C GLY F 102 46.91 -24.08 6.76
N GLY F 103 45.65 -23.75 6.96
CA GLY F 103 45.21 -22.35 7.02
C GLY F 103 45.84 -21.57 8.16
N VAL F 104 45.91 -22.20 9.33
CA VAL F 104 46.56 -21.60 10.50
C VAL F 104 48.06 -21.39 10.25
N THR F 105 48.74 -22.39 9.72
CA THR F 105 50.19 -22.26 9.42
C THR F 105 50.50 -21.10 8.48
N ALA F 106 49.62 -20.89 7.50
CA ALA F 106 49.77 -19.82 6.51
C ALA F 106 49.54 -18.44 7.10
N ALA F 107 48.71 -18.38 8.14
CA ALA F 107 48.39 -17.13 8.81
C ALA F 107 49.50 -16.67 9.77
N ILE F 108 50.57 -17.45 9.87
CA ILE F 108 51.73 -17.10 10.69
C ILE F 108 52.94 -16.79 9.80
N ASP F 109 53.21 -17.70 8.86
CA ASP F 109 54.35 -17.61 7.94
C ASP F 109 54.08 -16.68 6.77
N ASN F 110 52.81 -16.37 6.54
CA ASN F 110 52.36 -15.47 5.47
C ASN F 110 52.83 -15.80 4.03
N PRO F 111 52.68 -17.07 3.58
CA PRO F 111 52.86 -17.39 2.16
C PRO F 111 51.83 -16.68 1.25
N GLN F 112 52.22 -16.41 0.01
CA GLN F 112 51.33 -15.77 -0.98
C GLN F 112 50.53 -16.84 -1.73
N LEU F 113 49.34 -17.15 -1.23
CA LEU F 113 48.63 -18.35 -1.67
C LEU F 113 47.48 -18.17 -2.68
N GLY F 114 47.07 -16.93 -2.91
CA GLY F 114 45.95 -16.65 -3.84
C GLY F 114 44.79 -16.05 -3.07
N LEU F 115 43.56 -16.22 -3.59
CA LEU F 115 42.40 -15.61 -2.93
C LEU F 115 42.29 -15.95 -1.43
N ILE F 116 42.62 -17.19 -1.07
CA ILE F 116 42.59 -17.66 0.33
C ILE F 116 43.26 -16.71 1.34
N ASN F 117 44.31 -16.00 0.92
CA ASN F 117 45.02 -15.07 1.80
C ASN F 117 44.11 -14.04 2.49
N ASN F 118 43.22 -13.41 1.71
CA ASN F 118 42.22 -12.50 2.27
C ASN F 118 41.50 -13.16 3.45
N TRP F 119 41.01 -14.39 3.26
CA TRP F 119 40.41 -15.19 4.34
C TRP F 119 41.19 -15.27 5.67
N LEU F 120 42.51 -15.48 5.58
CA LEU F 120 43.36 -15.79 6.76
C LEU F 120 43.97 -14.57 7.44
N LEU F 121 43.86 -13.42 6.78
CA LEU F 121 44.19 -12.15 7.41
C LEU F 121 43.40 -11.97 8.71
N HIS F 122 42.21 -12.60 8.79
CA HIS F 122 41.48 -12.66 10.07
C HIS F 122 42.25 -13.51 11.09
N ILE F 123 42.80 -14.63 10.64
CA ILE F 123 43.69 -15.45 11.49
C ILE F 123 44.99 -14.69 11.79
N ARG F 124 45.50 -13.97 10.80
CA ARG F 124 46.70 -13.17 10.98
C ARG F 124 46.52 -12.04 11.99
N ASP F 125 45.32 -11.45 12.07
CA ASP F 125 44.96 -10.50 13.15
C ASP F 125 45.28 -11.12 14.52
N TYR F 126 44.83 -12.36 14.75
CA TYR F 126 45.02 -13.03 16.05
C TYR F 126 46.46 -13.40 16.30
N TYR F 127 47.16 -13.84 15.27
CA TYR F 127 48.61 -14.02 15.37
C TYR F 127 49.17 -12.71 15.92
N LEU F 128 49.00 -11.63 15.17
CA LEU F 128 49.57 -10.32 15.52
C LEU F 128 49.20 -9.83 16.92
N LYS F 129 48.01 -10.20 17.40
CA LYS F 129 47.59 -9.89 18.76
C LYS F 129 48.53 -10.55 19.78
N HIS F 130 48.73 -11.85 19.64
CA HIS F 130 49.55 -12.63 20.57
C HIS F 130 50.93 -12.99 20.01
N ARG F 131 51.51 -12.12 19.19
CA ARG F 131 52.81 -12.44 18.56
C ARG F 131 53.96 -12.56 19.58
N GLU F 132 53.85 -11.85 20.71
CA GLU F 132 54.86 -11.93 21.78
C GLU F 132 54.95 -13.35 22.36
N TYR F 133 53.80 -13.90 22.77
CA TYR F 133 53.73 -15.28 23.29
C TYR F 133 54.17 -16.30 22.24
N LEU F 134 53.71 -16.13 21.01
CA LEU F 134 54.01 -17.08 19.93
C LEU F 134 55.49 -17.10 19.51
N ASP F 135 56.16 -15.97 19.61
CA ASP F 135 57.59 -15.90 19.30
C ASP F 135 58.43 -16.57 20.38
N LYS F 136 58.08 -16.37 21.65
CA LYS F 136 58.73 -17.06 22.78
C LYS F 136 58.51 -18.56 22.68
N MET F 137 57.35 -18.96 22.16
CA MET F 137 57.03 -20.35 21.83
C MET F 137 58.08 -20.96 20.90
N PRO F 138 58.26 -22.30 20.96
CA PRO F 138 59.12 -22.97 19.99
C PRO F 138 58.54 -22.82 18.58
N ALA F 139 59.41 -22.60 17.60
CA ALA F 139 59.00 -22.33 16.22
C ALA F 139 58.11 -23.41 15.60
N GLU F 140 58.38 -24.67 15.91
CA GLU F 140 57.71 -25.80 15.26
C GLU F 140 56.32 -26.13 15.83
N ASP F 141 55.97 -25.46 16.93
CA ASP F 141 54.72 -25.67 17.64
C ASP F 141 53.81 -24.43 17.54
N ARG F 142 54.33 -23.39 16.90
CA ARG F 142 53.67 -22.09 16.71
C ARG F 142 52.29 -22.21 16.08
N SER F 143 52.21 -23.00 15.01
CA SER F 143 50.96 -23.20 14.29
C SER F 143 49.88 -23.85 15.16
N ASP F 144 50.18 -25.02 15.74
CA ASP F 144 49.20 -25.72 16.59
C ASP F 144 48.74 -24.87 17.76
N LYS F 145 49.66 -24.09 18.34
CA LYS F 145 49.31 -23.15 19.42
C LYS F 145 48.29 -22.09 18.98
N LEU F 146 48.57 -21.38 17.89
CA LEU F 146 47.63 -20.35 17.42
C LEU F 146 46.27 -20.95 17.11
N ALA F 147 46.25 -22.18 16.58
CA ALA F 147 45.00 -22.92 16.36
C ALA F 147 44.18 -23.02 17.65
N GLU F 148 44.86 -23.04 18.80
CA GLU F 148 44.20 -23.03 20.10
C GLU F 148 43.59 -21.66 20.40
N ILE F 149 44.39 -20.60 20.31
CA ILE F 149 43.87 -19.24 20.50
C ILE F 149 42.72 -19.01 19.52
N ASN F 150 42.88 -19.49 18.30
CA ASN F 150 41.89 -19.30 17.27
C ASN F 150 40.50 -19.81 17.67
N VAL F 151 40.45 -20.92 18.40
CA VAL F 151 39.16 -21.44 18.85
C VAL F 151 38.50 -20.47 19.79
N ALA F 152 39.29 -20.01 20.76
CA ALA F 152 38.81 -19.12 21.79
C ALA F 152 38.32 -17.81 21.19
N GLU F 153 39.04 -17.30 20.19
CA GLU F 153 38.69 -16.02 19.56
C GLU F 153 37.39 -16.11 18.76
N GLN F 154 37.23 -17.21 18.01
CA GLN F 154 36.03 -17.46 17.21
C GLN F 154 34.79 -17.70 18.09
N VAL F 155 34.97 -18.50 19.15
CA VAL F 155 33.94 -18.69 20.17
C VAL F 155 33.44 -17.33 20.69
N TYR F 156 34.37 -16.45 21.05
CA TYR F 156 34.03 -15.08 21.48
C TYR F 156 33.22 -14.35 20.41
N ASN F 157 33.69 -14.43 19.18
CA ASN F 157 32.96 -13.89 18.03
C ASN F 157 31.53 -14.47 17.95
N LEU F 158 31.40 -15.79 18.13
CA LEU F 158 30.12 -16.45 18.08
C LEU F 158 29.08 -15.87 19.07
N ALA F 159 29.47 -15.81 20.34
CA ALA F 159 28.62 -15.30 21.42
C ALA F 159 28.21 -13.85 21.19
N ASN F 160 29.17 -13.07 20.69
CA ASN F 160 28.95 -11.65 20.40
C ASN F 160 28.09 -11.35 19.16
N SER F 161 27.92 -12.32 18.27
CA SER F 161 27.07 -12.13 17.08
C SER F 161 25.63 -11.77 17.48
N THR F 162 24.93 -11.06 16.58
CA THR F 162 23.54 -10.65 16.82
C THR F 162 22.65 -11.86 17.10
N VAL F 163 23.04 -13.01 16.55
CA VAL F 163 22.30 -14.25 16.72
C VAL F 163 22.34 -14.77 18.17
N LEU F 164 23.55 -14.95 18.72
CA LEU F 164 23.69 -15.45 20.10
C LEU F 164 23.19 -14.49 21.16
N GLN F 165 23.41 -13.20 20.93
CA GLN F 165 22.89 -12.16 21.83
C GLN F 165 21.35 -12.12 21.88
N ASN F 166 20.69 -12.11 20.72
CA ASN F 166 19.22 -12.08 20.67
C ASN F 166 18.58 -13.26 21.40
N ALA F 167 18.94 -14.48 21.01
CA ALA F 167 18.43 -15.67 21.68
C ALA F 167 18.74 -15.68 23.18
N TRP F 168 19.97 -15.31 23.55
CA TRP F 168 20.30 -15.21 24.98
C TRP F 168 19.50 -14.12 25.70
N GLU F 169 19.14 -13.07 24.96
CA GLU F 169 18.26 -12.01 25.46
C GLU F 169 16.82 -12.51 25.63
N ARG F 170 16.24 -13.07 24.57
CA ARG F 170 14.86 -13.56 24.66
C ARG F 170 14.76 -14.89 25.44
N GLY F 171 15.90 -15.31 25.99
CA GLY F 171 15.96 -16.44 26.92
C GLY F 171 15.75 -17.81 26.33
N GLN F 172 16.02 -17.98 25.04
CA GLN F 172 15.99 -19.28 24.37
C GLN F 172 17.09 -20.16 24.97
N ALA F 173 16.81 -21.46 25.13
CA ALA F 173 17.83 -22.42 25.55
C ALA F 173 18.87 -22.65 24.46
N VAL F 174 20.12 -22.29 24.75
CA VAL F 174 21.25 -22.46 23.83
C VAL F 174 22.58 -22.14 24.52
N GLU F 175 23.61 -22.92 24.20
CA GLU F 175 24.95 -22.58 24.67
C GLU F 175 26.06 -22.88 23.65
N VAL F 176 27.24 -22.32 23.89
CA VAL F 176 28.38 -22.36 22.95
C VAL F 176 29.63 -23.03 23.55
N HIS F 177 30.50 -23.60 22.69
CA HIS F 177 31.69 -24.35 23.14
C HIS F 177 32.95 -24.22 22.24
N GLY F 178 34.11 -24.20 22.90
CA GLY F 178 35.39 -24.35 22.25
C GLY F 178 36.02 -25.71 22.49
N PHE F 179 36.08 -26.52 21.43
CA PHE F 179 36.79 -27.80 21.47
C PHE F 179 38.04 -27.63 20.61
N VAL F 180 39.13 -28.32 20.98
CA VAL F 180 40.30 -28.49 20.10
C VAL F 180 40.78 -29.95 20.17
N TYR F 181 41.61 -30.38 19.21
CA TYR F 181 42.24 -31.71 19.23
C TYR F 181 43.52 -31.86 18.38
N GLY F 182 44.33 -32.85 18.73
CA GLY F 182 45.49 -33.26 17.94
C GLY F 182 45.21 -34.48 17.08
N ILE F 183 46.12 -34.78 16.16
CA ILE F 183 45.94 -35.87 15.21
C ILE F 183 46.83 -37.08 15.56
N GLU F 184 47.29 -37.10 16.80
CA GLU F 184 47.96 -38.29 17.30
C GLU F 184 46.95 -39.14 18.08
N ASP F 185 45.98 -38.50 18.72
CA ASP F 185 45.00 -39.22 19.54
C ASP F 185 43.52 -38.82 19.33
N GLY F 186 43.28 -37.67 18.70
CA GLY F 186 41.91 -37.23 18.42
C GLY F 186 41.05 -37.02 19.65
N ARG F 187 41.71 -36.72 20.78
CA ARG F 187 41.06 -36.53 22.06
C ARG F 187 40.61 -35.09 22.25
N LEU F 188 39.29 -34.89 22.19
CA LEU F 188 38.69 -33.55 22.33
C LEU F 188 39.13 -32.93 23.65
N GLU F 189 39.65 -31.71 23.55
CA GLU F 189 40.05 -30.94 24.73
C GLU F 189 39.11 -29.76 24.88
N TYR F 190 38.81 -29.38 26.12
CA TYR F 190 37.92 -28.26 26.32
C TYR F 190 38.69 -26.96 26.52
N LEU F 191 38.32 -25.94 25.75
CA LEU F 191 38.81 -24.58 25.93
C LEU F 191 37.67 -23.69 26.42
N GLY F 192 37.62 -23.48 27.74
CA GLY F 192 36.67 -22.56 28.33
C GLY F 192 35.83 -23.14 29.47
N VAL F 193 34.73 -22.43 29.77
CA VAL F 193 33.78 -22.80 30.80
C VAL F 193 32.35 -22.69 30.24
N ARG F 194 31.33 -22.93 31.07
CA ARG F 194 29.92 -22.87 30.61
C ARG F 194 29.47 -21.44 30.26
N CYS F 195 28.65 -21.33 29.21
CA CYS F 195 28.15 -20.04 28.71
C CYS F 195 26.77 -20.17 28.05
N ALA F 196 25.72 -20.00 28.86
CA ALA F 196 24.34 -20.24 28.42
C ALA F 196 23.52 -18.96 28.32
N SER F 197 24.20 -17.83 28.54
CA SER F 197 23.63 -16.49 28.45
C SER F 197 24.70 -15.45 28.11
N ARG F 198 24.31 -14.18 28.06
CA ARG F 198 25.23 -13.07 27.80
C ARG F 198 26.14 -12.74 28.99
N SER F 199 25.71 -13.18 30.18
CA SER F 199 26.38 -12.87 31.44
C SER F 199 27.76 -13.51 31.61
N ALA F 200 27.90 -14.75 31.17
CA ALA F 200 29.14 -15.50 31.34
C ALA F 200 30.08 -15.48 30.13
N VAL F 201 29.68 -14.77 29.05
CA VAL F 201 30.50 -14.65 27.83
C VAL F 201 31.94 -14.22 28.13
N GLU F 202 32.08 -13.25 29.04
CA GLU F 202 33.37 -12.63 29.33
C GLU F 202 34.35 -13.50 30.10
N ASP F 203 33.84 -14.28 31.06
CA ASP F 203 34.66 -15.21 31.85
C ASP F 203 35.21 -16.35 30.97
N ASN F 204 34.32 -16.93 30.16
CA ASN F 204 34.67 -18.01 29.24
C ASN F 204 35.92 -17.66 28.42
N TYR F 205 35.80 -16.59 27.64
CA TYR F 205 36.89 -15.98 26.90
C TYR F 205 38.14 -15.78 27.78
N HIS F 206 37.94 -15.26 28.99
CA HIS F 206 39.07 -14.91 29.85
C HIS F 206 39.77 -16.14 30.44
N LYS F 207 39.07 -17.28 30.49
CA LYS F 207 39.65 -18.51 31.07
C LYS F 207 40.32 -19.41 30.05
N ALA F 208 39.83 -19.36 28.81
CA ALA F 208 40.40 -20.17 27.72
C ALA F 208 41.82 -19.70 27.42
N LEU F 209 41.97 -18.39 27.22
CA LEU F 209 43.25 -17.78 26.85
C LEU F 209 44.29 -17.94 27.94
N GLU F 210 43.85 -17.88 29.20
CA GLU F 210 44.73 -18.09 30.34
C GLU F 210 45.30 -19.50 30.33
N LYS F 211 44.44 -20.47 29.97
CA LYS F 211 44.85 -21.86 29.80
C LYS F 211 45.68 -22.05 28.53
N ILE F 212 45.35 -21.30 27.47
CA ILE F 212 46.09 -21.39 26.20
C ILE F 212 47.45 -20.70 26.32
N LEU F 213 47.41 -19.40 26.66
CA LEU F 213 48.63 -18.62 26.88
C LEU F 213 49.22 -18.95 28.26
N ASN F 214 49.34 -20.25 28.54
CA ASN F 214 49.90 -20.70 29.82
C ASN F 214 51.40 -20.41 29.90
N PRO F 215 51.89 -20.08 31.12
CA PRO F 215 53.32 -19.80 31.34
C PRO F 215 54.24 -20.93 30.87
N ASN F 216 53.71 -22.16 30.89
CA ASN F 216 54.44 -23.37 30.51
C ASN F 216 54.77 -23.43 29.02
N HIS F 217 54.19 -22.51 28.23
CA HIS F 217 54.33 -22.46 26.75
C HIS F 217 54.09 -23.78 26.03
N ARG F 218 53.21 -24.61 26.58
CA ARG F 218 53.02 -25.96 26.07
C ARG F 218 51.69 -26.10 25.32
N LEU F 219 51.70 -27.00 24.35
CA LEU F 219 50.50 -27.38 23.62
C LEU F 219 49.56 -28.17 24.53
N LEU F 220 48.26 -28.10 24.25
CA LEU F 220 47.26 -28.77 25.08
C LEU F 220 46.82 -30.14 24.54
N CYS F 221 47.32 -30.51 23.35
CA CYS F 221 46.93 -31.78 22.73
C CYS F 221 48.06 -32.61 22.08
N ARG F 222 49.29 -32.44 22.58
CA ARG F 222 50.43 -33.30 22.18
C ARG F 222 51.72 -33.03 22.97
N MET G 1 -7.01 34.20 -13.30
CA MET G 1 -7.61 34.68 -14.57
C MET G 1 -8.21 36.07 -14.37
N PRO G 2 -8.33 36.86 -15.46
CA PRO G 2 -8.95 38.19 -15.39
C PRO G 2 -10.49 38.20 -15.32
N GLU G 3 -11.12 37.03 -15.41
CA GLU G 3 -12.58 36.93 -15.30
C GLU G 3 -13.02 37.12 -13.85
N ILE G 4 -12.40 36.35 -12.95
CA ILE G 4 -12.62 36.46 -11.51
C ILE G 4 -12.13 37.81 -10.95
N LYS G 5 -11.10 38.38 -11.57
CA LYS G 5 -10.69 39.76 -11.28
C LYS G 5 -11.85 40.69 -11.53
N GLN G 6 -12.43 40.60 -12.73
CA GLN G 6 -13.50 41.47 -13.17
C GLN G 6 -14.79 41.36 -12.33
N LEU G 7 -15.02 40.18 -11.76
CA LEU G 7 -16.14 40.00 -10.81
C LEU G 7 -15.83 40.74 -9.50
N PHE G 8 -14.58 40.70 -9.06
CA PHE G 8 -14.17 41.36 -7.81
C PHE G 8 -14.16 42.88 -7.99
N GLU G 9 -13.67 43.35 -9.13
CA GLU G 9 -13.71 44.78 -9.46
C GLU G 9 -15.17 45.28 -9.39
N ASN G 10 -16.07 44.56 -10.06
CA ASN G 10 -17.50 44.87 -10.02
C ASN G 10 -18.07 44.88 -8.61
N ASN G 11 -17.76 43.83 -7.85
CA ASN G 11 -18.16 43.76 -6.44
C ASN G 11 -17.69 45.00 -5.68
N SER G 12 -16.45 45.41 -5.94
CA SER G 12 -15.86 46.59 -5.33
C SER G 12 -16.61 47.88 -5.72
N LYS G 13 -16.87 48.04 -7.02
CA LYS G 13 -17.58 49.23 -7.51
C LYS G 13 -19.02 49.28 -6.98
N TRP G 14 -19.70 48.14 -6.98
CA TRP G 14 -21.04 48.01 -6.40
C TRP G 14 -21.06 48.35 -4.91
N SER G 15 -20.15 47.75 -4.16
CA SER G 15 -20.05 47.93 -2.70
C SER G 15 -19.78 49.39 -2.31
N ALA G 16 -18.79 49.99 -2.93
CA ALA G 16 -18.44 51.41 -2.68
C ALA G 16 -19.55 52.35 -3.13
N SER G 17 -20.30 51.95 -4.16
CA SER G 17 -21.41 52.75 -4.66
C SER G 17 -22.65 52.70 -3.76
N ILE G 18 -22.94 51.51 -3.24
CA ILE G 18 -24.06 51.30 -2.32
C ILE G 18 -23.80 51.95 -0.94
N LYS G 19 -22.53 52.04 -0.53
CA LYS G 19 -22.19 52.77 0.70
C LYS G 19 -22.37 54.29 0.57
N ALA G 20 -21.91 54.84 -0.55
CA ALA G 20 -21.97 56.29 -0.76
C ALA G 20 -23.42 56.81 -0.80
N GLU G 21 -24.29 56.02 -1.43
CA GLU G 21 -25.62 56.49 -1.83
C GLU G 21 -26.78 55.92 -1.01
N THR G 22 -26.67 54.64 -0.65
CA THR G 22 -27.69 53.94 0.14
C THR G 22 -27.06 53.06 1.25
N PRO G 23 -26.23 53.66 2.13
CA PRO G 23 -25.57 52.89 3.19
C PRO G 23 -26.54 52.06 4.02
N GLU G 24 -27.73 52.61 4.28
CA GLU G 24 -28.77 51.95 5.05
C GLU G 24 -29.10 50.52 4.64
N TYR G 25 -28.85 50.18 3.37
CA TYR G 25 -29.09 48.84 2.84
C TYR G 25 -28.30 47.74 3.55
N PHE G 26 -27.07 48.05 3.96
CA PHE G 26 -26.25 47.09 4.68
C PHE G 26 -26.61 47.04 6.15
N ALA G 27 -27.10 48.18 6.67
CA ALA G 27 -27.69 48.26 7.99
C ALA G 27 -28.96 47.41 8.05
N LYS G 28 -29.82 47.57 7.04
CA LYS G 28 -31.05 46.79 6.93
C LYS G 28 -30.77 45.28 6.82
N LEU G 29 -29.62 44.94 6.25
CA LEU G 29 -29.14 43.56 6.20
C LEU G 29 -28.57 43.10 7.53
N ALA G 30 -28.32 44.03 8.46
CA ALA G 30 -27.91 43.68 9.82
C ALA G 30 -29.09 43.22 10.68
N LYS G 31 -30.22 43.91 10.59
CA LYS G 31 -31.45 43.40 11.24
C LYS G 31 -32.12 42.32 10.39
N GLY G 32 -31.38 41.22 10.20
CA GLY G 32 -31.74 40.13 9.28
C GLY G 32 -33.01 39.39 9.61
N GLN G 33 -34.14 39.94 9.16
CA GLN G 33 -35.45 39.31 9.37
C GLN G 33 -35.61 38.06 8.50
N ASN G 34 -36.49 37.18 8.92
CA ASN G 34 -36.90 36.02 8.13
C ASN G 34 -37.36 36.49 6.74
N PRO G 35 -36.98 35.74 5.68
CA PRO G 35 -37.63 35.92 4.38
C PRO G 35 -39.11 35.58 4.49
N ASP G 36 -39.92 36.01 3.54
CA ASP G 36 -41.36 35.74 3.62
C ASP G 36 -41.80 34.67 2.63
N PHE G 37 -40.93 34.39 1.65
CA PHE G 37 -41.19 33.46 0.54
C PHE G 37 -39.97 32.56 0.33
N LEU G 38 -40.22 31.26 0.22
CA LEU G 38 -39.24 30.33 -0.34
C LEU G 38 -39.45 30.20 -1.84
N TRP G 39 -38.38 30.40 -2.62
CA TRP G 39 -38.46 30.36 -4.09
C TRP G 39 -37.67 29.18 -4.66
N ILE G 40 -38.39 28.20 -5.21
CA ILE G 40 -37.79 26.99 -5.79
C ILE G 40 -37.77 27.18 -7.31
N GLY G 41 -36.59 27.36 -7.87
CA GLY G 41 -36.48 27.66 -9.28
C GLY G 41 -35.43 26.86 -10.01
N CYS G 42 -35.36 27.09 -11.31
CA CYS G 42 -34.40 26.40 -12.12
C CYS G 42 -33.02 27.05 -11.95
N ALA G 43 -32.00 26.21 -11.80
CA ALA G 43 -30.59 26.65 -11.83
C ALA G 43 -30.22 27.49 -13.05
N ASP G 44 -31.07 27.46 -14.06
CA ASP G 44 -30.98 28.37 -15.20
C ASP G 44 -31.04 29.84 -14.78
N SER G 45 -31.99 30.17 -13.88
CA SER G 45 -32.09 31.53 -13.30
C SER G 45 -32.03 32.58 -14.40
N ARG G 46 -32.81 32.37 -15.47
CA ARG G 46 -32.68 33.18 -16.68
C ARG G 46 -32.86 34.67 -16.33
N VAL G 47 -34.04 34.98 -15.81
CA VAL G 47 -34.27 36.20 -15.07
C VAL G 47 -34.22 35.82 -13.58
N PRO G 48 -33.42 36.55 -12.78
CA PRO G 48 -33.36 36.14 -11.37
C PRO G 48 -34.64 36.44 -10.58
N ALA G 49 -34.85 35.68 -9.51
CA ALA G 49 -36.06 35.77 -8.69
C ALA G 49 -36.41 37.18 -8.21
N GLU G 50 -35.39 37.94 -7.81
CA GLU G 50 -35.59 39.31 -7.32
C GLU G 50 -36.13 40.22 -8.43
N ARG G 51 -35.55 40.12 -9.62
CA ARG G 51 -35.90 41.00 -10.74
C ARG G 51 -37.31 40.72 -11.28
N LEU G 52 -37.72 39.46 -11.26
CA LEU G 52 -39.10 39.05 -11.58
C LEU G 52 -40.10 39.58 -10.56
N THR G 53 -39.68 39.63 -9.29
CA THR G 53 -40.61 39.91 -8.18
C THR G 53 -40.50 41.31 -7.51
N GLY G 54 -39.45 42.05 -7.82
CA GLY G 54 -39.19 43.34 -7.16
C GLY G 54 -38.80 43.24 -5.68
N LEU G 55 -38.56 42.01 -5.23
CA LEU G 55 -38.27 41.74 -3.81
C LEU G 55 -36.77 41.83 -3.54
N TYR G 56 -36.33 42.96 -2.97
CA TYR G 56 -34.90 43.29 -2.85
C TYR G 56 -34.41 43.60 -1.43
N SER G 57 -35.27 43.43 -0.43
CA SER G 57 -34.84 43.60 0.96
C SER G 57 -34.49 42.25 1.56
N GLY G 58 -34.43 41.23 0.71
CA GLY G 58 -34.11 39.87 1.11
C GLY G 58 -35.32 39.07 1.56
N GLU G 59 -36.47 39.37 0.95
CA GLU G 59 -37.74 38.70 1.25
C GLU G 59 -37.74 37.26 0.75
N LEU G 60 -36.76 36.91 -0.09
CA LEU G 60 -36.66 35.57 -0.65
C LEU G 60 -35.65 34.67 0.07
N PHE G 61 -36.05 33.42 0.26
CA PHE G 61 -35.18 32.29 0.58
C PHE G 61 -35.15 31.45 -0.71
N VAL G 62 -33.98 31.10 -1.23
CA VAL G 62 -33.96 30.56 -2.60
C VAL G 62 -33.36 29.14 -2.66
N HIS G 63 -34.11 28.20 -3.28
CA HIS G 63 -33.51 26.92 -3.71
C HIS G 63 -33.46 26.85 -5.24
N ARG G 64 -32.33 26.40 -5.78
CA ARG G 64 -32.17 26.17 -7.23
C ARG G 64 -31.59 24.79 -7.59
N ASN G 65 -32.23 24.13 -8.56
CA ASN G 65 -31.71 22.90 -9.15
C ASN G 65 -32.05 22.84 -10.65
N VAL G 66 -31.48 21.87 -11.35
CA VAL G 66 -31.85 21.69 -12.75
C VAL G 66 -33.33 21.38 -12.84
N ALA G 67 -34.07 22.32 -13.43
CA ALA G 67 -35.52 22.23 -13.75
C ALA G 67 -36.53 22.25 -12.58
N ASN G 68 -36.20 22.95 -11.49
CA ASN G 68 -37.19 23.28 -10.41
C ASN G 68 -38.09 22.14 -9.89
N GLN G 69 -37.51 20.95 -9.85
CA GLN G 69 -38.16 19.76 -9.35
C GLN G 69 -38.10 19.76 -7.82
N VAL G 70 -39.17 19.28 -7.19
CA VAL G 70 -39.21 18.86 -5.79
C VAL G 70 -39.46 17.36 -5.86
N ILE G 71 -38.38 16.61 -6.05
CA ILE G 71 -38.43 15.14 -6.06
C ILE G 71 -38.73 14.63 -4.64
N HIS G 72 -39.60 13.60 -4.55
CA HIS G 72 -40.07 13.05 -3.26
C HIS G 72 -38.95 12.74 -2.31
N THR G 73 -37.90 12.14 -2.84
CA THR G 73 -36.78 11.68 -2.04
C THR G 73 -35.54 12.56 -2.08
N ASP G 74 -35.60 13.71 -2.75
CA ASP G 74 -34.43 14.62 -2.71
C ASP G 74 -34.30 15.40 -1.38
N LEU G 75 -33.46 14.91 -0.47
CA LEU G 75 -33.27 15.59 0.83
C LEU G 75 -32.74 17.03 0.79
N ASN G 76 -32.04 17.41 -0.28
CA ASN G 76 -31.58 18.80 -0.44
C ASN G 76 -32.77 19.76 -0.50
N CYS G 77 -33.62 19.56 -1.49
CA CYS G 77 -34.82 20.37 -1.64
C CYS G 77 -35.85 20.17 -0.51
N LEU G 78 -36.09 18.94 -0.09
CA LEU G 78 -36.98 18.71 1.07
C LEU G 78 -36.50 19.42 2.33
N SER G 79 -35.18 19.58 2.47
CA SER G 79 -34.64 20.20 3.67
C SER G 79 -34.77 21.72 3.63
N VAL G 80 -34.62 22.30 2.43
CA VAL G 80 -34.86 23.73 2.24
C VAL G 80 -36.31 24.06 2.64
N VAL G 81 -37.22 23.24 2.13
CA VAL G 81 -38.65 23.35 2.44
C VAL G 81 -38.90 23.23 3.94
N GLN G 82 -38.19 22.32 4.62
CA GLN G 82 -38.51 22.06 6.03
C GLN G 82 -38.17 23.25 6.93
N TYR G 83 -36.92 23.68 6.85
CA TYR G 83 -36.39 24.85 7.54
C TYR G 83 -37.24 26.09 7.24
N ALA G 84 -37.54 26.29 5.95
CA ALA G 84 -38.31 27.44 5.51
C ALA G 84 -39.72 27.45 6.14
N VAL G 85 -40.42 26.32 6.04
CA VAL G 85 -41.80 26.19 6.57
C VAL G 85 -41.83 26.13 8.10
N ASP G 86 -41.00 25.27 8.68
CA ASP G 86 -41.05 24.98 10.13
C ASP G 86 -40.29 25.98 11.00
N VAL G 87 -39.01 26.19 10.70
CA VAL G 87 -38.18 27.12 11.46
C VAL G 87 -38.50 28.57 11.09
N LEU G 88 -38.46 28.91 9.80
CA LEU G 88 -38.68 30.30 9.38
C LEU G 88 -40.15 30.69 9.36
N GLN G 89 -41.02 29.71 9.12
CA GLN G 89 -42.42 29.93 8.77
C GLN G 89 -42.51 30.91 7.59
N VAL G 90 -41.94 30.51 6.46
CA VAL G 90 -42.18 31.23 5.21
C VAL G 90 -43.69 31.14 5.02
N LYS G 91 -44.30 32.25 4.64
CA LYS G 91 -45.76 32.26 4.47
C LYS G 91 -46.17 31.62 3.15
N HIS G 92 -45.25 31.57 2.20
CA HIS G 92 -45.55 31.04 0.86
C HIS G 92 -44.36 30.26 0.35
N ILE G 93 -44.62 29.31 -0.57
CA ILE G 93 -43.59 28.64 -1.35
C ILE G 93 -43.90 28.75 -2.84
N ILE G 94 -42.95 29.25 -3.62
CA ILE G 94 -43.11 29.35 -5.06
C ILE G 94 -42.22 28.31 -5.75
N VAL G 95 -42.85 27.49 -6.59
CA VAL G 95 -42.16 26.63 -7.55
C VAL G 95 -42.24 27.37 -8.88
N CYS G 96 -41.11 27.89 -9.36
CA CYS G 96 -41.09 28.60 -10.65
C CYS G 96 -40.35 27.85 -11.75
N GLY G 97 -41.06 27.58 -12.84
CA GLY G 97 -40.48 27.11 -14.09
C GLY G 97 -40.36 28.25 -15.08
N HIS G 98 -39.66 28.00 -16.19
CA HIS G 98 -39.44 29.01 -17.23
C HIS G 98 -39.32 28.36 -18.62
N TYR G 99 -39.45 29.18 -19.65
CA TYR G 99 -39.32 28.65 -21.02
C TYR G 99 -37.86 28.61 -21.45
N GLY G 100 -37.57 27.88 -22.53
CA GLY G 100 -36.22 27.71 -23.04
C GLY G 100 -35.36 26.89 -22.09
N CYS G 101 -36.00 26.02 -21.32
CA CYS G 101 -35.34 25.22 -20.28
C CYS G 101 -34.74 23.96 -20.88
N GLY G 102 -33.42 23.95 -21.02
CA GLY G 102 -32.70 22.82 -21.61
C GLY G 102 -32.99 21.51 -20.88
N GLY G 103 -33.21 21.59 -19.56
CA GLY G 103 -33.56 20.42 -18.76
C GLY G 103 -34.86 19.78 -19.22
N VAL G 104 -35.86 20.62 -19.46
CA VAL G 104 -37.11 20.15 -20.04
C VAL G 104 -36.87 19.66 -21.47
N THR G 105 -36.03 20.37 -22.22
CA THR G 105 -35.70 19.97 -23.60
C THR G 105 -35.13 18.56 -23.64
N ALA G 106 -34.14 18.33 -22.79
CA ALA G 106 -33.47 17.03 -22.62
C ALA G 106 -34.43 15.87 -22.33
N ALA G 107 -35.38 16.07 -21.42
CA ALA G 107 -36.22 14.98 -20.93
C ALA G 107 -37.31 14.57 -21.93
N ILE G 108 -37.46 15.34 -23.00
CA ILE G 108 -38.28 14.96 -24.16
C ILE G 108 -37.40 14.27 -25.22
N ASP G 109 -36.31 14.94 -25.60
CA ASP G 109 -35.42 14.48 -26.68
C ASP G 109 -34.48 13.35 -26.26
N ASN G 110 -34.23 13.22 -24.96
CA ASN G 110 -33.50 12.07 -24.41
C ASN G 110 -32.06 11.97 -24.94
N PRO G 111 -31.33 13.10 -25.01
CA PRO G 111 -29.91 12.93 -25.40
C PRO G 111 -29.09 12.35 -24.26
N GLN G 112 -28.00 11.67 -24.61
CA GLN G 112 -27.05 11.18 -23.60
C GLN G 112 -26.08 12.29 -23.25
N LEU G 113 -26.20 12.79 -22.02
CA LEU G 113 -25.49 13.99 -21.58
C LEU G 113 -24.49 13.72 -20.45
N GLY G 114 -24.62 12.56 -19.80
CA GLY G 114 -23.80 12.28 -18.64
C GLY G 114 -24.65 12.14 -17.39
N LEU G 115 -24.03 12.34 -16.23
CA LEU G 115 -24.63 12.10 -14.91
C LEU G 115 -26.00 12.76 -14.76
N ILE G 116 -26.13 14.01 -15.21
CA ILE G 116 -27.43 14.73 -15.22
C ILE G 116 -28.64 13.93 -15.71
N ASN G 117 -28.47 13.10 -16.74
CA ASN G 117 -29.57 12.28 -17.28
C ASN G 117 -30.52 11.62 -16.26
N ASN G 118 -29.96 11.07 -15.19
CA ASN G 118 -30.74 10.45 -14.08
C ASN G 118 -31.75 11.42 -13.44
N TRP G 119 -31.26 12.59 -13.02
CA TRP G 119 -32.08 13.70 -12.51
C TRP G 119 -33.34 13.98 -13.34
N LEU G 120 -33.21 13.96 -14.67
CA LEU G 120 -34.28 14.40 -15.55
C LEU G 120 -35.26 13.28 -15.89
N LEU G 121 -34.92 12.07 -15.44
CA LEU G 121 -35.82 10.94 -15.60
C LEU G 121 -37.15 11.18 -14.87
N HIS G 122 -37.13 11.97 -13.78
CA HIS G 122 -38.37 12.33 -13.07
C HIS G 122 -39.27 13.17 -14.01
N ILE G 123 -38.67 14.15 -14.69
CA ILE G 123 -39.38 14.86 -15.78
C ILE G 123 -39.68 14.00 -17.00
N ARG G 124 -38.78 13.08 -17.34
CA ARG G 124 -39.07 12.16 -18.45
C ARG G 124 -40.32 11.32 -18.11
N ASP G 125 -40.45 10.90 -16.84
CA ASP G 125 -41.70 10.27 -16.34
C ASP G 125 -42.94 11.10 -16.69
N TYR G 126 -42.87 12.41 -16.48
CA TYR G 126 -44.01 13.30 -16.71
C TYR G 126 -44.31 13.51 -18.19
N TYR G 127 -43.25 13.59 -19.00
CA TYR G 127 -43.42 13.58 -20.45
C TYR G 127 -44.29 12.41 -20.87
N LEU G 128 -44.00 11.22 -20.35
CA LEU G 128 -44.73 10.01 -20.75
C LEU G 128 -46.17 9.96 -20.25
N LYS G 129 -46.43 10.46 -19.04
CA LYS G 129 -47.78 10.57 -18.49
C LYS G 129 -48.67 11.41 -19.41
N HIS G 130 -48.08 12.46 -19.97
CA HIS G 130 -48.81 13.38 -20.81
C HIS G 130 -48.25 13.33 -22.24
N ARG G 131 -47.97 12.13 -22.73
CA ARG G 131 -47.22 11.98 -23.99
C ARG G 131 -48.01 12.16 -25.29
N GLU G 132 -49.30 11.81 -25.31
CA GLU G 132 -50.07 11.95 -26.54
C GLU G 132 -50.29 13.42 -26.87
N TYR G 133 -50.50 14.23 -25.82
CA TYR G 133 -50.76 15.66 -25.96
C TYR G 133 -49.56 16.44 -26.47
N LEU G 134 -48.39 16.16 -25.92
CA LEU G 134 -47.15 16.83 -26.29
C LEU G 134 -46.74 16.52 -27.74
N ASP G 135 -47.14 15.35 -28.22
CA ASP G 135 -46.98 14.97 -29.62
C ASP G 135 -47.63 15.98 -30.56
N LYS G 136 -48.94 16.19 -30.38
CA LYS G 136 -49.73 17.08 -31.23
C LYS G 136 -49.53 18.58 -30.94
N MET G 137 -48.46 18.91 -30.20
CA MET G 137 -47.95 20.26 -30.16
C MET G 137 -47.01 20.35 -31.37
N PRO G 138 -46.83 21.56 -31.93
CA PRO G 138 -45.67 21.68 -32.81
C PRO G 138 -44.39 21.36 -32.03
N ALA G 139 -43.45 20.64 -32.68
CA ALA G 139 -42.22 20.20 -32.04
C ALA G 139 -41.55 21.30 -31.20
N GLU G 140 -41.41 22.49 -31.78
CA GLU G 140 -40.70 23.59 -31.14
C GLU G 140 -41.55 24.27 -30.06
N ASP G 141 -42.74 23.73 -29.81
CA ASP G 141 -43.62 24.18 -28.72
C ASP G 141 -43.67 23.12 -27.61
N ARG G 142 -43.10 21.95 -27.88
CA ARG G 142 -43.19 20.80 -26.99
C ARG G 142 -42.40 20.96 -25.69
N SER G 143 -41.23 21.59 -25.78
CA SER G 143 -40.36 21.78 -24.63
C SER G 143 -40.90 22.81 -23.66
N ASP G 144 -41.45 23.91 -24.17
CA ASP G 144 -42.07 24.89 -23.26
C ASP G 144 -43.42 24.40 -22.66
N LYS G 145 -44.14 23.56 -23.39
CA LYS G 145 -45.41 22.99 -22.87
C LYS G 145 -45.16 22.03 -21.70
N LEU G 146 -44.14 21.19 -21.80
CA LEU G 146 -43.76 20.34 -20.65
C LEU G 146 -43.20 21.14 -19.48
N ALA G 147 -42.56 22.26 -19.77
CA ALA G 147 -42.13 23.18 -18.71
C ALA G 147 -43.32 23.58 -17.82
N GLU G 148 -44.49 23.76 -18.45
CA GLU G 148 -45.74 24.07 -17.75
C GLU G 148 -46.26 22.89 -16.94
N ILE G 149 -46.47 21.76 -17.64
CA ILE G 149 -46.85 20.52 -16.94
C ILE G 149 -45.90 20.34 -15.74
N ASN G 150 -44.59 20.40 -15.99
CA ASN G 150 -43.58 20.23 -14.93
C ASN G 150 -43.85 20.98 -13.63
N VAL G 151 -44.31 22.23 -13.72
CA VAL G 151 -44.45 23.04 -12.50
C VAL G 151 -45.56 22.57 -11.55
N ALA G 152 -46.73 22.26 -12.10
CA ALA G 152 -47.89 21.77 -11.34
C ALA G 152 -47.58 20.42 -10.70
N GLU G 153 -46.91 19.55 -11.46
CA GLU G 153 -46.48 18.21 -10.96
C GLU G 153 -45.52 18.33 -9.79
N GLN G 154 -44.63 19.34 -9.82
CA GLN G 154 -43.73 19.67 -8.70
C GLN G 154 -44.42 20.33 -7.52
N VAL G 155 -45.48 21.09 -7.77
CA VAL G 155 -46.26 21.73 -6.69
C VAL G 155 -47.07 20.65 -5.99
N TYR G 156 -47.67 19.76 -6.78
CA TYR G 156 -48.38 18.58 -6.24
C TYR G 156 -47.46 17.70 -5.38
N ASN G 157 -46.24 17.48 -5.85
CA ASN G 157 -45.21 16.77 -5.10
C ASN G 157 -44.92 17.52 -3.81
N LEU G 158 -44.73 18.83 -3.90
CA LEU G 158 -44.48 19.67 -2.74
C LEU G 158 -45.61 19.57 -1.70
N ALA G 159 -46.86 19.54 -2.17
CA ALA G 159 -48.04 19.55 -1.32
C ALA G 159 -48.29 18.16 -0.70
N ASN G 160 -47.79 17.11 -1.35
CA ASN G 160 -47.92 15.74 -0.83
C ASN G 160 -46.75 15.27 0.03
N SER G 161 -45.79 16.15 0.23
CA SER G 161 -44.63 15.89 1.07
C SER G 161 -45.07 15.92 2.51
N THR G 162 -44.39 15.19 3.36
CA THR G 162 -44.76 15.21 4.78
C THR G 162 -44.56 16.61 5.36
N VAL G 163 -43.57 17.34 4.84
CA VAL G 163 -43.30 18.71 5.30
C VAL G 163 -44.55 19.58 5.17
N LEU G 164 -45.21 19.53 4.01
CA LEU G 164 -46.43 20.34 3.83
C LEU G 164 -47.65 19.75 4.51
N GLN G 165 -47.94 18.47 4.26
CA GLN G 165 -49.01 17.76 4.98
C GLN G 165 -48.99 18.03 6.49
N ASN G 166 -47.82 17.96 7.13
CA ASN G 166 -47.70 18.21 8.57
C ASN G 166 -48.07 19.62 9.01
N ALA G 167 -47.75 20.61 8.19
CA ALA G 167 -48.07 21.99 8.55
C ALA G 167 -49.59 22.22 8.50
N TRP G 168 -50.20 21.82 7.39
CA TRP G 168 -51.64 22.00 7.20
C TRP G 168 -52.51 21.23 8.20
N GLU G 169 -52.03 20.09 8.68
CA GLU G 169 -52.71 19.33 9.72
C GLU G 169 -52.80 20.09 11.06
N ARG G 170 -51.67 20.62 11.52
CA ARG G 170 -51.62 21.33 12.81
C ARG G 170 -52.02 22.79 12.65
N GLY G 171 -52.39 23.18 11.43
CA GLY G 171 -53.00 24.48 11.15
C GLY G 171 -52.04 25.62 10.89
N GLN G 172 -50.83 25.31 10.43
CA GLN G 172 -49.83 26.34 10.20
C GLN G 172 -50.09 27.10 8.91
N ALA G 173 -50.12 28.41 9.03
CA ALA G 173 -50.41 29.30 7.91
C ALA G 173 -49.32 29.10 6.85
N VAL G 174 -49.69 28.39 5.79
CA VAL G 174 -48.79 28.07 4.66
C VAL G 174 -49.61 27.79 3.40
N GLU G 175 -49.11 28.27 2.28
CA GLU G 175 -49.61 27.87 0.96
C GLU G 175 -48.44 27.67 0.00
N VAL G 176 -48.74 27.05 -1.13
CA VAL G 176 -47.74 26.66 -2.13
C VAL G 176 -48.16 27.23 -3.47
N HIS G 177 -47.19 27.63 -4.30
CA HIS G 177 -47.47 28.31 -5.57
C HIS G 177 -46.72 27.71 -6.77
N GLY G 178 -47.42 27.62 -7.91
CA GLY G 178 -46.78 27.34 -9.20
C GLY G 178 -46.75 28.52 -10.17
N PHE G 179 -45.55 28.95 -10.53
CA PHE G 179 -45.31 30.10 -11.44
C PHE G 179 -44.59 29.59 -12.70
N VAL G 180 -44.81 30.29 -13.82
CA VAL G 180 -44.09 30.03 -15.08
C VAL G 180 -44.04 31.30 -15.94
N TYR G 181 -42.89 31.55 -16.56
CA TYR G 181 -42.74 32.71 -17.44
C TYR G 181 -42.03 32.37 -18.75
N GLY G 182 -42.09 33.32 -19.69
CA GLY G 182 -41.36 33.24 -20.94
C GLY G 182 -40.21 34.23 -20.91
N ILE G 183 -39.15 33.91 -21.64
CA ILE G 183 -37.95 34.73 -21.61
C ILE G 183 -37.94 35.81 -22.72
N GLU G 184 -39.09 35.99 -23.38
CA GLU G 184 -39.30 37.11 -24.30
C GLU G 184 -39.85 38.33 -23.57
N ASP G 185 -40.70 38.11 -22.56
CA ASP G 185 -41.29 39.24 -21.82
C ASP G 185 -41.05 39.23 -20.32
N GLY G 186 -40.80 38.06 -19.75
CA GLY G 186 -40.54 37.95 -18.30
C GLY G 186 -41.80 38.01 -17.47
N ARG G 187 -42.93 37.64 -18.06
CA ARG G 187 -44.22 37.79 -17.40
C ARG G 187 -44.68 36.51 -16.70
N LEU G 188 -44.99 36.64 -15.42
CA LEU G 188 -45.44 35.50 -14.61
C LEU G 188 -46.86 35.05 -14.91
N GLU G 189 -47.07 33.74 -14.90
CA GLU G 189 -48.39 33.15 -15.11
C GLU G 189 -48.75 32.18 -13.98
N TYR G 190 -49.75 32.54 -13.19
CA TYR G 190 -50.18 31.75 -12.03
C TYR G 190 -50.88 30.46 -12.47
N LEU G 191 -50.27 29.33 -12.14
CA LEU G 191 -50.81 28.02 -12.45
C LEU G 191 -51.67 27.48 -11.29
N GLY G 192 -52.86 26.99 -11.63
CA GLY G 192 -53.79 26.42 -10.63
C GLY G 192 -54.55 27.47 -9.86
N VAL G 193 -55.01 27.11 -8.67
CA VAL G 193 -55.68 28.05 -7.77
C VAL G 193 -54.99 28.11 -6.41
N ARG G 194 -55.46 28.98 -5.54
CA ARG G 194 -54.99 29.06 -4.15
C ARG G 194 -55.05 27.68 -3.48
N CYS G 195 -53.96 27.29 -2.81
CA CYS G 195 -53.83 25.96 -2.20
C CYS G 195 -53.16 26.08 -0.83
N ALA G 196 -53.98 26.31 0.20
CA ALA G 196 -53.47 26.56 1.55
C ALA G 196 -53.98 25.56 2.57
N SER G 197 -54.49 24.43 2.09
CA SER G 197 -54.96 23.37 2.97
C SER G 197 -54.68 22.01 2.35
N ARG G 198 -54.67 20.97 3.19
CA ARG G 198 -54.56 19.59 2.72
C ARG G 198 -55.75 19.28 1.83
N SER G 199 -56.87 19.96 2.09
CA SER G 199 -58.11 19.85 1.31
C SER G 199 -58.11 20.65 0.00
N ALA G 200 -57.04 21.42 -0.23
CA ALA G 200 -56.92 22.24 -1.43
C ALA G 200 -56.02 21.58 -2.48
N VAL G 201 -55.10 20.73 -2.01
CA VAL G 201 -54.10 20.02 -2.85
C VAL G 201 -54.68 19.43 -4.14
N GLU G 202 -55.59 18.47 -4.01
CA GLU G 202 -56.19 17.83 -5.19
C GLU G 202 -56.80 18.88 -6.14
N ASP G 203 -57.66 19.74 -5.61
CA ASP G 203 -58.29 20.80 -6.42
C ASP G 203 -57.27 21.66 -7.17
N ASN G 204 -56.21 22.06 -6.46
CA ASN G 204 -55.10 22.82 -7.04
C ASN G 204 -54.60 22.14 -8.32
N TYR G 205 -54.25 20.86 -8.18
CA TYR G 205 -53.67 20.03 -9.24
C TYR G 205 -54.46 19.97 -10.54
N HIS G 206 -55.72 19.55 -10.48
CA HIS G 206 -56.51 19.40 -11.72
C HIS G 206 -56.89 20.74 -12.36
N LYS G 207 -57.23 21.73 -11.53
CA LYS G 207 -57.43 23.10 -12.03
C LYS G 207 -56.16 23.67 -12.66
N ALA G 208 -54.99 23.23 -12.17
CA ALA G 208 -53.71 23.53 -12.83
C ALA G 208 -53.58 22.86 -14.19
N LEU G 209 -53.79 21.54 -14.25
CA LEU G 209 -53.63 20.76 -15.48
C LEU G 209 -54.66 21.10 -16.57
N GLU G 210 -55.87 21.45 -16.13
CA GLU G 210 -56.93 21.91 -17.02
C GLU G 210 -56.48 23.10 -17.88
N LYS G 211 -55.85 24.07 -17.23
CA LYS G 211 -55.34 25.27 -17.88
C LYS G 211 -54.19 24.90 -18.83
N ILE G 212 -53.20 24.19 -18.29
CA ILE G 212 -52.04 23.69 -19.06
C ILE G 212 -52.44 22.85 -20.28
N LEU G 213 -53.12 21.72 -20.05
CA LEU G 213 -53.63 20.84 -21.12
C LEU G 213 -54.98 21.34 -21.64
N ASN G 214 -54.94 22.48 -22.33
CA ASN G 214 -56.12 23.14 -22.90
C ASN G 214 -56.41 22.62 -24.31
N PRO G 215 -57.70 22.62 -24.75
CA PRO G 215 -58.06 21.99 -26.04
C PRO G 215 -57.32 22.56 -27.24
N ASN G 216 -56.92 23.81 -27.14
CA ASN G 216 -56.29 24.52 -28.24
C ASN G 216 -54.82 24.13 -28.51
N HIS G 217 -54.18 23.51 -27.51
CA HIS G 217 -52.75 23.17 -27.58
C HIS G 217 -51.91 24.45 -27.53
N ARG G 218 -52.36 25.37 -26.68
CA ARG G 218 -51.78 26.70 -26.56
C ARG G 218 -50.86 26.80 -25.37
N LEU G 219 -49.62 27.22 -25.65
CA LEU G 219 -48.70 27.68 -24.62
C LEU G 219 -49.33 28.87 -23.92
N LEU G 220 -49.19 28.91 -22.59
CA LEU G 220 -49.78 29.99 -21.79
C LEU G 220 -49.02 31.32 -21.91
N CYS G 221 -47.68 31.26 -21.88
CA CYS G 221 -46.86 32.46 -21.73
C CYS G 221 -46.49 33.20 -23.02
N ARG G 222 -45.83 32.50 -23.95
CA ARG G 222 -45.40 33.11 -25.22
C ARG G 222 -46.40 32.80 -26.35
N MET H 1 -54.07 35.90 -1.52
CA MET H 1 -53.39 36.76 -0.54
C MET H 1 -52.87 38.05 -1.19
N PRO H 2 -53.07 39.21 -0.53
CA PRO H 2 -52.48 40.50 -0.89
C PRO H 2 -50.99 40.42 -1.15
N GLU H 3 -50.33 39.42 -0.57
CA GLU H 3 -48.94 39.10 -0.87
C GLU H 3 -48.76 38.81 -2.36
N ILE H 4 -49.56 37.88 -2.88
CA ILE H 4 -49.39 37.37 -4.23
C ILE H 4 -49.85 38.35 -5.32
N LYS H 5 -51.00 39.00 -5.12
CA LYS H 5 -51.50 40.02 -6.07
C LYS H 5 -50.39 41.01 -6.37
N GLN H 6 -49.76 41.48 -5.30
CA GLN H 6 -48.66 42.45 -5.32
C GLN H 6 -47.43 41.98 -6.12
N LEU H 7 -47.09 40.68 -6.02
CA LEU H 7 -45.94 40.14 -6.74
C LEU H 7 -46.12 40.21 -8.24
N PHE H 8 -47.34 39.94 -8.69
CA PHE H 8 -47.68 39.97 -10.11
C PHE H 8 -47.87 41.42 -10.57
N GLU H 9 -48.52 42.24 -9.73
CA GLU H 9 -48.58 43.68 -9.91
C GLU H 9 -47.17 44.26 -10.17
N ASN H 10 -46.23 43.95 -9.27
CA ASN H 10 -44.83 44.32 -9.44
C ASN H 10 -44.19 43.66 -10.68
N ASN H 11 -44.61 42.44 -11.00
CA ASN H 11 -44.08 41.74 -12.18
C ASN H 11 -44.52 42.40 -13.46
N SER H 12 -45.75 42.90 -13.47
CA SER H 12 -46.25 43.71 -14.58
C SER H 12 -45.46 45.02 -14.73
N LYS H 13 -45.39 45.82 -13.66
CA LYS H 13 -44.60 47.06 -13.67
C LYS H 13 -43.21 46.80 -14.25
N TRP H 14 -42.48 45.86 -13.64
CA TRP H 14 -41.12 45.54 -14.09
C TRP H 14 -41.10 45.09 -15.54
N SER H 15 -42.01 44.17 -15.88
CA SER H 15 -42.09 43.56 -17.20
C SER H 15 -42.36 44.57 -18.32
N ALA H 16 -43.44 45.33 -18.16
CA ALA H 16 -43.77 46.44 -19.07
C ALA H 16 -42.62 47.45 -19.23
N SER H 17 -42.02 47.82 -18.10
CA SER H 17 -41.02 48.87 -18.03
C SER H 17 -39.68 48.47 -18.68
N ILE H 18 -39.23 47.24 -18.43
CA ILE H 18 -37.97 46.75 -19.01
C ILE H 18 -38.05 46.49 -20.52
N LYS H 19 -39.19 45.97 -20.99
CA LYS H 19 -39.34 45.64 -22.41
C LYS H 19 -39.40 46.93 -23.25
N ALA H 20 -39.89 48.00 -22.64
CA ALA H 20 -39.93 49.31 -23.29
C ALA H 20 -38.53 49.91 -23.45
N GLU H 21 -37.81 50.06 -22.34
CA GLU H 21 -36.48 50.69 -22.37
C GLU H 21 -35.44 49.80 -23.04
N THR H 22 -35.48 48.50 -22.73
CA THR H 22 -34.40 47.56 -23.04
C THR H 22 -34.88 46.27 -23.73
N PRO H 23 -35.50 46.37 -24.92
CA PRO H 23 -36.01 45.25 -25.71
C PRO H 23 -34.99 44.12 -25.87
N GLU H 24 -33.75 44.52 -26.11
CA GLU H 24 -32.62 43.62 -26.31
C GLU H 24 -32.40 42.59 -25.20
N TYR H 25 -32.72 42.96 -23.97
CA TYR H 25 -32.57 42.11 -22.80
C TYR H 25 -33.31 40.79 -22.99
N PHE H 26 -34.62 40.88 -23.23
CA PHE H 26 -35.43 39.73 -23.58
C PHE H 26 -35.00 39.12 -24.91
N ALA H 27 -34.54 39.95 -25.84
CA ALA H 27 -34.00 39.47 -27.10
C ALA H 27 -32.79 38.55 -26.93
N LYS H 28 -31.84 38.93 -26.08
CA LYS H 28 -30.67 38.08 -25.88
C LYS H 28 -30.98 36.87 -24.99
N LEU H 29 -31.98 37.01 -24.12
CA LEU H 29 -32.37 35.92 -23.23
C LEU H 29 -33.12 34.77 -23.93
N ALA H 30 -33.94 35.12 -24.92
CA ALA H 30 -34.68 34.14 -25.72
C ALA H 30 -33.79 33.20 -26.54
N LYS H 31 -32.56 33.63 -26.79
CA LYS H 31 -31.60 32.88 -27.60
C LYS H 31 -30.83 31.80 -26.81
N GLY H 32 -31.22 31.60 -25.55
CA GLY H 32 -30.76 30.51 -24.69
C GLY H 32 -29.29 30.14 -24.76
N GLN H 33 -28.43 31.15 -24.66
CA GLN H 33 -26.99 30.94 -24.69
C GLN H 33 -26.44 30.54 -23.31
N ASN H 34 -25.42 29.68 -23.30
CA ASN H 34 -24.88 29.12 -22.06
C ASN H 34 -24.25 30.16 -21.12
N PRO H 35 -24.25 29.88 -19.79
CA PRO H 35 -23.54 30.75 -18.83
C PRO H 35 -22.06 30.40 -18.78
N ASP H 36 -21.28 31.22 -18.08
CA ASP H 36 -19.82 31.05 -17.97
C ASP H 36 -19.37 30.59 -16.60
N PHE H 37 -20.28 30.70 -15.64
CA PHE H 37 -20.01 30.52 -14.21
C PHE H 37 -21.08 29.62 -13.62
N LEU H 38 -20.70 28.75 -12.69
CA LEU H 38 -21.64 28.18 -11.73
C LEU H 38 -21.39 28.79 -10.35
N TRP H 39 -22.46 29.34 -9.80
CA TRP H 39 -22.49 29.92 -8.46
C TRP H 39 -23.22 28.99 -7.49
N ILE H 40 -22.48 28.40 -6.57
CA ILE H 40 -23.07 27.56 -5.53
C ILE H 40 -23.06 28.34 -4.22
N GLY H 41 -24.23 28.87 -3.87
CA GLY H 41 -24.36 29.69 -2.68
C GLY H 41 -25.43 29.14 -1.77
N CYS H 42 -25.76 29.93 -0.75
CA CYS H 42 -26.64 29.52 0.31
C CYS H 42 -28.09 29.85 0.01
N ALA H 43 -29.00 29.06 0.58
CA ALA H 43 -30.44 29.33 0.49
C ALA H 43 -30.84 30.68 1.08
N ASP H 44 -30.00 31.20 1.99
CA ASP H 44 -30.22 32.51 2.63
C ASP H 44 -30.13 33.64 1.60
N SER H 45 -29.24 33.48 0.60
CA SER H 45 -29.07 34.44 -0.52
C SER H 45 -29.05 35.94 -0.11
N ARG H 46 -28.41 36.26 1.03
CA ARG H 46 -28.43 37.60 1.63
C ARG H 46 -28.29 38.72 0.61
N VAL H 47 -27.18 38.73 -0.12
CA VAL H 47 -27.08 39.53 -1.34
C VAL H 47 -27.03 38.57 -2.53
N PRO H 48 -28.06 38.63 -3.41
CA PRO H 48 -28.13 37.75 -4.59
C PRO H 48 -26.87 37.79 -5.47
N ALA H 49 -26.38 36.63 -5.87
CA ALA H 49 -25.18 36.52 -6.71
C ALA H 49 -25.01 37.64 -7.75
N GLU H 50 -26.06 37.91 -8.54
CA GLU H 50 -26.06 38.92 -9.63
C GLU H 50 -25.57 40.31 -9.20
N ARG H 51 -25.94 40.71 -7.98
CA ARG H 51 -25.59 42.02 -7.43
C ARG H 51 -24.32 42.01 -6.60
N LEU H 52 -23.78 40.82 -6.33
CA LEU H 52 -22.44 40.67 -5.77
C LEU H 52 -21.41 40.62 -6.90
N THR H 53 -21.83 40.19 -8.09
CA THR H 53 -20.91 39.90 -9.19
C THR H 53 -20.92 40.94 -10.30
N GLY H 54 -22.07 41.58 -10.50
CA GLY H 54 -22.30 42.48 -11.63
C GLY H 54 -22.76 41.71 -12.87
N LEU H 55 -23.14 40.45 -12.68
CA LEU H 55 -23.61 39.60 -13.78
C LEU H 55 -25.15 39.52 -13.77
N TYR H 56 -25.78 40.30 -14.63
CA TYR H 56 -27.24 40.46 -14.61
C TYR H 56 -27.97 39.62 -15.65
N SER H 57 -27.29 39.29 -16.73
CA SER H 57 -27.94 38.70 -17.91
C SER H 57 -27.39 37.32 -18.31
N GLY H 58 -27.69 36.32 -17.49
CA GLY H 58 -27.47 34.91 -17.85
C GLY H 58 -26.05 34.34 -17.80
N GLU H 59 -25.09 35.11 -17.30
CA GLU H 59 -23.71 34.61 -17.18
C GLU H 59 -23.50 33.79 -15.90
N LEU H 60 -24.59 33.50 -15.21
CA LEU H 60 -24.53 32.75 -13.97
C LEU H 60 -25.32 31.47 -14.05
N PHE H 61 -24.76 30.41 -13.52
CA PHE H 61 -25.51 29.20 -13.20
C PHE H 61 -25.49 29.12 -11.68
N VAL H 62 -26.69 29.00 -11.08
CA VAL H 62 -26.86 29.11 -9.63
C VAL H 62 -27.47 27.83 -9.04
N HIS H 63 -26.82 27.31 -8.01
CA HIS H 63 -27.44 26.36 -7.11
C HIS H 63 -27.47 27.04 -5.77
N ARG H 64 -28.59 26.90 -5.07
CA ARG H 64 -28.60 27.27 -3.66
C ARG H 64 -29.14 26.11 -2.84
N ASN H 65 -28.46 25.85 -1.71
CA ASN H 65 -28.94 24.95 -0.68
C ASN H 65 -28.64 25.58 0.68
N VAL H 66 -28.99 24.87 1.75
CA VAL H 66 -28.68 25.36 3.10
C VAL H 66 -27.18 25.24 3.40
N ALA H 67 -26.57 26.40 3.67
CA ALA H 67 -25.14 26.53 3.96
C ALA H 67 -24.22 26.14 2.81
N ASN H 68 -24.69 26.37 1.58
CA ASN H 68 -23.87 26.20 0.38
C ASN H 68 -22.93 24.98 0.44
N GLN H 69 -23.49 23.86 0.85
CA GLN H 69 -22.72 22.62 0.89
C GLN H 69 -22.65 21.97 -0.49
N VAL H 70 -21.53 21.33 -0.74
CA VAL H 70 -21.40 20.36 -1.82
C VAL H 70 -21.09 19.06 -1.08
N ILE H 71 -22.12 18.42 -0.51
CA ILE H 71 -21.96 17.12 0.18
C ILE H 71 -21.58 16.02 -0.84
N HIS H 72 -20.59 15.18 -0.49
CA HIS H 72 -20.04 14.19 -1.44
C HIS H 72 -21.12 13.49 -2.27
N THR H 73 -22.20 13.11 -1.61
CA THR H 73 -23.25 12.31 -2.23
C THR H 73 -24.61 13.00 -2.25
N ASP H 74 -24.63 14.31 -2.40
CA ASP H 74 -25.91 14.98 -2.68
C ASP H 74 -26.10 15.10 -4.20
N LEU H 75 -26.86 14.17 -4.78
CA LEU H 75 -27.00 14.12 -6.24
C LEU H 75 -27.65 15.39 -6.82
N ASN H 76 -28.49 16.10 -6.05
CA ASN H 76 -29.04 17.41 -6.47
C ASN H 76 -27.97 18.43 -6.91
N CYS H 77 -27.06 18.77 -6.00
CA CYS H 77 -25.97 19.65 -6.37
C CYS H 77 -25.08 18.98 -7.42
N LEU H 78 -24.70 17.72 -7.19
CA LEU H 78 -23.79 17.02 -8.12
C LEU H 78 -24.36 17.00 -9.53
N SER H 79 -25.69 17.01 -9.63
CA SER H 79 -26.39 17.07 -10.92
C SER H 79 -26.18 18.44 -11.59
N VAL H 80 -26.53 19.51 -10.88
CA VAL H 80 -26.20 20.89 -11.29
C VAL H 80 -24.76 21.00 -11.85
N VAL H 81 -23.80 20.54 -11.05
CA VAL H 81 -22.36 20.59 -11.36
C VAL H 81 -21.97 19.83 -12.64
N GLN H 82 -22.46 18.60 -12.79
CA GLN H 82 -22.18 17.80 -14.01
C GLN H 82 -22.73 18.48 -15.26
N TYR H 83 -23.99 18.88 -15.20
CA TYR H 83 -24.59 19.65 -16.28
C TYR H 83 -23.72 20.90 -16.60
N ALA H 84 -23.51 21.77 -15.61
CA ALA H 84 -22.72 23.01 -15.79
C ALA H 84 -21.32 22.79 -16.39
N VAL H 85 -20.58 21.83 -15.82
CA VAL H 85 -19.20 21.57 -16.20
C VAL H 85 -19.04 20.77 -17.50
N ASP H 86 -19.77 19.66 -17.65
CA ASP H 86 -19.65 18.82 -18.85
C ASP H 86 -20.42 19.30 -20.06
N VAL H 87 -21.61 19.87 -19.83
CA VAL H 87 -22.55 20.16 -20.92
C VAL H 87 -22.55 21.63 -21.36
N LEU H 88 -22.95 22.54 -20.46
CA LEU H 88 -22.99 23.97 -20.79
C LEU H 88 -21.59 24.55 -20.97
N GLN H 89 -20.63 23.90 -20.31
CA GLN H 89 -19.18 24.21 -20.41
C GLN H 89 -18.67 25.38 -19.58
N VAL H 90 -19.32 25.65 -18.44
CA VAL H 90 -18.89 26.73 -17.55
C VAL H 90 -17.38 26.73 -17.37
N LYS H 91 -16.82 27.93 -17.28
CA LYS H 91 -15.38 28.14 -17.08
C LYS H 91 -15.03 28.02 -15.61
N HIS H 92 -15.92 28.52 -14.76
CA HIS H 92 -15.63 28.68 -13.35
C HIS H 92 -16.80 28.18 -12.51
N ILE H 93 -16.50 27.53 -11.40
CA ILE H 93 -17.51 27.27 -10.37
C ILE H 93 -17.15 28.10 -9.15
N ILE H 94 -18.15 28.78 -8.60
CA ILE H 94 -17.99 29.49 -7.35
C ILE H 94 -18.91 28.86 -6.32
N VAL H 95 -18.33 28.39 -5.23
CA VAL H 95 -19.09 28.12 -4.02
C VAL H 95 -18.94 29.38 -3.18
N CYS H 96 -20.06 30.04 -2.85
CA CYS H 96 -20.00 31.22 -2.00
C CYS H 96 -20.74 30.97 -0.70
N GLY H 97 -20.14 31.40 0.40
CA GLY H 97 -20.78 31.42 1.72
C GLY H 97 -20.86 32.83 2.26
N HIS H 98 -21.43 33.01 3.45
CA HIS H 98 -21.72 34.38 3.93
C HIS H 98 -21.91 34.44 5.44
N TYR H 99 -22.10 35.66 5.96
CA TYR H 99 -22.28 35.85 7.40
C TYR H 99 -23.75 35.91 7.81
N GLY H 100 -23.98 35.73 9.10
CA GLY H 100 -25.32 35.57 9.63
C GLY H 100 -26.01 34.32 9.09
N CYS H 101 -25.21 33.36 8.60
CA CYS H 101 -25.73 32.11 8.02
C CYS H 101 -26.36 31.26 9.12
N GLY H 102 -27.69 31.19 9.10
CA GLY H 102 -28.44 30.46 10.11
C GLY H 102 -27.96 29.04 10.27
N GLY H 103 -27.79 28.32 9.16
CA GLY H 103 -27.40 26.91 9.21
C GLY H 103 -26.05 26.65 9.86
N VAL H 104 -25.07 27.51 9.57
CA VAL H 104 -23.74 27.41 10.16
C VAL H 104 -23.87 27.57 11.68
N THR H 105 -24.69 28.54 12.09
CA THR H 105 -25.03 28.77 13.50
C THR H 105 -25.77 27.57 14.09
N ALA H 106 -26.86 27.13 13.45
CA ALA H 106 -27.65 25.99 13.90
C ALA H 106 -26.84 24.70 13.94
N ALA H 107 -25.70 24.68 13.26
CA ALA H 107 -24.78 23.54 13.29
C ALA H 107 -23.93 23.53 14.57
N ILE H 108 -23.49 24.72 15.00
CA ILE H 108 -22.76 24.91 16.26
C ILE H 108 -23.70 24.81 17.45
N ASP H 109 -24.70 25.70 17.49
CA ASP H 109 -25.69 25.74 18.56
C ASP H 109 -26.40 24.40 18.69
N ASN H 110 -26.54 23.72 17.54
CA ASN H 110 -27.03 22.36 17.44
C ASN H 110 -28.43 22.15 18.03
N PRO H 111 -29.34 23.14 17.85
CA PRO H 111 -30.66 23.01 18.45
C PRO H 111 -31.54 22.03 17.69
N GLN H 112 -32.70 21.69 18.26
CA GLN H 112 -33.66 20.79 17.62
C GLN H 112 -34.50 21.56 16.60
N LEU H 113 -34.34 21.24 15.33
CA LEU H 113 -35.06 21.93 14.26
C LEU H 113 -35.79 20.97 13.32
N GLY H 114 -35.66 19.68 13.57
CA GLY H 114 -36.28 18.65 12.74
C GLY H 114 -35.40 18.19 11.58
N LEU H 115 -36.05 17.86 10.46
CA LEU H 115 -35.44 17.23 9.28
C LEU H 115 -34.12 17.85 8.83
N ILE H 116 -34.04 19.18 8.90
CA ILE H 116 -32.82 19.93 8.56
C ILE H 116 -31.56 19.54 9.33
N ASN H 117 -31.70 19.11 10.59
CA ASN H 117 -30.56 18.68 11.40
C ASN H 117 -29.67 17.66 10.70
N ASN H 118 -30.29 16.78 9.91
CA ASN H 118 -29.56 15.74 9.20
C ASN H 118 -28.60 16.32 8.17
N TRP H 119 -29.11 17.21 7.33
CA TRP H 119 -28.30 18.03 6.41
C TRP H 119 -27.26 18.83 7.19
N LEU H 120 -27.70 19.47 8.27
CA LEU H 120 -26.82 20.28 9.12
C LEU H 120 -25.71 19.49 9.80
N LEU H 121 -25.91 18.16 9.94
CA LEU H 121 -24.85 17.27 10.44
C LEU H 121 -23.48 17.33 9.72
N HIS H 122 -23.46 17.51 8.40
CA HIS H 122 -22.18 17.57 7.66
C HIS H 122 -21.33 18.80 8.05
N ILE H 123 -22.00 19.94 8.24
CA ILE H 123 -21.34 21.13 8.76
C ILE H 123 -20.88 20.89 10.22
N ARG H 124 -21.71 20.23 11.02
CA ARG H 124 -21.35 19.96 12.42
C ARG H 124 -20.10 19.11 12.53
N ASP H 125 -19.93 18.16 11.60
CA ASP H 125 -18.69 17.40 11.52
C ASP H 125 -17.48 18.29 11.28
N TYR H 126 -17.69 19.40 10.59
CA TYR H 126 -16.64 20.40 10.45
C TYR H 126 -16.46 21.25 11.70
N TYR H 127 -17.55 21.45 12.46
CA TYR H 127 -17.47 22.11 13.77
C TYR H 127 -16.73 21.26 14.81
N LEU H 128 -16.97 19.95 14.78
CA LEU H 128 -16.21 19.04 15.64
C LEU H 128 -14.74 19.01 15.20
N LYS H 129 -14.52 18.88 13.90
CA LYS H 129 -13.19 18.80 13.29
C LYS H 129 -12.28 20.00 13.56
N HIS H 130 -12.86 21.21 13.53
CA HIS H 130 -12.08 22.45 13.71
C HIS H 130 -12.28 23.06 15.10
N ARG H 131 -12.85 22.27 16.02
CA ARG H 131 -13.27 22.78 17.34
C ARG H 131 -12.15 23.45 18.14
N GLU H 132 -10.94 22.90 18.05
CA GLU H 132 -9.77 23.43 18.76
C GLU H 132 -9.48 24.87 18.35
N TYR H 133 -9.44 25.12 17.04
CA TYR H 133 -9.21 26.45 16.50
C TYR H 133 -10.35 27.41 16.84
N LEU H 134 -11.59 26.99 16.60
CA LEU H 134 -12.79 27.82 16.84
C LEU H 134 -12.99 28.24 18.31
N ASP H 135 -12.46 27.45 19.23
CA ASP H 135 -12.56 27.74 20.67
C ASP H 135 -11.69 28.92 21.14
N LYS H 136 -11.06 29.60 20.19
CA LYS H 136 -10.26 30.79 20.47
C LYS H 136 -10.84 32.03 19.78
N MET H 137 -12.17 32.05 19.62
CA MET H 137 -12.90 33.19 19.08
C MET H 137 -13.90 33.71 20.12
N PRO H 138 -14.21 35.02 20.09
CA PRO H 138 -15.37 35.47 20.86
C PRO H 138 -16.65 34.80 20.34
N ALA H 139 -17.65 34.66 21.22
CA ALA H 139 -18.84 33.87 20.94
C ALA H 139 -19.61 34.21 19.64
N GLU H 140 -19.33 35.38 19.07
CA GLU H 140 -20.06 35.87 17.89
C GLU H 140 -19.15 36.00 16.67
N ASP H 141 -17.94 35.46 16.78
CA ASP H 141 -17.00 35.38 15.67
C ASP H 141 -16.80 33.91 15.26
N ARG H 142 -17.37 33.00 16.05
CA ARG H 142 -17.21 31.56 15.85
C ARG H 142 -17.93 31.06 14.58
N SER H 143 -19.21 31.41 14.43
CA SER H 143 -19.99 31.01 13.25
C SER H 143 -19.45 31.59 11.96
N ASP H 144 -18.95 32.82 12.04
CA ASP H 144 -18.36 33.48 10.88
C ASP H 144 -17.03 32.83 10.49
N LYS H 145 -16.30 32.31 11.47
CA LYS H 145 -15.11 31.51 11.17
C LYS H 145 -15.50 30.15 10.59
N LEU H 146 -16.59 29.55 11.09
CA LEU H 146 -17.13 28.32 10.51
C LEU H 146 -17.81 28.57 9.16
N ALA H 147 -18.29 29.80 8.95
CA ALA H 147 -18.76 30.23 7.63
C ALA H 147 -17.62 30.15 6.61
N GLU H 148 -16.43 30.60 7.03
CA GLU H 148 -15.22 30.56 6.18
C GLU H 148 -14.69 29.15 5.99
N ILE H 149 -14.46 28.46 7.12
CA ILE H 149 -14.00 27.07 7.18
C ILE H 149 -14.83 26.17 6.27
N ASN H 150 -16.14 26.32 6.40
CA ASN H 150 -17.10 25.61 5.58
C ASN H 150 -16.81 25.81 4.08
N VAL H 151 -16.69 27.07 3.64
CA VAL H 151 -16.51 27.32 2.21
C VAL H 151 -15.35 26.51 1.65
N ALA H 152 -14.20 26.57 2.31
CA ALA H 152 -13.01 25.86 1.83
C ALA H 152 -13.23 24.35 1.81
N GLU H 153 -13.99 23.85 2.79
CA GLU H 153 -14.29 22.41 2.86
C GLU H 153 -15.13 21.96 1.66
N GLN H 154 -16.13 22.78 1.31
CA GLN H 154 -17.09 22.46 0.25
C GLN H 154 -16.47 22.65 -1.13
N VAL H 155 -15.44 23.48 -1.22
CA VAL H 155 -14.67 23.61 -2.46
C VAL H 155 -13.77 22.39 -2.62
N TYR H 156 -13.25 21.89 -1.50
CA TYR H 156 -12.52 20.60 -1.42
C TYR H 156 -13.39 19.41 -1.84
N ASN H 157 -14.64 19.35 -1.38
CA ASN H 157 -15.60 18.35 -1.90
C ASN H 157 -15.85 18.43 -3.40
N LEU H 158 -16.02 19.66 -3.89
CA LEU H 158 -16.32 19.87 -5.30
C LEU H 158 -15.08 19.52 -6.14
N ALA H 159 -13.90 19.82 -5.61
CA ALA H 159 -12.62 19.52 -6.28
C ALA H 159 -12.27 18.04 -6.24
N ASN H 160 -12.70 17.37 -5.18
CA ASN H 160 -12.47 15.93 -5.03
C ASN H 160 -13.58 15.05 -5.64
N SER H 161 -14.59 15.66 -6.25
CA SER H 161 -15.68 14.92 -6.90
C SER H 161 -15.23 14.37 -8.26
N THR H 162 -15.78 13.24 -8.69
CA THR H 162 -15.46 12.68 -10.00
C THR H 162 -15.74 13.70 -11.10
N VAL H 163 -16.89 14.39 -10.99
CA VAL H 163 -17.33 15.38 -11.99
C VAL H 163 -16.22 16.37 -12.35
N LEU H 164 -15.46 16.82 -11.36
CA LEU H 164 -14.36 17.75 -11.62
C LEU H 164 -13.06 17.02 -11.92
N GLN H 165 -12.79 15.98 -11.14
CA GLN H 165 -11.63 15.10 -11.35
C GLN H 165 -11.51 14.66 -12.81
N ASN H 166 -12.67 14.28 -13.38
CA ASN H 166 -12.78 13.82 -14.76
C ASN H 166 -12.70 14.93 -15.79
N ALA H 167 -13.29 16.07 -15.45
CA ALA H 167 -13.22 17.27 -16.28
C ALA H 167 -11.78 17.65 -16.54
N TRP H 168 -11.00 17.78 -15.46
CA TRP H 168 -9.57 18.08 -15.56
C TRP H 168 -8.82 17.02 -16.39
N GLU H 169 -8.86 15.77 -15.94
CA GLU H 169 -8.13 14.66 -16.59
C GLU H 169 -8.29 14.56 -18.11
N ARG H 170 -9.50 14.86 -18.61
CA ARG H 170 -9.78 14.72 -20.04
C ARG H 170 -9.34 15.95 -20.85
N GLY H 171 -8.80 16.96 -20.16
CA GLY H 171 -8.39 18.21 -20.78
C GLY H 171 -9.52 19.21 -20.92
N GLN H 172 -10.04 19.68 -19.78
CA GLN H 172 -11.00 20.78 -19.81
C GLN H 172 -10.57 21.90 -18.88
N ALA H 173 -10.77 23.13 -19.34
CA ALA H 173 -10.48 24.33 -18.55
C ALA H 173 -11.63 24.64 -17.58
N VAL H 174 -11.48 24.18 -16.35
CA VAL H 174 -12.42 24.47 -15.26
CA VAL H 174 -12.41 24.49 -15.27
C VAL H 174 -11.66 24.90 -14.00
N GLU H 175 -12.22 25.87 -13.31
CA GLU H 175 -11.56 26.43 -12.15
C GLU H 175 -12.51 26.36 -10.98
N VAL H 176 -11.97 26.13 -9.78
CA VAL H 176 -12.83 26.19 -8.62
C VAL H 176 -12.42 27.31 -7.67
N HIS H 177 -13.42 28.05 -7.26
CA HIS H 177 -13.25 29.21 -6.41
C HIS H 177 -14.21 29.10 -5.23
N GLY H 178 -13.78 29.64 -4.09
CA GLY H 178 -14.67 29.78 -2.92
C GLY H 178 -14.57 31.16 -2.28
N PHE H 179 -15.70 31.87 -2.20
CA PHE H 179 -15.76 33.22 -1.63
C PHE H 179 -16.60 33.29 -0.34
N VAL H 180 -16.27 34.25 0.53
CA VAL H 180 -17.12 34.61 1.67
C VAL H 180 -17.26 36.13 1.82
N TYR H 181 -18.49 36.60 2.07
CA TYR H 181 -18.68 38.02 2.30
C TYR H 181 -19.41 38.32 3.61
N GLY H 182 -19.11 39.50 4.16
CA GLY H 182 -19.78 39.97 5.35
C GLY H 182 -20.95 40.88 5.03
N ILE H 183 -21.93 40.90 5.93
CA ILE H 183 -23.15 41.72 5.86
C ILE H 183 -22.92 43.24 5.82
N GLU H 184 -21.82 43.70 6.43
CA GLU H 184 -21.51 45.14 6.54
C GLU H 184 -21.41 45.89 5.22
N ASP H 185 -21.18 45.16 4.12
CA ASP H 185 -20.80 45.79 2.85
C ASP H 185 -21.02 44.91 1.62
N GLY H 186 -21.24 43.61 1.83
CA GLY H 186 -21.34 42.65 0.73
C GLY H 186 -20.06 42.51 -0.08
N ARG H 187 -18.92 42.71 0.59
CA ARG H 187 -17.60 42.61 -0.04
C ARG H 187 -16.99 41.20 0.08
N LEU H 188 -16.60 40.64 -1.06
CA LEU H 188 -16.11 39.26 -1.17
C LEU H 188 -14.61 39.16 -0.86
N GLU H 189 -14.22 38.06 -0.22
CA GLU H 189 -12.81 37.70 -0.04
C GLU H 189 -12.58 36.32 -0.66
N TYR H 190 -11.67 36.27 -1.62
CA TYR H 190 -11.28 35.06 -2.33
C TYR H 190 -10.52 34.15 -1.37
N LEU H 191 -10.99 32.92 -1.21
CA LEU H 191 -10.38 32.00 -0.24
C LEU H 191 -9.43 31.04 -0.91
N GLY H 192 -8.22 30.95 -0.36
CA GLY H 192 -7.15 30.17 -0.99
C GLY H 192 -6.64 30.84 -2.26
N VAL H 193 -6.11 30.01 -3.17
CA VAL H 193 -5.59 30.47 -4.47
C VAL H 193 -6.29 29.73 -5.60
N ARG H 194 -6.17 30.25 -6.83
CA ARG H 194 -6.76 29.65 -8.03
C ARG H 194 -6.60 28.12 -8.08
N CYS H 195 -7.72 27.40 -8.22
CA CYS H 195 -7.70 25.94 -8.34
C CYS H 195 -8.22 25.50 -9.70
N ALA H 196 -7.30 25.08 -10.57
CA ALA H 196 -7.63 24.77 -11.96
C ALA H 196 -6.98 23.48 -12.47
N SER H 197 -6.43 22.69 -11.53
CA SER H 197 -5.86 21.37 -11.84
C SER H 197 -5.96 20.44 -10.63
N ARG H 198 -5.64 19.16 -10.84
CA ARG H 198 -5.69 18.18 -9.75
C ARG H 198 -4.60 18.41 -8.70
N SER H 199 -3.37 18.69 -9.14
CA SER H 199 -2.25 19.00 -8.23
C SER H 199 -2.57 20.23 -7.36
N ALA H 200 -3.46 21.07 -7.88
CA ALA H 200 -3.85 22.30 -7.23
C ALA H 200 -4.78 22.09 -6.03
N VAL H 201 -5.53 20.98 -6.03
CA VAL H 201 -6.56 20.73 -5.00
C VAL H 201 -6.02 20.71 -3.57
N GLU H 202 -5.08 19.81 -3.26
CA GLU H 202 -4.46 19.79 -1.94
C GLU H 202 -3.86 21.16 -1.60
N ASP H 203 -3.08 21.68 -2.55
CA ASP H 203 -2.47 23.00 -2.42
C ASP H 203 -3.49 24.07 -2.04
N ASN H 204 -4.47 24.33 -2.91
CA ASN H 204 -5.57 25.27 -2.65
C ASN H 204 -6.26 25.03 -1.30
N TYR H 205 -6.49 23.76 -0.96
CA TYR H 205 -7.16 23.39 0.28
C TYR H 205 -6.47 23.98 1.53
N HIS H 206 -5.18 23.70 1.68
CA HIS H 206 -4.42 24.24 2.80
C HIS H 206 -4.12 25.73 2.64
N LYS H 207 -3.88 26.19 1.40
CA LYS H 207 -3.67 27.62 1.15
C LYS H 207 -4.87 28.41 1.65
N ALA H 208 -6.07 27.84 1.46
CA ALA H 208 -7.29 28.43 2.00
C ALA H 208 -7.30 28.27 3.51
N LEU H 209 -6.92 27.08 3.98
CA LEU H 209 -6.93 26.77 5.39
C LEU H 209 -5.90 27.62 6.12
N GLU H 210 -4.72 27.76 5.53
CA GLU H 210 -3.67 28.63 6.08
C GLU H 210 -4.21 30.03 6.34
N LYS H 211 -4.81 30.63 5.30
CA LYS H 211 -5.30 32.01 5.40
C LYS H 211 -6.49 32.13 6.35
N ILE H 212 -7.36 31.12 6.36
CA ILE H 212 -8.51 31.09 7.26
C ILE H 212 -8.12 30.65 8.68
N LEU H 213 -7.33 29.59 8.78
CA LEU H 213 -6.83 29.13 10.08
C LEU H 213 -5.50 29.80 10.45
N ASN H 214 -5.50 31.13 10.45
CA ASN H 214 -4.33 31.92 10.86
C ASN H 214 -4.13 31.88 12.38
N PRO H 215 -2.87 31.92 12.84
CA PRO H 215 -2.56 31.95 14.28
C PRO H 215 -3.13 33.17 15.01
N ASN H 216 -3.53 34.19 14.25
CA ASN H 216 -4.06 35.43 14.79
C ASN H 216 -5.52 35.33 15.25
N HIS H 217 -6.21 34.28 14.79
CA HIS H 217 -7.64 34.06 15.04
C HIS H 217 -8.49 35.26 14.65
N ARG H 218 -8.19 35.83 13.48
CA ARG H 218 -8.91 37.00 12.99
C ARG H 218 -9.76 36.65 11.78
N LEU H 219 -10.95 37.25 11.74
CA LEU H 219 -11.91 37.05 10.65
C LEU H 219 -11.49 37.84 9.43
N LEU H 220 -11.77 37.29 8.25
CA LEU H 220 -11.32 37.91 7.00
C LEU H 220 -12.15 39.14 6.62
N CYS H 221 -13.46 39.08 6.83
CA CYS H 221 -14.37 40.17 6.45
C CYS H 221 -14.74 41.13 7.60
N ARG H 222 -14.08 40.99 8.75
CA ARG H 222 -14.17 41.96 9.85
C ARG H 222 -13.03 41.77 10.86
ZN ZN I . 30.55 7.75 9.31
C BCT J . 33.31 11.47 2.75
O1 BCT J . 32.61 11.77 1.65
O2 BCT J . 32.82 11.71 3.90
O3 BCT J . 34.47 10.95 2.59
ZN ZN K . 28.02 1.97 -13.29
C BCT L . 24.77 7.99 -9.00
O1 BCT L . 24.82 9.23 -8.51
O2 BCT L . 24.53 7.04 -8.19
O3 BCT L . 24.99 7.82 -10.25
ZN ZN M . -17.92 -4.75 2.35
C BCT N . -23.27 -8.91 6.80
O1 BCT N . -23.83 -7.78 7.00
O2 BCT N . -22.05 -9.03 6.45
O3 BCT N . -24.01 -10.00 6.93
ZN ZN O . -41.17 -5.69 1.39
C BCT P . -35.56 -10.94 -1.20
O1 BCT P . -35.35 -10.04 -2.08
O2 BCT P . -34.62 -11.69 -0.75
O3 BCT P . -36.79 -11.07 -0.72
ZN ZN Q . 20.10 -29.78 3.12
C BCT R . 25.91 -34.68 2.32
O1 BCT R . 26.51 -33.72 1.76
O2 BCT R . 24.63 -34.79 2.26
O3 BCT R . 26.63 -35.57 2.98
ZN ZN S . 42.32 -26.96 9.42
C BCT T . 36.38 -31.57 12.87
O1 BCT T . 36.00 -30.39 13.15
O2 BCT T . 37.61 -31.87 12.66
O3 BCT T . 35.45 -32.52 12.75
ZN ZN U . -34.34 25.75 -16.64
ZN ZN V . -26.51 30.97 4.77
#